data_5L85
#
_entry.id   5L85
#
loop_
_entity.id
_entity.type
_entity.pdbx_description
1 polymer 'Zinc finger HIT domain-containing protein 3'
2 polymer 'Nuclear fragile X mental retardation-interacting protein 1'
#
loop_
_entity_poly.entity_id
_entity_poly.type
_entity_poly.pdbx_seq_one_letter_code
_entity_poly.pdbx_strand_id
1 'polypeptide(L)' GPHMDRVSLQNLKNLGESATLRSLLLNPHLRQLMVNLDQGEDKAKLMRAYMQEPLFVEFADCCLGIVEPSQNEES A
2 'polypeptide(L)' DIRHERNVILQCVRYIIKKDFFGLDTNSAKSKDV B
#
# COMPACT_ATOMS: atom_id res chain seq x y z
N GLY A 1 -0.54 -2.71 -20.36
CA GLY A 1 0.04 -1.88 -19.29
C GLY A 1 -0.56 -2.18 -17.94
N PRO A 2 -0.13 -1.46 -16.88
CA PRO A 2 -0.62 -1.68 -15.52
C PRO A 2 -2.04 -1.15 -15.32
N HIS A 3 -2.99 -1.77 -16.01
CA HIS A 3 -4.38 -1.38 -15.91
C HIS A 3 -5.05 -2.17 -14.79
N MET A 4 -4.97 -3.49 -14.87
CA MET A 4 -5.56 -4.34 -13.84
C MET A 4 -4.55 -4.58 -12.72
N ASP A 5 -3.43 -3.86 -12.77
CA ASP A 5 -2.47 -3.86 -11.68
C ASP A 5 -2.97 -2.94 -10.57
N ARG A 6 -3.97 -2.15 -10.89
CA ARG A 6 -4.60 -1.27 -9.93
C ARG A 6 -5.75 -1.97 -9.25
N VAL A 7 -5.80 -1.88 -7.94
CA VAL A 7 -6.75 -2.63 -7.13
C VAL A 7 -8.06 -1.85 -6.96
N SER A 8 -9.17 -2.57 -6.96
CA SER A 8 -10.47 -1.96 -6.73
C SER A 8 -10.64 -1.65 -5.25
N LEU A 9 -11.30 -0.52 -4.97
CA LEU A 9 -11.43 0.03 -3.63
C LEU A 9 -12.04 -0.96 -2.65
N GLN A 10 -12.92 -1.83 -3.13
CA GLN A 10 -13.50 -2.88 -2.30
C GLN A 10 -12.41 -3.70 -1.62
N ASN A 11 -11.46 -4.16 -2.41
CA ASN A 11 -10.36 -4.99 -1.94
C ASN A 11 -9.50 -4.20 -0.95
N LEU A 12 -9.34 -2.91 -1.22
CA LEU A 12 -8.52 -2.05 -0.39
C LEU A 12 -9.21 -1.77 0.94
N LYS A 13 -10.53 -1.59 0.89
CA LYS A 13 -11.31 -1.33 2.09
C LYS A 13 -11.33 -2.56 3.00
N ASN A 14 -11.16 -3.73 2.39
CA ASN A 14 -11.15 -4.99 3.13
C ASN A 14 -9.87 -5.10 3.97
N LEU A 15 -8.87 -4.30 3.65
CA LEU A 15 -7.62 -4.29 4.39
C LEU A 15 -7.85 -3.81 5.82
N GLY A 16 -8.58 -2.71 5.95
CA GLY A 16 -8.88 -2.15 7.25
C GLY A 16 -9.79 -3.05 8.07
N GLU A 17 -10.50 -3.95 7.40
CA GLU A 17 -11.40 -4.87 8.07
C GLU A 17 -10.64 -6.10 8.58
N SER A 18 -9.51 -6.37 7.95
CA SER A 18 -8.67 -7.49 8.32
C SER A 18 -7.99 -7.21 9.64
N ALA A 19 -8.35 -8.02 10.65
CA ALA A 19 -7.80 -7.88 11.99
C ALA A 19 -6.28 -8.02 11.99
N THR A 20 -5.77 -8.79 11.05
CA THR A 20 -4.33 -9.00 10.96
C THR A 20 -3.64 -7.77 10.42
N LEU A 21 -4.19 -7.18 9.36
CA LEU A 21 -3.53 -6.09 8.67
C LEU A 21 -3.60 -4.81 9.49
N ARG A 22 -4.77 -4.52 10.04
CA ARG A 22 -4.95 -3.32 10.87
C ARG A 22 -3.97 -3.33 12.03
N SER A 23 -3.63 -4.51 12.53
CA SER A 23 -2.71 -4.64 13.65
C SER A 23 -1.30 -4.25 13.25
N LEU A 24 -1.03 -4.22 11.96
CA LEU A 24 0.28 -3.83 11.45
C LEU A 24 0.43 -2.32 11.50
N LEU A 25 -0.69 -1.64 11.27
CA LEU A 25 -0.74 -0.18 11.31
C LEU A 25 -0.40 0.36 12.70
N LEU A 26 -0.49 -0.52 13.69
CA LEU A 26 -0.18 -0.18 15.07
C LEU A 26 1.32 0.08 15.26
N ASN A 27 2.12 -0.25 14.24
CA ASN A 27 3.55 -0.02 14.29
C ASN A 27 3.87 1.40 13.81
N PRO A 28 4.47 2.23 14.68
CA PRO A 28 4.84 3.61 14.35
C PRO A 28 5.85 3.69 13.21
N HIS A 29 6.65 2.66 13.05
CA HIS A 29 7.61 2.60 11.95
C HIS A 29 6.90 2.28 10.65
N LEU A 30 6.03 1.27 10.69
CA LEU A 30 5.33 0.79 9.51
C LEU A 30 4.44 1.90 8.94
N ARG A 31 3.76 2.62 9.83
CA ARG A 31 2.88 3.70 9.40
C ARG A 31 3.69 4.86 8.81
N GLN A 32 4.92 5.04 9.30
CA GLN A 32 5.81 6.06 8.75
C GLN A 32 6.28 5.64 7.36
N LEU A 33 6.55 4.36 7.19
CA LEU A 33 6.89 3.83 5.88
C LEU A 33 5.78 4.13 4.89
N MET A 34 4.56 3.79 5.27
CA MET A 34 3.38 4.03 4.45
C MET A 34 3.30 5.47 3.98
N VAL A 35 3.29 6.41 4.93
CA VAL A 35 3.13 7.82 4.58
C VAL A 35 4.31 8.33 3.75
N ASN A 36 5.51 7.86 4.02
CA ASN A 36 6.70 8.27 3.27
C ASN A 36 6.59 7.80 1.82
N LEU A 37 6.24 6.54 1.64
CA LEU A 37 6.13 5.94 0.30
C LEU A 37 5.07 6.68 -0.52
N ASP A 38 3.96 7.03 0.11
CA ASP A 38 2.85 7.70 -0.57
C ASP A 38 3.25 9.09 -1.05
N GLN A 39 3.99 9.82 -0.20
CA GLN A 39 4.41 11.17 -0.54
C GLN A 39 5.33 11.16 -1.74
N GLY A 40 6.03 10.05 -1.88
CA GLY A 40 6.77 9.79 -3.09
C GLY A 40 8.04 10.59 -3.21
N GLU A 41 8.68 10.89 -2.09
CA GLU A 41 9.95 11.62 -2.08
C GLU A 41 10.93 10.95 -3.04
N ASP A 42 10.97 9.63 -2.99
CA ASP A 42 11.69 8.83 -3.95
C ASP A 42 11.19 7.40 -3.88
N LYS A 43 9.98 7.20 -4.39
CA LYS A 43 9.34 5.90 -4.42
C LYS A 43 10.25 4.86 -5.10
N ALA A 44 11.13 5.34 -5.97
CA ALA A 44 12.04 4.46 -6.69
C ALA A 44 12.90 3.64 -5.74
N LYS A 45 13.60 4.31 -4.84
CA LYS A 45 14.47 3.61 -3.89
C LYS A 45 13.68 3.13 -2.68
N LEU A 46 12.58 3.81 -2.36
CA LEU A 46 11.75 3.41 -1.22
C LEU A 46 11.19 2.01 -1.45
N MET A 47 10.71 1.74 -2.66
CA MET A 47 10.13 0.42 -2.97
C MET A 47 11.15 -0.69 -2.72
N ARG A 48 12.42 -0.38 -2.83
CA ARG A 48 13.48 -1.34 -2.57
C ARG A 48 13.80 -1.38 -1.07
N ALA A 49 14.00 -0.21 -0.49
CA ALA A 49 14.39 -0.09 0.91
C ALA A 49 13.27 -0.53 1.86
N TYR A 50 12.06 -0.62 1.36
CA TYR A 50 10.92 -1.03 2.19
C TYR A 50 10.75 -2.54 2.22
N MET A 51 11.25 -3.21 1.19
CA MET A 51 11.08 -4.66 1.08
C MET A 51 12.14 -5.41 1.88
N GLN A 52 13.01 -4.65 2.53
CA GLN A 52 14.07 -5.24 3.34
C GLN A 52 13.72 -5.17 4.83
N GLU A 53 12.74 -4.33 5.17
CA GLU A 53 12.32 -4.19 6.55
C GLU A 53 11.15 -5.12 6.80
N PRO A 54 11.32 -6.09 7.73
CA PRO A 54 10.33 -7.14 7.96
C PRO A 54 8.95 -6.60 8.28
N LEU A 55 8.90 -5.38 8.80
CA LEU A 55 7.64 -4.77 9.18
C LEU A 55 6.78 -4.49 7.96
N PHE A 56 7.41 -3.94 6.92
CA PHE A 56 6.69 -3.57 5.71
C PHE A 56 6.41 -4.83 4.89
N VAL A 57 7.30 -5.81 5.03
CA VAL A 57 7.12 -7.09 4.36
C VAL A 57 5.86 -7.78 4.87
N GLU A 58 5.65 -7.74 6.17
CA GLU A 58 4.45 -8.31 6.77
C GLU A 58 3.21 -7.63 6.21
N PHE A 59 3.25 -6.30 6.18
CA PHE A 59 2.14 -5.50 5.66
C PHE A 59 1.85 -5.85 4.22
N ALA A 60 2.90 -5.91 3.41
CA ALA A 60 2.76 -6.20 2.00
C ALA A 60 2.18 -7.60 1.78
N ASP A 61 2.71 -8.58 2.48
CA ASP A 61 2.29 -9.96 2.30
C ASP A 61 0.86 -10.15 2.78
N CYS A 62 0.46 -9.32 3.74
CA CYS A 62 -0.89 -9.38 4.30
C CYS A 62 -1.90 -8.78 3.34
N CYS A 63 -1.58 -7.63 2.75
CA CYS A 63 -2.53 -6.95 1.88
C CYS A 63 -2.73 -7.72 0.59
N LEU A 64 -1.69 -8.43 0.15
CA LEU A 64 -1.75 -9.20 -1.08
C LEU A 64 -2.87 -10.24 -1.02
N GLY A 65 -2.91 -11.00 0.08
CA GLY A 65 -3.92 -12.04 0.21
C GLY A 65 -5.32 -11.50 0.24
N ILE A 66 -5.46 -10.23 0.59
CA ILE A 66 -6.76 -9.59 0.71
C ILE A 66 -7.19 -8.95 -0.60
N VAL A 67 -6.23 -8.44 -1.37
CA VAL A 67 -6.55 -7.70 -2.59
C VAL A 67 -6.36 -8.53 -3.86
N GLU A 68 -5.62 -9.62 -3.76
CA GLU A 68 -5.35 -10.45 -4.94
C GLU A 68 -6.49 -11.44 -5.18
N PRO A 69 -7.19 -11.27 -6.30
CA PRO A 69 -8.18 -12.24 -6.75
C PRO A 69 -7.49 -13.39 -7.50
N SER A 70 -6.21 -13.19 -7.74
CA SER A 70 -5.38 -14.14 -8.44
C SER A 70 -5.23 -15.43 -7.63
N GLN A 71 -5.75 -16.52 -8.15
CA GLN A 71 -5.64 -17.81 -7.48
C GLN A 71 -4.21 -18.34 -7.60
N ASN A 72 -3.88 -19.31 -6.76
CA ASN A 72 -2.54 -19.89 -6.74
C ASN A 72 -2.43 -21.00 -7.76
N GLU A 73 -2.54 -20.57 -9.01
CA GLU A 73 -2.47 -21.45 -10.17
C GLU A 73 -3.41 -22.64 -10.07
N GLU A 74 -2.89 -23.75 -9.59
CA GLU A 74 -3.66 -24.98 -9.52
C GLU A 74 -3.61 -25.59 -8.11
N SER A 75 -3.41 -24.73 -7.12
CA SER A 75 -3.36 -25.18 -5.73
C SER A 75 -4.77 -25.50 -5.24
N ASP B 1 3.97 -11.66 -8.46
CA ASP B 1 5.11 -10.99 -9.14
C ASP B 1 5.36 -9.63 -8.49
N ILE B 2 6.61 -9.39 -8.13
CA ILE B 2 6.98 -8.21 -7.36
C ILE B 2 6.70 -6.92 -8.12
N ARG B 3 6.80 -6.95 -9.44
CA ARG B 3 6.50 -5.78 -10.26
C ARG B 3 5.06 -5.36 -10.04
N HIS B 4 4.19 -6.35 -9.96
CA HIS B 4 2.78 -6.14 -9.70
C HIS B 4 2.55 -5.82 -8.22
N GLU B 5 3.12 -6.65 -7.35
CA GLU B 5 2.89 -6.55 -5.91
C GLU B 5 3.26 -5.18 -5.36
N ARG B 6 4.44 -4.68 -5.70
CA ARG B 6 4.90 -3.40 -5.17
C ARG B 6 3.96 -2.26 -5.53
N ASN B 7 3.37 -2.31 -6.71
CA ASN B 7 2.47 -1.26 -7.16
C ASN B 7 1.14 -1.43 -6.46
N VAL B 8 0.81 -2.67 -6.16
CA VAL B 8 -0.40 -3.01 -5.42
C VAL B 8 -0.33 -2.43 -4.01
N ILE B 9 0.87 -2.41 -3.44
CA ILE B 9 1.10 -1.84 -2.13
C ILE B 9 0.75 -0.35 -2.13
N LEU B 10 1.04 0.30 -3.25
CA LEU B 10 0.76 1.73 -3.40
C LEU B 10 -0.73 2.01 -3.26
N GLN B 11 -1.55 1.10 -3.80
CA GLN B 11 -3.00 1.23 -3.68
C GLN B 11 -3.44 1.02 -2.24
N CYS B 12 -2.82 0.05 -1.57
CA CYS B 12 -3.15 -0.28 -0.19
C CYS B 12 -2.83 0.89 0.73
N VAL B 13 -1.57 1.33 0.69
CA VAL B 13 -1.10 2.45 1.48
C VAL B 13 -1.97 3.69 1.29
N ARG B 14 -2.21 4.06 0.03
CA ARG B 14 -2.90 5.31 -0.28
C ARG B 14 -4.35 5.28 0.19
N TYR B 15 -4.97 4.10 0.15
CA TYR B 15 -6.33 3.97 0.64
C TYR B 15 -6.38 4.25 2.14
N ILE B 16 -5.44 3.65 2.87
CA ILE B 16 -5.42 3.78 4.32
C ILE B 16 -5.18 5.21 4.73
N ILE B 17 -4.15 5.82 4.16
CA ILE B 17 -3.82 7.21 4.46
C ILE B 17 -4.99 8.12 4.12
N LYS B 18 -5.85 7.67 3.22
CA LYS B 18 -6.95 8.48 2.74
C LYS B 18 -8.07 8.61 3.76
N LYS B 19 -8.32 7.56 4.53
CA LYS B 19 -9.39 7.62 5.51
C LYS B 19 -8.87 7.52 6.94
N ASP B 20 -7.64 7.07 7.09
CA ASP B 20 -7.06 6.89 8.43
C ASP B 20 -6.29 8.14 8.89
N PHE B 21 -5.27 8.49 8.13
CA PHE B 21 -4.30 9.48 8.57
C PHE B 21 -4.69 10.91 8.18
N PHE B 22 -4.47 11.25 6.92
CA PHE B 22 -4.63 12.64 6.50
C PHE B 22 -5.84 12.81 5.59
N GLY B 23 -5.93 11.94 4.58
CA GLY B 23 -7.03 12.02 3.64
C GLY B 23 -6.82 13.07 2.58
N LEU B 24 -5.59 13.57 2.49
CA LEU B 24 -5.26 14.66 1.58
C LEU B 24 -5.31 14.23 0.12
N ASP B 25 -5.42 15.20 -0.77
CA ASP B 25 -5.45 14.96 -2.20
C ASP B 25 -4.41 15.83 -2.89
N THR B 26 -3.14 15.57 -2.60
CA THR B 26 -2.05 16.34 -3.16
C THR B 26 -1.68 15.85 -4.55
N ASN B 27 -1.93 14.57 -4.79
CA ASN B 27 -1.58 13.95 -6.06
C ASN B 27 -2.68 14.17 -7.09
N SER B 28 -2.77 15.40 -7.58
CA SER B 28 -3.79 15.76 -8.54
C SER B 28 -3.21 16.69 -9.60
N ALA B 29 -3.77 16.66 -10.80
CA ALA B 29 -3.32 17.51 -11.88
C ALA B 29 -3.98 18.87 -11.80
N LYS B 30 -3.52 19.68 -10.86
CA LYS B 30 -4.09 21.00 -10.64
C LYS B 30 -3.38 22.04 -11.49
N SER B 31 -2.53 21.57 -12.38
CA SER B 31 -1.80 22.45 -13.28
C SER B 31 -2.74 23.00 -14.35
N LYS B 32 -2.82 24.31 -14.43
CA LYS B 32 -3.68 24.96 -15.42
C LYS B 32 -2.88 25.41 -16.63
N ASP B 33 -1.72 24.78 -16.82
CA ASP B 33 -0.89 25.07 -17.97
C ASP B 33 -1.45 24.40 -19.22
N VAL B 34 -2.08 23.24 -19.01
CA VAL B 34 -2.69 22.49 -20.10
C VAL B 34 -3.97 23.19 -20.57
N GLY A 1 1.28 -7.28 -15.95
CA GLY A 1 2.15 -6.09 -15.99
C GLY A 1 1.59 -4.95 -15.17
N PRO A 2 2.44 -4.21 -14.45
CA PRO A 2 2.00 -3.08 -13.62
C PRO A 2 1.45 -1.92 -14.45
N HIS A 3 0.13 -1.85 -14.54
CA HIS A 3 -0.54 -0.81 -15.30
C HIS A 3 -2.04 -0.80 -14.98
N MET A 4 -2.75 -1.78 -15.52
CA MET A 4 -4.20 -1.85 -15.34
C MET A 4 -4.53 -2.79 -14.18
N ASP A 5 -3.48 -3.30 -13.55
CA ASP A 5 -3.62 -4.25 -12.45
C ASP A 5 -3.74 -3.53 -11.11
N ARG A 6 -3.98 -2.22 -11.18
CA ARG A 6 -4.22 -1.43 -9.98
C ARG A 6 -5.42 -1.98 -9.22
N VAL A 7 -5.25 -2.16 -7.93
CA VAL A 7 -6.27 -2.75 -7.08
C VAL A 7 -7.46 -1.80 -6.93
N SER A 8 -8.65 -2.35 -7.15
CA SER A 8 -9.88 -1.59 -7.05
C SER A 8 -10.17 -1.18 -5.60
N LEU A 9 -10.95 -0.12 -5.41
CA LEU A 9 -11.22 0.40 -4.09
C LEU A 9 -11.88 -0.68 -3.23
N GLN A 10 -12.81 -1.41 -3.82
CA GLN A 10 -13.51 -2.50 -3.12
C GLN A 10 -12.52 -3.48 -2.50
N ASN A 11 -11.43 -3.74 -3.21
CA ASN A 11 -10.42 -4.69 -2.75
C ASN A 11 -9.50 -4.06 -1.75
N LEU A 12 -9.49 -2.75 -1.70
CA LEU A 12 -8.69 -2.04 -0.71
C LEU A 12 -9.48 -1.86 0.58
N LYS A 13 -10.79 -1.67 0.46
CA LYS A 13 -11.66 -1.39 1.60
C LYS A 13 -11.55 -2.46 2.71
N ASN A 14 -11.39 -3.72 2.32
CA ASN A 14 -11.37 -4.80 3.32
C ASN A 14 -10.09 -4.79 4.15
N LEU A 15 -9.06 -4.10 3.66
CA LEU A 15 -7.75 -4.10 4.31
C LEU A 15 -7.82 -3.57 5.74
N GLY A 16 -8.46 -2.43 5.91
CA GLY A 16 -8.57 -1.83 7.23
C GLY A 16 -9.43 -2.66 8.17
N GLU A 17 -10.28 -3.50 7.59
CA GLU A 17 -11.18 -4.34 8.36
C GLU A 17 -10.48 -5.63 8.79
N SER A 18 -9.44 -5.99 8.05
CA SER A 18 -8.67 -7.19 8.34
C SER A 18 -7.95 -7.05 9.66
N ALA A 19 -8.29 -7.93 10.59
CA ALA A 19 -7.74 -7.90 11.95
C ALA A 19 -6.23 -8.09 11.92
N THR A 20 -5.75 -8.79 10.90
CA THR A 20 -4.32 -9.04 10.79
C THR A 20 -3.57 -7.80 10.33
N LEU A 21 -4.13 -7.10 9.37
CA LEU A 21 -3.42 -5.99 8.74
C LEU A 21 -3.42 -4.78 9.64
N ARG A 22 -4.57 -4.48 10.24
CA ARG A 22 -4.69 -3.32 11.12
C ARG A 22 -3.71 -3.43 12.30
N SER A 23 -3.42 -4.65 12.71
CA SER A 23 -2.46 -4.89 13.79
C SER A 23 -1.07 -4.46 13.38
N LEU A 24 -0.82 -4.44 12.08
CA LEU A 24 0.48 -4.04 11.54
C LEU A 24 0.55 -2.52 11.43
N LEU A 25 -0.61 -1.92 11.15
CA LEU A 25 -0.73 -0.46 11.08
C LEU A 25 -0.46 0.16 12.44
N LEU A 26 -0.63 -0.65 13.47
CA LEU A 26 -0.41 -0.22 14.84
C LEU A 26 1.07 -0.02 15.12
N ASN A 27 1.91 -0.51 14.22
CA ASN A 27 3.35 -0.34 14.33
C ASN A 27 3.76 1.03 13.80
N PRO A 28 4.25 1.91 14.70
CA PRO A 28 4.63 3.29 14.35
C PRO A 28 5.63 3.38 13.22
N HIS A 29 6.58 2.45 13.18
CA HIS A 29 7.58 2.44 12.11
C HIS A 29 6.93 2.07 10.79
N LEU A 30 6.03 1.10 10.83
CA LEU A 30 5.38 0.61 9.62
C LEU A 30 4.52 1.72 9.02
N ARG A 31 3.74 2.38 9.86
CA ARG A 31 2.88 3.47 9.39
C ARG A 31 3.71 4.66 8.95
N GLN A 32 4.90 4.82 9.54
CA GLN A 32 5.84 5.84 9.11
C GLN A 32 6.28 5.57 7.68
N LEU A 33 6.58 4.31 7.39
CA LEU A 33 6.93 3.89 6.04
C LEU A 33 5.79 4.21 5.08
N MET A 34 4.58 3.85 5.49
CA MET A 34 3.38 4.06 4.68
C MET A 34 3.19 5.53 4.30
N VAL A 35 3.25 6.43 5.27
CA VAL A 35 3.04 7.85 5.01
C VAL A 35 4.14 8.41 4.11
N ASN A 36 5.35 7.88 4.26
CA ASN A 36 6.47 8.27 3.43
C ASN A 36 6.24 7.87 1.98
N LEU A 37 5.71 6.67 1.80
CA LEU A 37 5.41 6.16 0.47
C LEU A 37 4.27 6.96 -0.19
N ASP A 38 3.28 7.35 0.63
CA ASP A 38 2.10 8.07 0.13
C ASP A 38 2.49 9.45 -0.43
N GLN A 39 3.56 10.03 0.12
CA GLN A 39 4.04 11.33 -0.34
C GLN A 39 4.49 11.26 -1.79
N GLY A 40 4.94 10.07 -2.17
CA GLY A 40 5.23 9.78 -3.57
C GLY A 40 6.38 10.59 -4.14
N GLU A 41 7.31 10.99 -3.29
CA GLU A 41 8.46 11.76 -3.75
C GLU A 41 9.55 10.85 -4.25
N ASP A 42 9.94 9.89 -3.41
CA ASP A 42 11.03 8.98 -3.73
C ASP A 42 10.56 7.54 -3.64
N LYS A 43 9.30 7.35 -3.99
CA LYS A 43 8.68 6.02 -4.02
C LYS A 43 9.57 5.00 -4.71
N ALA A 44 10.27 5.40 -5.79
CA ALA A 44 11.09 4.47 -6.56
C ALA A 44 12.13 3.79 -5.69
N LYS A 45 12.75 4.55 -4.81
CA LYS A 45 13.76 4.03 -3.91
C LYS A 45 13.12 3.43 -2.68
N LEU A 46 12.04 4.05 -2.22
CA LEU A 46 11.33 3.57 -1.05
C LEU A 46 10.85 2.14 -1.26
N MET A 47 10.34 1.84 -2.45
CA MET A 47 9.90 0.47 -2.77
C MET A 47 11.00 -0.54 -2.47
N ARG A 48 12.24 -0.17 -2.80
CA ARG A 48 13.38 -1.02 -2.55
C ARG A 48 13.67 -1.11 -1.06
N ALA A 49 13.73 0.06 -0.43
CA ALA A 49 14.11 0.17 0.97
C ALA A 49 13.04 -0.38 1.91
N TYR A 50 11.83 -0.52 1.44
CA TYR A 50 10.74 -1.04 2.26
C TYR A 50 10.73 -2.57 2.23
N MET A 51 11.25 -3.13 1.14
CA MET A 51 11.28 -4.58 0.98
C MET A 51 12.45 -5.19 1.74
N GLN A 52 13.22 -4.35 2.41
CA GLN A 52 14.33 -4.84 3.22
C GLN A 52 13.99 -4.75 4.71
N GLU A 53 12.83 -4.19 5.01
CA GLU A 53 12.38 -4.06 6.39
C GLU A 53 11.27 -5.06 6.66
N PRO A 54 11.46 -5.95 7.65
CA PRO A 54 10.51 -7.02 7.97
C PRO A 54 9.15 -6.49 8.41
N LEU A 55 9.08 -5.20 8.70
CA LEU A 55 7.81 -4.59 9.09
C LEU A 55 6.92 -4.35 7.88
N PHE A 56 7.51 -3.90 6.77
CA PHE A 56 6.72 -3.50 5.62
C PHE A 56 6.47 -4.70 4.72
N VAL A 57 7.43 -5.59 4.67
CA VAL A 57 7.32 -6.80 3.88
C VAL A 57 6.12 -7.64 4.31
N GLU A 58 5.97 -7.84 5.61
CA GLU A 58 4.86 -8.60 6.15
C GLU A 58 3.54 -7.86 5.93
N PHE A 59 3.59 -6.53 6.02
CA PHE A 59 2.44 -5.71 5.70
C PHE A 59 1.99 -5.99 4.28
N ALA A 60 2.96 -5.95 3.37
CA ALA A 60 2.72 -6.24 1.97
C ALA A 60 2.22 -7.67 1.81
N ASP A 61 2.88 -8.60 2.47
CA ASP A 61 2.57 -10.02 2.34
C ASP A 61 1.15 -10.31 2.79
N CYS A 62 0.69 -9.54 3.77
CA CYS A 62 -0.61 -9.74 4.36
C CYS A 62 -1.72 -9.08 3.54
N CYS A 63 -1.46 -7.91 2.98
CA CYS A 63 -2.48 -7.17 2.24
C CYS A 63 -2.75 -7.83 0.88
N LEU A 64 -1.73 -8.51 0.35
CA LEU A 64 -1.87 -9.17 -0.95
C LEU A 64 -2.98 -10.20 -0.94
N GLY A 65 -3.10 -10.91 0.18
CA GLY A 65 -4.14 -11.92 0.29
C GLY A 65 -5.52 -11.32 0.41
N ILE A 66 -5.57 -10.04 0.75
CA ILE A 66 -6.84 -9.36 0.94
C ILE A 66 -7.30 -8.71 -0.36
N VAL A 67 -6.36 -8.34 -1.22
CA VAL A 67 -6.68 -7.63 -2.46
C VAL A 67 -6.77 -8.56 -3.65
N GLU A 68 -6.60 -9.86 -3.44
CA GLU A 68 -6.77 -10.84 -4.53
C GLU A 68 -8.16 -10.72 -5.16
N PRO A 69 -8.23 -10.25 -6.41
CA PRO A 69 -9.51 -10.06 -7.09
C PRO A 69 -10.17 -11.39 -7.46
N SER A 70 -9.37 -12.43 -7.49
CA SER A 70 -9.85 -13.75 -7.79
C SER A 70 -10.28 -14.46 -6.51
N GLN A 71 -11.55 -14.30 -6.16
CA GLN A 71 -12.11 -14.97 -4.99
C GLN A 71 -13.00 -16.12 -5.42
N ASN A 72 -12.75 -16.61 -6.62
CA ASN A 72 -13.52 -17.71 -7.19
C ASN A 72 -13.29 -18.99 -6.40
N GLU A 73 -14.38 -19.56 -5.92
CA GLU A 73 -14.32 -20.81 -5.18
C GLU A 73 -13.94 -21.97 -6.09
N GLU A 74 -13.23 -22.94 -5.55
CA GLU A 74 -12.83 -24.14 -6.30
C GLU A 74 -11.97 -23.77 -7.49
N SER A 75 -11.05 -22.83 -7.30
CA SER A 75 -10.15 -22.39 -8.35
C SER A 75 -8.93 -23.30 -8.42
N ASP B 1 4.16 -12.15 -8.55
CA ASP B 1 5.15 -11.29 -9.25
C ASP B 1 5.34 -9.99 -8.49
N ILE B 2 6.59 -9.70 -8.19
CA ILE B 2 6.93 -8.59 -7.30
C ILE B 2 6.61 -7.24 -7.94
N ARG B 3 6.76 -7.14 -9.26
CA ARG B 3 6.42 -5.91 -9.98
C ARG B 3 4.97 -5.56 -9.72
N HIS B 4 4.12 -6.57 -9.82
CA HIS B 4 2.71 -6.42 -9.52
C HIS B 4 2.50 -6.18 -8.03
N GLU B 5 3.02 -7.09 -7.22
CA GLU B 5 2.77 -7.09 -5.78
C GLU B 5 3.19 -5.77 -5.12
N ARG B 6 4.37 -5.26 -5.44
CA ARG B 6 4.87 -4.06 -4.78
C ARG B 6 4.14 -2.81 -5.29
N ASN B 7 3.68 -2.84 -6.53
CA ASN B 7 2.93 -1.70 -7.07
C ASN B 7 1.51 -1.75 -6.52
N VAL B 8 1.06 -2.96 -6.20
CA VAL B 8 -0.20 -3.17 -5.53
C VAL B 8 -0.22 -2.48 -4.16
N ILE B 9 0.95 -2.46 -3.52
CA ILE B 9 1.08 -1.86 -2.20
C ILE B 9 0.82 -0.36 -2.25
N LEU B 10 1.08 0.25 -3.40
CA LEU B 10 0.82 1.67 -3.61
C LEU B 10 -0.67 1.97 -3.47
N GLN B 11 -1.48 0.98 -3.80
CA GLN B 11 -2.93 1.09 -3.64
C GLN B 11 -3.32 0.81 -2.20
N CYS B 12 -2.67 -0.20 -1.62
CA CYS B 12 -2.98 -0.64 -0.26
C CYS B 12 -2.71 0.49 0.74
N VAL B 13 -1.48 0.98 0.74
CA VAL B 13 -1.09 2.09 1.60
C VAL B 13 -2.00 3.29 1.41
N ARG B 14 -2.21 3.69 0.15
CA ARG B 14 -2.91 4.93 -0.16
C ARG B 14 -4.37 4.89 0.29
N TYR B 15 -5.01 3.73 0.16
CA TYR B 15 -6.37 3.56 0.66
C TYR B 15 -6.42 3.86 2.15
N ILE B 16 -5.43 3.35 2.87
CA ILE B 16 -5.34 3.56 4.30
C ILE B 16 -5.09 5.01 4.61
N ILE B 17 -4.05 5.57 4.01
CA ILE B 17 -3.68 6.96 4.22
C ILE B 17 -4.86 7.89 3.94
N LYS B 18 -5.71 7.47 3.00
CA LYS B 18 -6.81 8.29 2.54
C LYS B 18 -7.71 8.73 3.69
N LYS B 19 -7.95 7.84 4.64
CA LYS B 19 -8.77 8.18 5.79
C LYS B 19 -7.94 8.19 7.07
N ASP B 20 -6.70 7.71 6.98
CA ASP B 20 -5.82 7.67 8.13
C ASP B 20 -5.00 8.95 8.26
N PHE B 21 -4.18 9.27 7.26
CA PHE B 21 -3.28 10.42 7.40
C PHE B 21 -3.59 11.54 6.41
N PHE B 22 -3.03 11.44 5.20
CA PHE B 22 -3.11 12.54 4.25
C PHE B 22 -4.06 12.21 3.11
N GLY B 23 -3.86 11.05 2.49
CA GLY B 23 -4.71 10.66 1.39
C GLY B 23 -4.33 11.37 0.12
N LEU B 24 -3.03 11.43 -0.15
CA LEU B 24 -2.51 12.12 -1.31
C LEU B 24 -2.87 11.39 -2.60
N ASP B 25 -2.77 12.10 -3.71
CA ASP B 25 -3.07 11.53 -5.02
C ASP B 25 -1.86 11.62 -5.94
N THR B 26 -0.97 12.56 -5.59
CA THR B 26 0.29 12.80 -6.30
C THR B 26 0.09 13.00 -7.80
N ASN B 27 -1.10 13.44 -8.20
CA ASN B 27 -1.40 13.67 -9.60
C ASN B 27 -1.18 15.12 -9.97
N SER B 28 -0.64 15.88 -9.02
CA SER B 28 -0.32 17.28 -9.23
C SER B 28 0.67 17.45 -10.38
N ALA B 29 0.34 18.30 -11.35
CA ALA B 29 1.20 18.50 -12.50
C ALA B 29 2.35 19.46 -12.17
N LYS B 30 2.20 20.13 -11.05
CA LYS B 30 3.24 21.05 -10.58
C LYS B 30 4.24 20.30 -9.70
N SER B 31 4.26 18.98 -9.85
CA SER B 31 5.19 18.13 -9.13
C SER B 31 5.71 17.04 -10.06
N LYS B 32 6.98 17.10 -10.39
CA LYS B 32 7.58 16.11 -11.29
C LYS B 32 7.69 14.76 -10.60
N ASP B 33 7.01 13.76 -11.16
CA ASP B 33 6.99 12.42 -10.59
C ASP B 33 8.30 11.70 -10.85
N VAL B 34 8.88 11.93 -12.02
CA VAL B 34 10.13 11.29 -12.39
C VAL B 34 11.33 12.12 -11.93
N GLY A 1 -1.52 1.59 -16.10
CA GLY A 1 -1.65 1.14 -17.50
C GLY A 1 -2.52 -0.10 -17.62
N PRO A 2 -2.68 -0.65 -18.83
CA PRO A 2 -3.55 -1.80 -19.07
C PRO A 2 -2.92 -3.12 -18.61
N HIS A 3 -2.35 -3.11 -17.41
CA HIS A 3 -1.69 -4.28 -16.86
C HIS A 3 -2.17 -4.54 -15.44
N MET A 4 -3.31 -3.94 -15.10
CA MET A 4 -3.94 -4.08 -13.79
C MET A 4 -2.96 -3.70 -12.68
N ASP A 5 -2.27 -2.57 -12.87
CA ASP A 5 -1.28 -2.11 -11.92
C ASP A 5 -1.95 -1.61 -10.64
N ARG A 6 -3.21 -1.20 -10.78
CA ARG A 6 -3.96 -0.70 -9.65
C ARG A 6 -5.08 -1.65 -9.27
N VAL A 7 -5.49 -1.58 -8.02
CA VAL A 7 -6.49 -2.47 -7.46
C VAL A 7 -7.78 -1.69 -7.19
N SER A 8 -8.92 -2.35 -7.38
CA SER A 8 -10.22 -1.74 -7.14
C SER A 8 -10.37 -1.36 -5.66
N LEU A 9 -11.02 -0.22 -5.43
CA LEU A 9 -11.20 0.34 -4.10
C LEU A 9 -11.95 -0.62 -3.20
N GLN A 10 -12.87 -1.39 -3.79
CA GLN A 10 -13.62 -2.41 -3.06
C GLN A 10 -12.68 -3.41 -2.40
N ASN A 11 -11.64 -3.81 -3.14
CA ASN A 11 -10.64 -4.72 -2.61
C ASN A 11 -9.88 -4.07 -1.48
N LEU A 12 -9.53 -2.80 -1.68
CA LEU A 12 -8.72 -2.07 -0.73
C LEU A 12 -9.48 -1.84 0.57
N LYS A 13 -10.79 -1.66 0.47
CA LYS A 13 -11.64 -1.42 1.63
C LYS A 13 -11.52 -2.54 2.67
N ASN A 14 -11.30 -3.77 2.23
CA ASN A 14 -11.23 -4.91 3.14
C ASN A 14 -10.02 -4.82 4.07
N LEU A 15 -9.00 -4.11 3.65
CA LEU A 15 -7.75 -4.03 4.40
C LEU A 15 -7.98 -3.34 5.74
N GLY A 16 -8.82 -2.32 5.73
CA GLY A 16 -9.12 -1.58 6.95
C GLY A 16 -9.82 -2.42 7.98
N GLU A 17 -10.55 -3.44 7.53
CA GLU A 17 -11.32 -4.29 8.44
C GLU A 17 -10.58 -5.60 8.70
N SER A 18 -9.37 -5.71 8.16
CA SER A 18 -8.54 -6.87 8.37
C SER A 18 -7.76 -6.74 9.67
N ALA A 19 -8.16 -7.51 10.68
CA ALA A 19 -7.54 -7.45 12.00
C ALA A 19 -6.07 -7.81 11.93
N THR A 20 -5.70 -8.65 10.97
CA THR A 20 -4.33 -9.09 10.82
C THR A 20 -3.44 -7.96 10.33
N LEU A 21 -3.95 -7.17 9.40
CA LEU A 21 -3.17 -6.09 8.80
C LEU A 21 -3.02 -4.94 9.77
N ARG A 22 -4.12 -4.51 10.37
CA ARG A 22 -4.11 -3.40 11.30
C ARG A 22 -3.23 -3.70 12.51
N SER A 23 -3.10 -4.99 12.84
CA SER A 23 -2.26 -5.41 13.96
C SER A 23 -0.79 -5.07 13.67
N LEU A 24 -0.46 -4.95 12.39
CA LEU A 24 0.88 -4.58 11.98
C LEU A 24 1.03 -3.06 11.93
N LEU A 25 -0.05 -2.38 11.58
CA LEU A 25 -0.07 -0.92 11.50
C LEU A 25 0.02 -0.31 12.88
N LEU A 26 -0.05 -1.16 13.90
CA LEU A 26 0.10 -0.74 15.28
C LEU A 26 1.53 -0.27 15.54
N ASN A 27 2.43 -0.61 14.62
CA ASN A 27 3.81 -0.15 14.69
C ASN A 27 3.92 1.24 14.07
N PRO A 28 4.40 2.23 14.86
CA PRO A 28 4.54 3.61 14.39
C PRO A 28 5.50 3.73 13.20
N HIS A 29 6.47 2.85 13.12
CA HIS A 29 7.42 2.86 12.01
C HIS A 29 6.73 2.42 10.71
N LEU A 30 5.94 1.36 10.80
CA LEU A 30 5.29 0.78 9.63
C LEU A 30 4.34 1.80 9.01
N ARG A 31 3.61 2.52 9.86
CA ARG A 31 2.65 3.50 9.39
C ARG A 31 3.38 4.70 8.79
N GLN A 32 4.54 5.02 9.35
CA GLN A 32 5.37 6.09 8.81
C GLN A 32 5.89 5.73 7.44
N LEU A 33 6.23 4.45 7.25
CA LEU A 33 6.66 3.95 5.94
C LEU A 33 5.60 4.27 4.90
N MET A 34 4.35 3.91 5.20
CA MET A 34 3.23 4.20 4.31
C MET A 34 3.17 5.70 3.98
N VAL A 35 3.14 6.53 5.03
CA VAL A 35 3.05 7.96 4.88
C VAL A 35 4.22 8.52 4.05
N ASN A 36 5.39 7.96 4.26
CA ASN A 36 6.58 8.38 3.51
C ASN A 36 6.45 8.05 2.03
N LEU A 37 5.92 6.87 1.74
CA LEU A 37 5.76 6.41 0.37
C LEU A 37 4.67 7.20 -0.36
N ASP A 38 3.65 7.62 0.39
CA ASP A 38 2.52 8.35 -0.17
C ASP A 38 2.98 9.65 -0.81
N GLN A 39 3.93 10.31 -0.16
CA GLN A 39 4.42 11.61 -0.62
C GLN A 39 5.01 11.52 -2.01
N GLY A 40 5.54 10.33 -2.30
CA GLY A 40 6.04 10.04 -3.63
C GLY A 40 7.25 10.86 -4.01
N GLU A 41 7.95 11.38 -3.03
CA GLU A 41 9.14 12.21 -3.27
C GLU A 41 10.29 11.35 -3.76
N ASP A 42 10.35 10.13 -3.24
CA ASP A 42 11.39 9.17 -3.60
C ASP A 42 10.84 7.76 -3.61
N LYS A 43 9.62 7.66 -4.12
CA LYS A 43 8.93 6.38 -4.27
C LYS A 43 9.82 5.30 -4.90
N ALA A 44 10.71 5.71 -5.80
CA ALA A 44 11.56 4.78 -6.52
C ALA A 44 12.45 3.98 -5.58
N LYS A 45 13.18 4.68 -4.71
CA LYS A 45 14.04 4.00 -3.77
C LYS A 45 13.23 3.38 -2.63
N LEU A 46 12.15 4.05 -2.24
CA LEU A 46 11.30 3.60 -1.16
C LEU A 46 10.74 2.20 -1.43
N MET A 47 10.28 1.96 -2.65
CA MET A 47 9.74 0.66 -3.02
C MET A 47 10.74 -0.45 -2.73
N ARG A 48 12.02 -0.15 -2.90
CA ARG A 48 13.08 -1.10 -2.63
C ARG A 48 13.45 -1.09 -1.15
N ALA A 49 13.51 0.09 -0.57
CA ALA A 49 13.93 0.27 0.82
C ALA A 49 12.88 -0.24 1.79
N TYR A 50 11.66 -0.43 1.33
CA TYR A 50 10.59 -0.93 2.18
C TYR A 50 10.58 -2.45 2.19
N MET A 51 11.04 -3.05 1.10
CA MET A 51 11.01 -4.51 0.96
C MET A 51 12.18 -5.15 1.69
N GLN A 52 12.95 -4.34 2.40
CA GLN A 52 14.05 -4.86 3.20
C GLN A 52 13.66 -4.85 4.67
N GLU A 53 12.51 -4.25 4.98
CA GLU A 53 12.06 -4.12 6.35
C GLU A 53 10.98 -5.14 6.65
N PRO A 54 11.16 -5.94 7.72
CA PRO A 54 10.21 -6.99 8.10
C PRO A 54 8.85 -6.42 8.50
N LEU A 55 8.79 -5.13 8.73
CA LEU A 55 7.52 -4.47 9.03
C LEU A 55 6.67 -4.36 7.77
N PHE A 56 7.28 -3.97 6.67
CA PHE A 56 6.54 -3.63 5.47
C PHE A 56 6.33 -4.87 4.62
N VAL A 57 7.27 -5.80 4.71
CA VAL A 57 7.17 -7.06 4.00
C VAL A 57 5.92 -7.82 4.42
N GLU A 58 5.72 -7.94 5.73
CA GLU A 58 4.53 -8.58 6.27
C GLU A 58 3.28 -7.81 5.87
N PHE A 59 3.37 -6.49 5.94
CA PHE A 59 2.27 -5.62 5.52
C PHE A 59 1.87 -5.96 4.09
N ALA A 60 2.87 -6.04 3.23
CA ALA A 60 2.66 -6.40 1.84
C ALA A 60 2.12 -7.81 1.72
N ASP A 61 2.75 -8.75 2.43
CA ASP A 61 2.39 -10.16 2.35
C ASP A 61 0.95 -10.37 2.79
N CYS A 62 0.50 -9.52 3.70
CA CYS A 62 -0.85 -9.59 4.23
C CYS A 62 -1.86 -8.98 3.25
N CYS A 63 -1.57 -7.77 2.77
CA CYS A 63 -2.52 -7.06 1.91
C CYS A 63 -2.71 -7.78 0.58
N LEU A 64 -1.67 -8.47 0.12
CA LEU A 64 -1.76 -9.21 -1.13
C LEU A 64 -2.74 -10.36 -1.01
N GLY A 65 -2.98 -10.81 0.21
CA GLY A 65 -3.95 -11.86 0.45
C GLY A 65 -5.35 -11.30 0.62
N ILE A 66 -5.45 -9.99 0.83
CA ILE A 66 -6.73 -9.35 1.01
C ILE A 66 -7.29 -8.84 -0.33
N VAL A 67 -6.38 -8.45 -1.24
CA VAL A 67 -6.79 -7.89 -2.53
C VAL A 67 -6.56 -8.88 -3.67
N GLU A 68 -6.14 -10.09 -3.34
CA GLU A 68 -5.74 -11.08 -4.34
C GLU A 68 -6.77 -11.26 -5.46
N PRO A 69 -6.31 -11.18 -6.70
CA PRO A 69 -7.14 -11.44 -7.88
C PRO A 69 -7.21 -12.94 -8.18
N SER A 70 -6.50 -13.70 -7.38
CA SER A 70 -6.48 -15.14 -7.51
C SER A 70 -6.53 -15.78 -6.12
N GLN A 71 -7.65 -16.43 -5.81
CA GLN A 71 -7.78 -17.14 -4.54
C GLN A 71 -7.13 -18.51 -4.63
N ASN A 72 -6.48 -18.74 -5.75
CA ASN A 72 -5.73 -19.97 -5.98
C ASN A 72 -4.26 -19.65 -6.11
N GLU A 73 -3.88 -18.51 -5.55
CA GLU A 73 -2.52 -18.01 -5.58
C GLU A 73 -2.01 -17.84 -7.01
N GLU A 74 -0.72 -17.56 -7.12
CA GLU A 74 -0.09 -17.40 -8.42
C GLU A 74 1.24 -18.16 -8.43
N SER A 75 1.14 -19.47 -8.45
CA SER A 75 2.32 -20.32 -8.42
C SER A 75 2.87 -20.52 -9.82
N ASP B 1 3.16 -12.31 -8.44
CA ASP B 1 4.42 -11.69 -8.91
C ASP B 1 4.73 -10.46 -8.08
N ILE B 2 5.86 -10.51 -7.38
CA ILE B 2 6.23 -9.46 -6.44
C ILE B 2 6.44 -8.13 -7.15
N ARG B 3 6.95 -8.17 -8.38
CA ARG B 3 7.19 -6.96 -9.15
C ARG B 3 5.89 -6.19 -9.37
N HIS B 4 4.87 -6.90 -9.79
CA HIS B 4 3.53 -6.33 -9.99
C HIS B 4 2.86 -6.02 -8.66
N GLU B 5 2.97 -6.93 -7.71
CA GLU B 5 2.29 -6.79 -6.45
C GLU B 5 2.90 -5.66 -5.61
N ARG B 6 4.15 -5.34 -5.90
CA ARG B 6 4.86 -4.25 -5.25
C ARG B 6 4.19 -2.90 -5.54
N ASN B 7 3.79 -2.68 -6.79
CA ASN B 7 3.11 -1.43 -7.15
C ASN B 7 1.64 -1.51 -6.75
N VAL B 8 1.17 -2.73 -6.53
CA VAL B 8 -0.15 -2.96 -5.98
C VAL B 8 -0.21 -2.47 -4.53
N ILE B 9 0.92 -2.57 -3.84
CA ILE B 9 1.01 -2.14 -2.44
C ILE B 9 0.69 -0.65 -2.33
N LEU B 10 1.04 0.11 -3.37
CA LEU B 10 0.79 1.54 -3.40
C LEU B 10 -0.68 1.85 -3.12
N GLN B 11 -1.56 1.08 -3.75
CA GLN B 11 -2.99 1.27 -3.58
C GLN B 11 -3.41 0.98 -2.15
N CYS B 12 -2.84 -0.08 -1.59
CA CYS B 12 -3.11 -0.48 -0.22
C CYS B 12 -2.70 0.63 0.74
N VAL B 13 -1.44 1.05 0.61
CA VAL B 13 -0.89 2.14 1.39
C VAL B 13 -1.75 3.40 1.34
N ARG B 14 -2.00 3.89 0.13
CA ARG B 14 -2.62 5.19 -0.04
C ARG B 14 -4.11 5.16 0.27
N TYR B 15 -4.72 3.98 0.26
CA TYR B 15 -6.11 3.83 0.66
C TYR B 15 -6.24 4.08 2.17
N ILE B 16 -5.34 3.47 2.92
CA ILE B 16 -5.36 3.58 4.37
C ILE B 16 -5.08 5.01 4.78
N ILE B 17 -3.94 5.53 4.31
CA ILE B 17 -3.54 6.90 4.60
C ILE B 17 -4.65 7.88 4.24
N LYS B 18 -5.43 7.52 3.22
CA LYS B 18 -6.46 8.40 2.69
C LYS B 18 -7.46 8.83 3.75
N LYS B 19 -7.96 7.88 4.51
CA LYS B 19 -8.99 8.17 5.49
C LYS B 19 -8.48 8.01 6.91
N ASP B 20 -7.30 7.43 7.06
CA ASP B 20 -6.70 7.25 8.38
C ASP B 20 -5.84 8.44 8.78
N PHE B 21 -4.91 8.82 7.91
CA PHE B 21 -3.93 9.85 8.27
C PHE B 21 -4.16 11.15 7.51
N PHE B 22 -3.55 11.28 6.33
CA PHE B 22 -3.57 12.54 5.60
C PHE B 22 -4.40 12.43 4.34
N GLY B 23 -4.14 11.41 3.55
CA GLY B 23 -4.79 11.27 2.27
C GLY B 23 -4.28 12.29 1.28
N LEU B 24 -2.96 12.35 1.16
CA LEU B 24 -2.33 13.27 0.23
C LEU B 24 -2.54 12.81 -1.20
N ASP B 25 -2.75 13.75 -2.09
CA ASP B 25 -2.98 13.45 -3.50
C ASP B 25 -2.34 14.49 -4.39
N THR B 26 -2.20 15.71 -3.88
CA THR B 26 -1.61 16.80 -4.63
C THR B 26 -0.16 17.00 -4.23
N ASN B 27 0.28 16.27 -3.21
CA ASN B 27 1.64 16.42 -2.74
C ASN B 27 2.55 15.37 -3.35
N SER B 28 1.96 14.46 -4.10
CA SER B 28 2.71 13.42 -4.78
C SER B 28 2.74 13.68 -6.27
N ALA B 29 3.93 13.55 -6.87
CA ALA B 29 4.13 13.79 -8.30
C ALA B 29 3.78 15.23 -8.65
N LYS B 30 4.06 16.12 -7.71
CA LYS B 30 3.74 17.54 -7.87
C LYS B 30 4.84 18.28 -8.63
N SER B 31 5.43 17.62 -9.61
CA SER B 31 6.51 18.21 -10.40
C SER B 31 5.94 19.11 -11.48
N LYS B 32 5.11 20.07 -11.05
CA LYS B 32 4.49 21.02 -11.96
C LYS B 32 5.43 22.16 -12.26
N ASP B 33 6.52 21.86 -12.96
CA ASP B 33 7.56 22.83 -13.24
C ASP B 33 7.17 23.71 -14.42
N VAL B 34 6.49 24.79 -14.12
CA VAL B 34 6.08 25.74 -15.14
C VAL B 34 6.70 27.11 -14.83
N GLY A 1 -7.50 -0.48 -21.24
CA GLY A 1 -6.10 -0.70 -20.83
C GLY A 1 -5.83 -2.14 -20.47
N PRO A 2 -5.01 -2.86 -21.24
CA PRO A 2 -4.65 -4.26 -20.97
C PRO A 2 -3.92 -4.43 -19.64
N HIS A 3 -3.22 -3.38 -19.21
CA HIS A 3 -2.51 -3.42 -17.95
C HIS A 3 -3.30 -2.68 -16.88
N MET A 4 -4.17 -3.41 -16.20
CA MET A 4 -4.95 -2.84 -15.11
C MET A 4 -4.83 -3.71 -13.86
N ASP A 5 -3.59 -3.95 -13.47
CA ASP A 5 -3.30 -4.83 -12.33
C ASP A 5 -3.42 -4.07 -11.02
N ARG A 6 -3.63 -2.77 -11.10
CA ARG A 6 -3.81 -1.94 -9.92
C ARG A 6 -5.08 -2.35 -9.19
N VAL A 7 -5.03 -2.29 -7.86
CA VAL A 7 -6.10 -2.79 -7.02
C VAL A 7 -7.30 -1.84 -7.03
N SER A 8 -8.48 -2.41 -7.23
CA SER A 8 -9.72 -1.65 -7.18
C SER A 8 -10.02 -1.21 -5.75
N LEU A 9 -10.76 -0.11 -5.60
CA LEU A 9 -11.04 0.47 -4.30
C LEU A 9 -11.76 -0.55 -3.41
N GLN A 10 -12.70 -1.27 -4.01
CA GLN A 10 -13.47 -2.30 -3.31
C GLN A 10 -12.56 -3.33 -2.64
N ASN A 11 -11.47 -3.70 -3.32
CA ASN A 11 -10.52 -4.66 -2.77
C ASN A 11 -9.73 -4.03 -1.64
N LEU A 12 -9.40 -2.76 -1.82
CA LEU A 12 -8.64 -2.01 -0.82
C LEU A 12 -9.47 -1.86 0.45
N LYS A 13 -10.77 -1.70 0.29
CA LYS A 13 -11.70 -1.58 1.41
C LYS A 13 -11.56 -2.74 2.41
N ASN A 14 -11.22 -3.91 1.90
CA ASN A 14 -11.07 -5.10 2.74
C ASN A 14 -9.84 -5.00 3.65
N LEU A 15 -8.91 -4.12 3.30
CA LEU A 15 -7.67 -3.99 4.06
C LEU A 15 -7.95 -3.52 5.48
N GLY A 16 -8.69 -2.42 5.60
CA GLY A 16 -9.02 -1.87 6.90
C GLY A 16 -9.90 -2.80 7.73
N GLU A 17 -10.51 -3.77 7.08
CA GLU A 17 -11.37 -4.72 7.76
C GLU A 17 -10.54 -5.85 8.39
N SER A 18 -9.36 -6.07 7.83
CA SER A 18 -8.48 -7.11 8.32
C SER A 18 -7.84 -6.69 9.63
N ALA A 19 -8.20 -7.40 10.69
CA ALA A 19 -7.64 -7.12 12.01
C ALA A 19 -6.17 -7.48 12.06
N THR A 20 -5.77 -8.39 11.18
CA THR A 20 -4.39 -8.81 11.10
C THR A 20 -3.53 -7.71 10.46
N LEU A 21 -4.06 -7.08 9.43
CA LEU A 21 -3.34 -6.03 8.73
C LEU A 21 -3.16 -4.82 9.63
N ARG A 22 -4.26 -4.30 10.16
CA ARG A 22 -4.22 -3.13 11.04
C ARG A 22 -3.37 -3.40 12.29
N SER A 23 -3.26 -4.67 12.66
CA SER A 23 -2.42 -5.07 13.78
C SER A 23 -0.97 -4.66 13.54
N LEU A 24 -0.59 -4.60 12.27
CA LEU A 24 0.76 -4.21 11.89
C LEU A 24 0.85 -2.70 11.77
N LEU A 25 -0.26 -2.08 11.34
CA LEU A 25 -0.35 -0.62 11.20
C LEU A 25 -0.15 0.05 12.56
N LEU A 26 -0.36 -0.72 13.61
CA LEU A 26 -0.21 -0.24 14.97
C LEU A 26 1.26 0.05 15.29
N ASN A 27 2.15 -0.41 14.42
CA ASN A 27 3.58 -0.17 14.58
C ASN A 27 3.95 1.21 14.00
N PRO A 28 4.42 2.12 14.86
CA PRO A 28 4.74 3.51 14.48
C PRO A 28 5.68 3.60 13.29
N HIS A 29 6.62 2.68 13.20
CA HIS A 29 7.57 2.67 12.11
C HIS A 29 6.88 2.35 10.78
N LEU A 30 6.02 1.35 10.78
CA LEU A 30 5.36 0.90 9.57
C LEU A 30 4.43 1.97 9.02
N ARG A 31 3.75 2.67 9.92
CA ARG A 31 2.83 3.72 9.51
C ARG A 31 3.60 4.91 8.93
N GLN A 32 4.83 5.08 9.41
CA GLN A 32 5.71 6.11 8.86
C GLN A 32 6.16 5.75 7.46
N LEU A 33 6.41 4.46 7.24
CA LEU A 33 6.78 3.97 5.91
C LEU A 33 5.68 4.32 4.91
N MET A 34 4.43 4.05 5.28
CA MET A 34 3.30 4.35 4.42
C MET A 34 3.26 5.83 4.04
N VAL A 35 3.26 6.71 5.04
CA VAL A 35 3.12 8.14 4.79
C VAL A 35 4.34 8.70 4.06
N ASN A 36 5.47 8.02 4.17
CA ASN A 36 6.69 8.42 3.46
C ASN A 36 6.60 8.05 2.01
N LEU A 37 6.18 6.82 1.75
CA LEU A 37 6.13 6.28 0.40
C LEU A 37 5.15 7.03 -0.46
N ASP A 38 3.96 7.18 0.07
CA ASP A 38 2.85 7.83 -0.63
C ASP A 38 3.25 9.23 -1.10
N GLN A 39 4.27 9.79 -0.47
CA GLN A 39 4.73 11.13 -0.83
C GLN A 39 5.29 11.09 -2.24
N GLY A 40 5.83 9.92 -2.58
CA GLY A 40 6.26 9.65 -3.94
C GLY A 40 7.42 10.51 -4.39
N GLU A 41 8.13 11.12 -3.44
CA GLU A 41 9.28 11.95 -3.76
C GLU A 41 10.27 11.14 -4.59
N ASP A 42 10.67 9.99 -4.07
CA ASP A 42 11.46 9.05 -4.83
C ASP A 42 11.04 7.63 -4.46
N LYS A 43 9.80 7.32 -4.83
CA LYS A 43 9.22 6.01 -4.60
C LYS A 43 10.07 4.88 -5.19
N ALA A 44 10.89 5.21 -6.19
CA ALA A 44 11.71 4.23 -6.88
C ALA A 44 12.55 3.40 -5.90
N LYS A 45 13.31 4.08 -5.05
CA LYS A 45 14.15 3.36 -4.09
C LYS A 45 13.36 2.99 -2.85
N LEU A 46 12.35 3.81 -2.49
CA LEU A 46 11.55 3.53 -1.30
C LEU A 46 10.85 2.19 -1.42
N MET A 47 10.29 1.91 -2.58
CA MET A 47 9.59 0.65 -2.81
C MET A 47 10.47 -0.55 -2.50
N ARG A 48 11.75 -0.44 -2.87
CA ARG A 48 12.68 -1.55 -2.66
C ARG A 48 13.25 -1.51 -1.24
N ALA A 49 13.54 -0.32 -0.75
CA ALA A 49 14.15 -0.14 0.56
C ALA A 49 13.18 -0.49 1.68
N TYR A 50 11.89 -0.53 1.37
CA TYR A 50 10.89 -0.85 2.38
C TYR A 50 10.74 -2.36 2.52
N MET A 51 11.02 -3.07 1.44
CA MET A 51 10.89 -4.52 1.43
C MET A 51 12.09 -5.18 2.11
N GLN A 52 12.98 -4.38 2.66
CA GLN A 52 14.10 -4.90 3.43
C GLN A 52 13.72 -4.91 4.91
N GLU A 53 12.65 -4.20 5.24
CA GLU A 53 12.24 -4.04 6.62
C GLU A 53 11.10 -5.01 6.92
N PRO A 54 11.26 -5.84 7.96
CA PRO A 54 10.29 -6.89 8.30
C PRO A 54 8.91 -6.33 8.68
N LEU A 55 8.85 -5.04 8.95
CA LEU A 55 7.58 -4.41 9.26
C LEU A 55 6.75 -4.23 8.00
N PHE A 56 7.42 -3.93 6.89
CA PHE A 56 6.75 -3.59 5.65
C PHE A 56 6.49 -4.84 4.83
N VAL A 57 7.42 -5.79 4.92
CA VAL A 57 7.29 -7.06 4.22
C VAL A 57 6.01 -7.79 4.62
N GLU A 58 5.80 -7.89 5.93
CA GLU A 58 4.60 -8.49 6.48
C GLU A 58 3.37 -7.69 6.09
N PHE A 59 3.49 -6.37 6.13
CA PHE A 59 2.42 -5.48 5.70
C PHE A 59 2.02 -5.81 4.28
N ALA A 60 3.02 -5.91 3.41
CA ALA A 60 2.80 -6.28 2.03
C ALA A 60 2.24 -7.68 1.92
N ASP A 61 2.87 -8.62 2.62
CA ASP A 61 2.49 -10.03 2.55
C ASP A 61 1.06 -10.23 2.97
N CYS A 62 0.61 -9.36 3.87
CA CYS A 62 -0.77 -9.40 4.35
C CYS A 62 -1.73 -8.82 3.32
N CYS A 63 -1.44 -7.60 2.86
CA CYS A 63 -2.37 -6.90 1.97
C CYS A 63 -2.53 -7.64 0.64
N LEU A 64 -1.48 -8.33 0.20
CA LEU A 64 -1.51 -9.05 -1.06
C LEU A 64 -2.60 -10.12 -1.04
N GLY A 65 -2.70 -10.85 0.05
CA GLY A 65 -3.68 -11.92 0.16
C GLY A 65 -5.08 -11.38 0.32
N ILE A 66 -5.19 -10.11 0.65
CA ILE A 66 -6.49 -9.48 0.84
C ILE A 66 -7.00 -8.85 -0.46
N VAL A 67 -6.09 -8.30 -1.25
CA VAL A 67 -6.48 -7.55 -2.44
C VAL A 67 -6.45 -8.42 -3.70
N GLU A 68 -6.20 -9.72 -3.52
CA GLU A 68 -6.27 -10.65 -4.64
C GLU A 68 -7.68 -10.70 -5.20
N PRO A 69 -7.86 -10.28 -6.46
CA PRO A 69 -9.17 -10.25 -7.11
C PRO A 69 -9.68 -11.65 -7.45
N SER A 70 -8.82 -12.64 -7.23
CA SER A 70 -9.13 -14.05 -7.42
C SER A 70 -9.32 -14.36 -8.90
N GLN A 71 -8.29 -14.97 -9.49
CA GLN A 71 -8.35 -15.35 -10.89
C GLN A 71 -9.12 -16.66 -11.05
N ASN A 72 -10.26 -16.58 -11.72
CA ASN A 72 -11.10 -17.75 -11.92
C ASN A 72 -11.41 -17.91 -13.40
N GLU A 73 -11.88 -19.10 -13.77
CA GLU A 73 -12.21 -19.40 -15.14
C GLU A 73 -13.37 -18.54 -15.63
N GLU A 74 -13.31 -18.13 -16.89
CA GLU A 74 -14.32 -17.27 -17.46
C GLU A 74 -14.69 -17.74 -18.86
N SER A 75 -15.83 -18.40 -18.96
CA SER A 75 -16.30 -18.90 -20.24
C SER A 75 -17.08 -17.80 -20.98
N ASP B 1 3.49 -12.25 -9.09
CA ASP B 1 4.42 -11.34 -9.79
C ASP B 1 4.74 -10.14 -8.91
N ILE B 2 6.03 -9.91 -8.71
CA ILE B 2 6.50 -8.90 -7.78
C ILE B 2 6.19 -7.49 -8.27
N ARG B 3 6.24 -7.27 -9.58
CA ARG B 3 5.91 -5.97 -10.15
C ARG B 3 4.49 -5.58 -9.76
N HIS B 4 3.59 -6.55 -9.87
CA HIS B 4 2.21 -6.37 -9.47
C HIS B 4 2.12 -6.17 -7.96
N GLU B 5 2.68 -7.12 -7.22
CA GLU B 5 2.56 -7.13 -5.78
C GLU B 5 3.14 -5.88 -5.13
N ARG B 6 4.26 -5.39 -5.68
CA ARG B 6 4.93 -4.23 -5.13
C ARG B 6 4.16 -2.95 -5.41
N ASN B 7 3.64 -2.79 -6.62
CA ASN B 7 2.91 -1.57 -6.97
C ASN B 7 1.53 -1.61 -6.33
N VAL B 8 1.06 -2.82 -6.06
CA VAL B 8 -0.18 -3.06 -5.35
C VAL B 8 -0.16 -2.38 -3.97
N ILE B 9 1.03 -2.32 -3.38
CA ILE B 9 1.21 -1.73 -2.06
C ILE B 9 0.84 -0.25 -2.07
N LEU B 10 1.18 0.43 -3.16
CA LEU B 10 0.87 1.85 -3.33
C LEU B 10 -0.62 2.12 -3.12
N GLN B 11 -1.44 1.24 -3.67
CA GLN B 11 -2.89 1.34 -3.53
C GLN B 11 -3.30 1.14 -2.07
N CYS B 12 -2.69 0.16 -1.43
CA CYS B 12 -2.98 -0.16 -0.04
C CYS B 12 -2.63 1.02 0.87
N VAL B 13 -1.39 1.47 0.74
CA VAL B 13 -0.89 2.63 1.48
C VAL B 13 -1.86 3.81 1.38
N ARG B 14 -2.20 4.20 0.16
CA ARG B 14 -3.00 5.40 -0.07
C ARG B 14 -4.42 5.24 0.46
N TYR B 15 -4.97 4.03 0.35
CA TYR B 15 -6.30 3.77 0.84
C TYR B 15 -6.33 3.93 2.36
N ILE B 16 -5.31 3.40 3.03
CA ILE B 16 -5.24 3.45 4.47
C ILE B 16 -5.05 4.88 4.95
N ILE B 17 -4.02 5.54 4.45
CA ILE B 17 -3.76 6.94 4.77
C ILE B 17 -4.99 7.80 4.48
N LYS B 18 -5.83 7.32 3.58
CA LYS B 18 -6.99 8.08 3.12
C LYS B 18 -8.05 8.21 4.22
N LYS B 19 -8.41 7.11 4.86
CA LYS B 19 -9.46 7.16 5.87
C LYS B 19 -8.87 7.10 7.28
N ASP B 20 -7.63 6.67 7.38
CA ASP B 20 -7.02 6.49 8.69
C ASP B 20 -6.32 7.76 9.17
N PHE B 21 -5.45 8.30 8.33
CA PHE B 21 -4.62 9.43 8.73
C PHE B 21 -5.16 10.76 8.22
N PHE B 22 -4.84 11.10 6.98
CA PHE B 22 -5.08 12.46 6.49
C PHE B 22 -6.16 12.52 5.43
N GLY B 23 -6.06 11.64 4.44
CA GLY B 23 -6.96 11.71 3.29
C GLY B 23 -6.35 12.47 2.14
N LEU B 24 -5.04 12.68 2.21
CA LEU B 24 -4.32 13.48 1.21
C LEU B 24 -4.13 12.75 -0.11
N ASP B 25 -3.57 13.48 -1.07
CA ASP B 25 -3.25 12.95 -2.39
C ASP B 25 -1.95 13.58 -2.87
N THR B 26 -0.92 13.53 -2.04
CA THR B 26 0.31 14.26 -2.28
C THR B 26 0.93 13.90 -3.63
N ASN B 27 0.99 12.61 -3.93
CA ASN B 27 1.57 12.17 -5.18
C ASN B 27 0.47 12.01 -6.22
N SER B 28 0.15 13.12 -6.88
CA SER B 28 -0.88 13.14 -7.90
C SER B 28 -0.51 14.12 -9.00
N ALA B 29 -0.59 13.68 -10.25
CA ALA B 29 -0.24 14.51 -11.37
C ALA B 29 -1.47 15.22 -11.93
N LYS B 30 -2.61 15.02 -11.28
CA LYS B 30 -3.86 15.64 -11.72
C LYS B 30 -3.98 17.07 -11.21
N SER B 31 -2.95 17.87 -11.42
CA SER B 31 -2.96 19.25 -11.00
C SER B 31 -3.61 20.13 -12.07
N LYS B 32 -4.88 19.85 -12.34
CA LYS B 32 -5.62 20.55 -13.38
C LYS B 32 -6.97 20.99 -12.85
N ASP B 33 -7.02 21.33 -11.57
CA ASP B 33 -8.26 21.80 -10.95
C ASP B 33 -8.29 23.32 -10.93
N VAL B 34 -7.20 23.93 -11.36
CA VAL B 34 -7.11 25.38 -11.43
C VAL B 34 -7.80 25.89 -12.69
N GLY A 1 -5.38 -3.42 -22.42
CA GLY A 1 -5.93 -4.74 -22.03
C GLY A 1 -6.27 -4.81 -20.56
N PRO A 2 -6.20 -5.99 -19.95
CA PRO A 2 -6.52 -6.20 -18.53
C PRO A 2 -5.39 -5.71 -17.61
N HIS A 3 -5.32 -4.39 -17.43
CA HIS A 3 -4.32 -3.79 -16.55
C HIS A 3 -4.74 -3.92 -15.09
N MET A 4 -4.76 -5.15 -14.61
CA MET A 4 -5.22 -5.44 -13.25
C MET A 4 -4.10 -5.23 -12.23
N ASP A 5 -3.26 -4.24 -12.49
CA ASP A 5 -2.25 -3.83 -11.53
C ASP A 5 -2.90 -2.91 -10.50
N ARG A 6 -3.92 -2.21 -10.95
CA ARG A 6 -4.70 -1.36 -10.08
C ARG A 6 -5.72 -2.20 -9.32
N VAL A 7 -5.85 -1.95 -8.04
CA VAL A 7 -6.70 -2.75 -7.20
C VAL A 7 -8.03 -2.06 -6.97
N SER A 8 -9.10 -2.83 -7.12
CA SER A 8 -10.45 -2.34 -6.85
C SER A 8 -10.53 -1.80 -5.42
N LEU A 9 -11.15 -0.62 -5.30
CA LEU A 9 -11.24 0.08 -4.02
C LEU A 9 -11.97 -0.79 -3.01
N GLN A 10 -12.91 -1.58 -3.48
CA GLN A 10 -13.64 -2.51 -2.63
C GLN A 10 -12.67 -3.52 -1.99
N ASN A 11 -11.70 -3.99 -2.77
CA ASN A 11 -10.69 -4.92 -2.28
C ASN A 11 -9.83 -4.24 -1.22
N LEU A 12 -9.47 -2.99 -1.50
CA LEU A 12 -8.63 -2.22 -0.61
C LEU A 12 -9.35 -1.94 0.70
N LYS A 13 -10.67 -1.77 0.62
CA LYS A 13 -11.48 -1.48 1.80
C LYS A 13 -11.45 -2.60 2.83
N ASN A 14 -11.17 -3.83 2.39
CA ASN A 14 -11.10 -4.97 3.30
C ASN A 14 -9.82 -4.91 4.13
N LEU A 15 -8.84 -4.13 3.67
CA LEU A 15 -7.56 -4.01 4.37
C LEU A 15 -7.78 -3.41 5.76
N GLY A 16 -8.63 -2.40 5.82
CA GLY A 16 -8.94 -1.77 7.08
C GLY A 16 -9.77 -2.66 7.99
N GLU A 17 -10.40 -3.67 7.41
CA GLU A 17 -11.25 -4.58 8.17
C GLU A 17 -10.42 -5.72 8.75
N SER A 18 -9.30 -6.00 8.11
CA SER A 18 -8.42 -7.08 8.55
C SER A 18 -7.77 -6.73 9.88
N ALA A 19 -8.21 -7.42 10.93
CA ALA A 19 -7.68 -7.21 12.27
C ALA A 19 -6.20 -7.53 12.33
N THR A 20 -5.75 -8.38 11.41
CA THR A 20 -4.34 -8.74 11.34
C THR A 20 -3.53 -7.60 10.72
N LEU A 21 -4.00 -7.08 9.59
CA LEU A 21 -3.26 -6.08 8.84
C LEU A 21 -3.17 -4.78 9.63
N ARG A 22 -4.32 -4.31 10.13
CA ARG A 22 -4.36 -3.06 10.87
C ARG A 22 -3.47 -3.13 12.11
N SER A 23 -3.30 -4.33 12.66
CA SER A 23 -2.49 -4.50 13.85
C SER A 23 -1.02 -4.20 13.54
N LEU A 24 -0.65 -4.37 12.28
CA LEU A 24 0.70 -4.06 11.85
C LEU A 24 0.87 -2.55 11.73
N LEU A 25 -0.22 -1.89 11.34
CA LEU A 25 -0.25 -0.43 11.22
C LEU A 25 -0.10 0.23 12.59
N LEU A 26 -0.30 -0.55 13.64
CA LEU A 26 -0.09 -0.10 15.01
C LEU A 26 1.40 0.13 15.28
N ASN A 27 2.24 -0.38 14.39
CA ASN A 27 3.67 -0.15 14.48
C ASN A 27 4.00 1.24 13.94
N PRO A 28 4.53 2.12 14.82
CA PRO A 28 4.81 3.52 14.47
C PRO A 28 5.80 3.65 13.33
N HIS A 29 6.65 2.64 13.17
CA HIS A 29 7.62 2.63 12.09
C HIS A 29 6.94 2.32 10.76
N LEU A 30 6.08 1.31 10.74
CA LEU A 30 5.43 0.87 9.52
C LEU A 30 4.51 1.96 8.98
N ARG A 31 3.82 2.65 9.88
CA ARG A 31 2.90 3.70 9.48
C ARG A 31 3.68 4.86 8.88
N GLN A 32 4.89 5.08 9.41
CA GLN A 32 5.76 6.10 8.93
C GLN A 32 6.29 5.75 7.55
N LEU A 33 6.54 4.46 7.32
CA LEU A 33 6.94 3.97 6.01
C LEU A 33 5.89 4.32 4.98
N MET A 34 4.66 3.92 5.26
CA MET A 34 3.53 4.17 4.37
C MET A 34 3.38 5.66 4.08
N VAL A 35 3.38 6.47 5.13
CA VAL A 35 3.23 7.91 5.00
C VAL A 35 4.34 8.51 4.13
N ASN A 36 5.56 8.02 4.32
CA ASN A 36 6.70 8.45 3.51
C ASN A 36 6.47 8.14 2.04
N LEU A 37 6.03 6.92 1.77
CA LEU A 37 5.79 6.44 0.42
C LEU A 37 4.67 7.24 -0.25
N ASP A 38 3.64 7.58 0.53
CA ASP A 38 2.49 8.33 0.02
C ASP A 38 2.91 9.72 -0.46
N GLN A 39 3.87 10.31 0.25
CA GLN A 39 4.37 11.64 -0.12
C GLN A 39 5.02 11.60 -1.50
N GLY A 40 5.53 10.42 -1.82
CA GLY A 40 6.03 10.15 -3.16
C GLY A 40 7.30 10.89 -3.49
N GLU A 41 8.10 11.20 -2.48
CA GLU A 41 9.36 11.91 -2.68
C GLU A 41 10.25 11.13 -3.65
N ASP A 42 10.50 9.87 -3.33
CA ASP A 42 11.23 8.97 -4.21
C ASP A 42 10.78 7.55 -3.97
N LYS A 43 9.62 7.23 -4.50
CA LYS A 43 9.03 5.90 -4.40
C LYS A 43 10.01 4.82 -4.90
N ALA A 44 10.94 5.21 -5.75
CA ALA A 44 11.87 4.27 -6.37
C ALA A 44 12.72 3.54 -5.32
N LYS A 45 13.35 4.30 -4.44
CA LYS A 45 14.11 3.70 -3.35
C LYS A 45 13.18 3.07 -2.33
N LEU A 46 12.19 3.84 -1.89
CA LEU A 46 11.27 3.42 -0.84
C LEU A 46 10.65 2.05 -1.11
N MET A 47 10.18 1.84 -2.35
CA MET A 47 9.56 0.56 -2.71
C MET A 47 10.47 -0.62 -2.40
N ARG A 48 11.74 -0.50 -2.76
CA ARG A 48 12.69 -1.58 -2.59
C ARG A 48 13.27 -1.58 -1.18
N ALA A 49 13.45 -0.40 -0.62
CA ALA A 49 14.03 -0.24 0.71
C ALA A 49 13.03 -0.65 1.80
N TYR A 50 11.77 -0.75 1.45
CA TYR A 50 10.75 -1.18 2.41
C TYR A 50 10.60 -2.69 2.36
N MET A 51 10.91 -3.28 1.22
CA MET A 51 10.75 -4.72 1.04
C MET A 51 11.90 -5.49 1.66
N GLN A 52 12.77 -4.79 2.38
CA GLN A 52 13.91 -5.45 3.00
C GLN A 52 13.67 -5.65 4.49
N GLU A 53 12.78 -4.85 5.06
CA GLU A 53 12.53 -4.87 6.49
C GLU A 53 11.23 -5.61 6.81
N PRO A 54 11.26 -6.43 7.88
CA PRO A 54 10.17 -7.36 8.24
C PRO A 54 8.86 -6.66 8.60
N LEU A 55 8.91 -5.36 8.83
CA LEU A 55 7.70 -4.63 9.17
C LEU A 55 6.84 -4.36 7.94
N PHE A 56 7.47 -4.06 6.81
CA PHE A 56 6.74 -3.68 5.61
C PHE A 56 6.46 -4.91 4.77
N VAL A 57 7.39 -5.85 4.78
CA VAL A 57 7.25 -7.09 4.03
C VAL A 57 5.97 -7.82 4.41
N GLU A 58 5.77 -8.02 5.70
CA GLU A 58 4.59 -8.70 6.22
C GLU A 58 3.35 -7.88 5.96
N PHE A 59 3.50 -6.56 6.04
CA PHE A 59 2.41 -5.64 5.69
C PHE A 59 1.97 -5.92 4.26
N ALA A 60 2.95 -5.95 3.36
CA ALA A 60 2.69 -6.24 1.96
C ALA A 60 2.13 -7.64 1.80
N ASP A 61 2.78 -8.60 2.44
CA ASP A 61 2.40 -10.01 2.32
C ASP A 61 0.97 -10.23 2.77
N CYS A 62 0.55 -9.44 3.74
CA CYS A 62 -0.80 -9.53 4.28
C CYS A 62 -1.82 -8.91 3.34
N CYS A 63 -1.54 -7.69 2.87
CA CYS A 63 -2.50 -6.95 2.06
C CYS A 63 -2.71 -7.63 0.72
N LEU A 64 -1.67 -8.30 0.22
CA LEU A 64 -1.74 -9.00 -1.05
C LEU A 64 -2.83 -10.07 -1.01
N GLY A 65 -2.84 -10.85 0.06
CA GLY A 65 -3.79 -11.94 0.17
C GLY A 65 -5.22 -11.46 0.30
N ILE A 66 -5.37 -10.26 0.85
CA ILE A 66 -6.68 -9.68 1.06
C ILE A 66 -7.25 -9.15 -0.25
N VAL A 67 -6.40 -8.49 -1.04
CA VAL A 67 -6.86 -7.83 -2.25
C VAL A 67 -6.79 -8.76 -3.47
N GLU A 68 -6.42 -10.01 -3.25
CA GLU A 68 -6.39 -11.02 -4.33
C GLU A 68 -7.76 -11.08 -5.01
N PRO A 69 -7.81 -10.69 -6.30
CA PRO A 69 -9.05 -10.69 -7.06
C PRO A 69 -9.51 -12.09 -7.45
N SER A 70 -8.62 -13.05 -7.24
CA SER A 70 -8.88 -14.44 -7.57
C SER A 70 -9.32 -15.22 -6.33
N GLN A 71 -9.67 -16.49 -6.54
CA GLN A 71 -10.15 -17.36 -5.46
C GLN A 71 -11.47 -16.85 -4.92
N ASN A 72 -12.46 -16.84 -5.79
CA ASN A 72 -13.81 -16.35 -5.48
C ASN A 72 -13.83 -14.83 -5.33
N GLU A 73 -14.69 -14.18 -6.10
CA GLU A 73 -14.73 -12.73 -6.16
C GLU A 73 -15.78 -12.15 -5.24
N GLU A 74 -16.52 -13.01 -4.58
CA GLU A 74 -17.62 -12.61 -3.70
C GLU A 74 -17.11 -12.15 -2.33
N SER A 75 -16.04 -11.37 -2.34
CA SER A 75 -15.45 -10.87 -1.11
C SER A 75 -16.15 -9.58 -0.68
N ASP B 1 4.63 -11.76 -9.46
CA ASP B 1 5.52 -10.67 -9.95
C ASP B 1 5.63 -9.57 -8.92
N ILE B 2 6.83 -9.39 -8.39
CA ILE B 2 7.09 -8.37 -7.38
C ILE B 2 6.86 -6.97 -7.97
N ARG B 3 7.19 -6.83 -9.25
CA ARG B 3 6.92 -5.59 -9.98
C ARG B 3 5.44 -5.23 -9.88
N HIS B 4 4.59 -6.24 -9.99
CA HIS B 4 3.16 -6.06 -9.87
C HIS B 4 2.76 -5.83 -8.42
N GLU B 5 3.29 -6.68 -7.54
CA GLU B 5 2.93 -6.63 -6.12
C GLU B 5 3.21 -5.26 -5.51
N ARG B 6 4.39 -4.71 -5.79
CA ARG B 6 4.78 -3.43 -5.20
C ARG B 6 3.87 -2.30 -5.65
N ASN B 7 3.32 -2.41 -6.85
CA ASN B 7 2.42 -1.39 -7.36
C ASN B 7 1.07 -1.55 -6.67
N VAL B 8 0.75 -2.80 -6.36
CA VAL B 8 -0.46 -3.15 -5.63
C VAL B 8 -0.40 -2.59 -4.21
N ILE B 9 0.80 -2.61 -3.63
CA ILE B 9 1.01 -2.05 -2.30
C ILE B 9 0.72 -0.57 -2.29
N LEU B 10 1.00 0.10 -3.40
CA LEU B 10 0.73 1.52 -3.55
C LEU B 10 -0.75 1.79 -3.33
N GLN B 11 -1.60 1.02 -3.99
CA GLN B 11 -3.05 1.15 -3.85
C GLN B 11 -3.47 0.95 -2.39
N CYS B 12 -2.81 0.03 -1.72
CA CYS B 12 -3.09 -0.24 -0.31
C CYS B 12 -2.77 1.00 0.53
N VAL B 13 -1.52 1.42 0.46
CA VAL B 13 -1.06 2.64 1.12
C VAL B 13 -1.96 3.83 0.79
N ARG B 14 -2.33 3.98 -0.48
CA ARG B 14 -3.14 5.10 -0.94
C ARG B 14 -4.51 5.09 -0.28
N TYR B 15 -5.11 3.91 -0.22
CA TYR B 15 -6.42 3.75 0.37
C TYR B 15 -6.38 4.02 1.87
N ILE B 16 -5.44 3.36 2.54
CA ILE B 16 -5.36 3.42 3.99
C ILE B 16 -5.12 4.83 4.46
N ILE B 17 -4.03 5.43 4.02
CA ILE B 17 -3.66 6.77 4.44
C ILE B 17 -4.76 7.77 4.08
N LYS B 18 -5.55 7.44 3.09
CA LYS B 18 -6.60 8.33 2.62
C LYS B 18 -7.66 8.57 3.68
N LYS B 19 -8.05 7.51 4.37
CA LYS B 19 -9.08 7.63 5.40
C LYS B 19 -8.55 7.35 6.79
N ASP B 20 -7.36 6.77 6.87
CA ASP B 20 -6.75 6.45 8.17
C ASP B 20 -5.91 7.59 8.71
N PHE B 21 -5.17 8.26 7.83
CA PHE B 21 -4.25 9.30 8.28
C PHE B 21 -4.62 10.68 7.75
N PHE B 22 -4.08 11.05 6.61
CA PHE B 22 -4.26 12.40 6.10
C PHE B 22 -5.10 12.40 4.83
N GLY B 23 -4.74 11.54 3.88
CA GLY B 23 -5.43 11.52 2.62
C GLY B 23 -5.26 12.80 1.84
N LEU B 24 -4.02 13.26 1.78
CA LEU B 24 -3.69 14.48 1.05
C LEU B 24 -3.80 14.26 -0.45
N ASP B 25 -4.34 15.24 -1.15
CA ASP B 25 -4.54 15.13 -2.59
C ASP B 25 -3.66 16.10 -3.36
N THR B 26 -3.45 17.28 -2.78
CA THR B 26 -2.68 18.31 -3.45
C THR B 26 -1.60 18.87 -2.52
N ASN B 27 -1.21 18.07 -1.55
CA ASN B 27 -0.24 18.52 -0.56
C ASN B 27 1.02 17.69 -0.61
N SER B 28 2.06 18.26 -1.18
CA SER B 28 3.36 17.61 -1.24
C SER B 28 4.21 18.01 -0.04
N ALA B 29 5.05 17.10 0.42
CA ALA B 29 5.89 17.36 1.58
C ALA B 29 7.37 17.24 1.21
N LYS B 30 7.65 17.38 -0.07
CA LYS B 30 9.01 17.28 -0.58
C LYS B 30 9.75 18.61 -0.44
N SER B 31 11.06 18.56 -0.54
CA SER B 31 11.89 19.76 -0.50
C SER B 31 13.26 19.46 -1.09
N LYS B 32 14.04 20.52 -1.32
CA LYS B 32 15.36 20.41 -1.93
C LYS B 32 15.30 19.67 -3.25
N ASP B 33 14.61 20.27 -4.23
CA ASP B 33 14.48 19.66 -5.54
C ASP B 33 15.84 19.52 -6.21
N VAL B 34 16.67 20.53 -6.04
CA VAL B 34 18.01 20.54 -6.63
C VAL B 34 19.05 20.75 -5.53
N GLY A 1 -6.73 -13.30 -14.47
CA GLY A 1 -6.35 -12.83 -15.82
C GLY A 1 -4.86 -12.59 -15.96
N PRO A 2 -4.33 -12.57 -17.18
CA PRO A 2 -2.90 -12.37 -17.42
C PRO A 2 -2.41 -11.01 -16.92
N HIS A 3 -3.27 -10.01 -16.98
CA HIS A 3 -2.92 -8.67 -16.52
C HIS A 3 -3.97 -8.17 -15.55
N MET A 4 -3.56 -7.97 -14.29
CA MET A 4 -4.45 -7.44 -13.27
C MET A 4 -3.64 -6.77 -12.18
N ASP A 5 -2.98 -5.67 -12.53
CA ASP A 5 -2.10 -5.00 -11.59
C ASP A 5 -2.86 -3.96 -10.77
N ARG A 6 -3.93 -3.43 -11.33
CA ARG A 6 -4.72 -2.43 -10.64
C ARG A 6 -5.83 -3.12 -9.82
N VAL A 7 -5.96 -2.70 -8.58
CA VAL A 7 -6.88 -3.32 -7.65
C VAL A 7 -8.09 -2.42 -7.41
N SER A 8 -9.27 -3.03 -7.39
CA SER A 8 -10.51 -2.31 -7.15
C SER A 8 -10.58 -1.87 -5.68
N LEU A 9 -11.19 -0.71 -5.46
CA LEU A 9 -11.28 -0.11 -4.13
C LEU A 9 -12.00 -1.03 -3.17
N GLN A 10 -12.95 -1.80 -3.67
CA GLN A 10 -13.69 -2.75 -2.85
C GLN A 10 -12.72 -3.72 -2.15
N ASN A 11 -11.69 -4.13 -2.87
CA ASN A 11 -10.69 -5.05 -2.32
C ASN A 11 -9.84 -4.33 -1.28
N LEU A 12 -9.51 -3.08 -1.58
CA LEU A 12 -8.67 -2.28 -0.70
C LEU A 12 -9.42 -1.94 0.58
N LYS A 13 -10.73 -1.82 0.49
CA LYS A 13 -11.57 -1.53 1.65
C LYS A 13 -11.47 -2.62 2.71
N ASN A 14 -11.19 -3.84 2.29
CA ASN A 14 -11.10 -4.98 3.21
C ASN A 14 -9.84 -4.91 4.07
N LEU A 15 -8.88 -4.09 3.64
CA LEU A 15 -7.60 -3.98 4.34
C LEU A 15 -7.79 -3.62 5.80
N GLY A 16 -8.46 -2.50 6.06
CA GLY A 16 -8.69 -2.07 7.42
C GLY A 16 -9.59 -3.02 8.21
N GLU A 17 -10.37 -3.82 7.49
CA GLU A 17 -11.28 -4.78 8.12
C GLU A 17 -10.54 -6.03 8.55
N SER A 18 -9.37 -6.25 7.95
CA SER A 18 -8.58 -7.43 8.23
C SER A 18 -7.82 -7.27 9.55
N ALA A 19 -8.04 -8.20 10.45
CA ALA A 19 -7.51 -8.12 11.81
C ALA A 19 -6.00 -8.17 11.83
N THR A 20 -5.40 -8.82 10.83
CA THR A 20 -3.95 -8.96 10.78
C THR A 20 -3.31 -7.64 10.36
N LEU A 21 -3.93 -6.97 9.40
CA LEU A 21 -3.33 -5.80 8.80
C LEU A 21 -3.37 -4.63 9.78
N ARG A 22 -4.53 -4.38 10.35
CA ARG A 22 -4.68 -3.30 11.30
C ARG A 22 -3.71 -3.44 12.47
N SER A 23 -3.42 -4.68 12.84
CA SER A 23 -2.54 -4.97 13.97
C SER A 23 -1.12 -4.47 13.73
N LEU A 24 -0.59 -4.65 12.53
CA LEU A 24 0.76 -4.20 12.25
C LEU A 24 0.79 -2.75 11.78
N LEU A 25 -0.35 -2.23 11.31
CA LEU A 25 -0.50 -0.81 11.03
C LEU A 25 -0.39 0.00 12.32
N LEU A 26 -0.62 -0.67 13.44
CA LEU A 26 -0.53 -0.05 14.75
C LEU A 26 0.92 0.24 15.11
N ASN A 27 1.84 -0.32 14.35
CA ASN A 27 3.26 -0.04 14.53
C ASN A 27 3.61 1.29 13.91
N PRO A 28 4.09 2.24 14.73
CA PRO A 28 4.43 3.60 14.30
C PRO A 28 5.45 3.62 13.17
N HIS A 29 6.37 2.67 13.17
CA HIS A 29 7.39 2.61 12.13
C HIS A 29 6.76 2.28 10.79
N LEU A 30 5.92 1.24 10.77
CA LEU A 30 5.31 0.78 9.53
C LEU A 30 4.43 1.86 8.91
N ARG A 31 3.67 2.54 9.75
CA ARG A 31 2.77 3.58 9.25
C ARG A 31 3.58 4.74 8.68
N GLN A 32 4.74 5.02 9.28
CA GLN A 32 5.63 6.04 8.78
C GLN A 32 6.23 5.63 7.44
N LEU A 33 6.38 4.34 7.23
CA LEU A 33 6.91 3.83 5.99
C LEU A 33 5.91 4.08 4.89
N MET A 34 4.70 3.61 5.15
CA MET A 34 3.60 3.77 4.25
C MET A 34 3.35 5.26 3.94
N VAL A 35 3.42 6.10 4.97
CA VAL A 35 3.27 7.54 4.81
C VAL A 35 4.37 8.11 3.92
N ASN A 36 5.61 7.72 4.20
CA ASN A 36 6.77 8.19 3.44
C ASN A 36 6.67 7.75 1.98
N LEU A 37 6.24 6.52 1.77
CA LEU A 37 6.07 5.98 0.42
C LEU A 37 5.03 6.77 -0.35
N ASP A 38 3.99 7.19 0.35
CA ASP A 38 2.88 7.95 -0.24
C ASP A 38 3.35 9.28 -0.79
N GLN A 39 4.32 9.88 -0.11
CA GLN A 39 4.84 11.20 -0.51
C GLN A 39 5.39 11.16 -1.93
N GLY A 40 5.82 9.97 -2.34
CA GLY A 40 6.17 9.72 -3.72
C GLY A 40 7.38 10.51 -4.19
N GLU A 41 8.16 11.02 -3.25
CA GLU A 41 9.29 11.87 -3.58
C GLU A 41 10.41 11.03 -4.16
N ASP A 42 10.64 9.89 -3.55
CA ASP A 42 11.58 8.92 -4.08
C ASP A 42 11.12 7.53 -3.69
N LYS A 43 9.86 7.26 -3.98
CA LYS A 43 9.27 5.95 -3.76
C LYS A 43 10.06 4.88 -4.51
N ALA A 44 10.82 5.32 -5.52
CA ALA A 44 11.64 4.43 -6.32
C ALA A 44 12.62 3.66 -5.46
N LYS A 45 13.41 4.36 -4.65
CA LYS A 45 14.37 3.70 -3.77
C LYS A 45 13.67 3.16 -2.53
N LEU A 46 12.58 3.80 -2.14
CA LEU A 46 11.83 3.38 -0.96
C LEU A 46 11.25 1.99 -1.16
N MET A 47 10.75 1.71 -2.36
CA MET A 47 10.22 0.38 -2.68
C MET A 47 11.25 -0.71 -2.36
N ARG A 48 12.51 -0.38 -2.55
CA ARG A 48 13.61 -1.31 -2.27
C ARG A 48 13.91 -1.35 -0.78
N ALA A 49 14.06 -0.17 -0.19
CA ALA A 49 14.44 -0.05 1.21
C ALA A 49 13.36 -0.53 2.16
N TYR A 50 12.12 -0.60 1.67
CA TYR A 50 11.01 -1.05 2.50
C TYR A 50 10.91 -2.56 2.49
N MET A 51 11.20 -3.15 1.34
CA MET A 51 11.06 -4.59 1.18
C MET A 51 12.26 -5.33 1.75
N GLN A 52 13.16 -4.59 2.41
CA GLN A 52 14.33 -5.20 3.02
C GLN A 52 14.10 -5.37 4.52
N GLU A 53 13.21 -4.56 5.08
CA GLU A 53 12.88 -4.64 6.49
C GLU A 53 11.55 -5.35 6.71
N PRO A 54 11.51 -6.26 7.70
CA PRO A 54 10.39 -7.17 7.91
C PRO A 54 9.08 -6.47 8.29
N LEU A 55 9.15 -5.19 8.65
CA LEU A 55 7.96 -4.46 9.04
C LEU A 55 7.05 -4.23 7.85
N PHE A 56 7.64 -3.92 6.70
CA PHE A 56 6.87 -3.54 5.52
C PHE A 56 6.58 -4.76 4.68
N VAL A 57 7.50 -5.72 4.72
CA VAL A 57 7.36 -6.93 3.93
C VAL A 57 6.08 -7.68 4.27
N GLU A 58 5.87 -7.91 5.55
CA GLU A 58 4.68 -8.62 6.01
C GLU A 58 3.44 -7.74 5.87
N PHE A 59 3.62 -6.42 5.95
CA PHE A 59 2.54 -5.50 5.67
C PHE A 59 2.07 -5.71 4.24
N ALA A 60 3.02 -5.75 3.34
CA ALA A 60 2.76 -6.00 1.93
C ALA A 60 2.15 -7.37 1.75
N ASP A 61 2.75 -8.36 2.40
CA ASP A 61 2.30 -9.75 2.25
C ASP A 61 0.86 -9.90 2.74
N CYS A 62 0.51 -9.12 3.74
CA CYS A 62 -0.82 -9.14 4.30
C CYS A 62 -1.84 -8.55 3.33
N CYS A 63 -1.55 -7.35 2.84
CA CYS A 63 -2.50 -6.65 1.98
C CYS A 63 -2.69 -7.40 0.66
N LEU A 64 -1.67 -8.15 0.25
CA LEU A 64 -1.76 -8.97 -0.96
C LEU A 64 -2.89 -9.98 -0.83
N GLY A 65 -2.84 -10.77 0.25
CA GLY A 65 -3.81 -11.83 0.44
C GLY A 65 -5.22 -11.29 0.65
N ILE A 66 -5.32 -10.01 0.90
CA ILE A 66 -6.61 -9.37 1.11
C ILE A 66 -7.18 -8.83 -0.20
N VAL A 67 -6.32 -8.44 -1.12
CA VAL A 67 -6.77 -7.84 -2.37
C VAL A 67 -6.69 -8.83 -3.53
N GLU A 68 -5.91 -9.89 -3.35
CA GLU A 68 -5.80 -10.93 -4.35
C GLU A 68 -7.10 -11.70 -4.46
N PRO A 69 -7.71 -11.71 -5.65
CA PRO A 69 -8.96 -12.42 -5.90
C PRO A 69 -8.82 -13.92 -5.67
N SER A 70 -7.59 -14.41 -5.73
CA SER A 70 -7.30 -15.79 -5.42
C SER A 70 -7.25 -15.98 -3.90
N GLN A 71 -8.40 -16.30 -3.32
CA GLN A 71 -8.50 -16.51 -1.88
C GLN A 71 -7.89 -17.86 -1.50
N ASN A 72 -6.99 -17.83 -0.53
CA ASN A 72 -6.41 -19.06 -0.01
C ASN A 72 -7.36 -19.70 0.99
N GLU A 73 -7.55 -21.00 0.87
CA GLU A 73 -8.43 -21.73 1.77
C GLU A 73 -7.76 -21.90 3.13
N GLU A 74 -8.51 -21.61 4.19
CA GLU A 74 -7.96 -21.61 5.53
C GLU A 74 -8.74 -22.58 6.41
N SER A 75 -8.60 -22.41 7.72
CA SER A 75 -9.28 -23.25 8.68
C SER A 75 -10.75 -22.83 8.80
N ASP B 1 3.89 -11.92 -8.37
CA ASP B 1 4.84 -11.09 -9.14
C ASP B 1 5.09 -9.77 -8.44
N ILE B 2 6.36 -9.45 -8.28
CA ILE B 2 6.76 -8.31 -7.46
C ILE B 2 6.32 -6.99 -8.09
N ARG B 3 6.31 -6.92 -9.41
CA ARG B 3 5.86 -5.72 -10.11
C ARG B 3 4.38 -5.49 -9.84
N HIS B 4 3.64 -6.59 -9.77
CA HIS B 4 2.25 -6.54 -9.39
C HIS B 4 2.12 -6.16 -7.93
N GLU B 5 2.79 -6.93 -7.08
CA GLU B 5 2.65 -6.81 -5.63
C GLU B 5 2.98 -5.39 -5.13
N ARG B 6 4.13 -4.86 -5.53
CA ARG B 6 4.58 -3.58 -5.01
C ARG B 6 3.70 -2.41 -5.48
N ASN B 7 3.04 -2.58 -6.62
CA ASN B 7 2.14 -1.55 -7.11
C ASN B 7 0.82 -1.67 -6.38
N VAL B 8 0.50 -2.90 -5.99
CA VAL B 8 -0.65 -3.19 -5.18
C VAL B 8 -0.55 -2.47 -3.84
N ILE B 9 0.68 -2.42 -3.31
CA ILE B 9 0.93 -1.76 -2.03
C ILE B 9 0.62 -0.27 -2.14
N LEU B 10 0.96 0.32 -3.29
CA LEU B 10 0.68 1.73 -3.53
C LEU B 10 -0.81 2.00 -3.43
N GLN B 11 -1.60 1.13 -4.05
CA GLN B 11 -3.06 1.23 -4.00
C GLN B 11 -3.57 1.05 -2.58
N CYS B 12 -2.89 0.23 -1.80
CA CYS B 12 -3.23 0.04 -0.40
C CYS B 12 -2.91 1.30 0.40
N VAL B 13 -1.66 1.74 0.31
CA VAL B 13 -1.19 2.98 0.93
C VAL B 13 -2.15 4.14 0.67
N ARG B 14 -2.52 4.36 -0.59
CA ARG B 14 -3.33 5.50 -0.98
C ARG B 14 -4.72 5.42 -0.33
N TYR B 15 -5.23 4.21 -0.17
CA TYR B 15 -6.53 4.01 0.43
C TYR B 15 -6.45 4.20 1.94
N ILE B 16 -5.48 3.56 2.57
CA ILE B 16 -5.35 3.59 4.02
C ILE B 16 -5.13 5.02 4.49
N ILE B 17 -4.07 5.64 3.99
CA ILE B 17 -3.73 7.00 4.38
C ILE B 17 -4.88 7.97 4.12
N LYS B 18 -5.78 7.60 3.20
CA LYS B 18 -6.90 8.46 2.86
C LYS B 18 -7.85 8.65 4.04
N LYS B 19 -8.22 7.55 4.67
CA LYS B 19 -9.20 7.61 5.75
C LYS B 19 -8.52 7.43 7.10
N ASP B 20 -7.27 6.99 7.08
CA ASP B 20 -6.50 6.84 8.31
C ASP B 20 -5.77 8.12 8.67
N PHE B 21 -5.04 8.69 7.72
CA PHE B 21 -4.16 9.81 8.04
C PHE B 21 -4.52 11.09 7.27
N PHE B 22 -4.00 11.26 6.06
CA PHE B 22 -4.05 12.55 5.38
C PHE B 22 -4.95 12.53 4.14
N GLY B 23 -4.74 11.55 3.27
CA GLY B 23 -5.45 11.53 2.01
C GLY B 23 -4.77 12.38 0.96
N LEU B 24 -3.47 12.18 0.79
CA LEU B 24 -2.72 12.93 -0.20
C LEU B 24 -2.74 12.22 -1.55
N ASP B 25 -2.68 13.02 -2.60
CA ASP B 25 -2.70 12.54 -3.99
C ASP B 25 -4.02 11.82 -4.27
N THR B 26 -5.01 12.10 -3.46
CA THR B 26 -6.30 11.44 -3.55
C THR B 26 -7.41 12.41 -3.20
N ASN B 27 -7.19 13.23 -2.17
CA ASN B 27 -8.14 14.23 -1.75
C ASN B 27 -7.50 15.60 -1.84
N SER B 28 -8.14 16.47 -2.61
CA SER B 28 -7.66 17.84 -2.79
C SER B 28 -7.54 18.55 -1.45
N ALA B 29 -6.35 19.10 -1.18
CA ALA B 29 -6.05 19.74 0.08
C ALA B 29 -6.66 21.13 0.15
N LYS B 30 -7.95 21.18 0.40
CA LYS B 30 -8.69 22.43 0.52
C LYS B 30 -8.58 22.98 1.94
N SER B 31 -7.52 22.58 2.64
CA SER B 31 -7.28 23.04 4.00
C SER B 31 -6.35 24.25 3.98
N LYS B 32 -6.34 24.95 2.86
CA LYS B 32 -5.54 26.16 2.72
C LYS B 32 -6.42 27.36 2.48
N ASP B 33 -6.11 28.45 3.16
CA ASP B 33 -6.87 29.68 3.03
C ASP B 33 -6.40 30.47 1.82
N VAL B 34 -5.13 30.34 1.50
CA VAL B 34 -4.55 31.03 0.36
C VAL B 34 -3.70 30.08 -0.48
N GLY A 1 -6.99 -3.96 -19.89
CA GLY A 1 -6.47 -2.64 -19.46
C GLY A 1 -4.97 -2.65 -19.33
N PRO A 2 -4.28 -1.57 -19.78
CA PRO A 2 -2.82 -1.46 -19.68
C PRO A 2 -2.34 -1.58 -18.24
N HIS A 3 -2.98 -0.83 -17.34
CA HIS A 3 -2.71 -0.95 -15.92
C HIS A 3 -3.76 -1.84 -15.26
N MET A 4 -3.63 -3.14 -15.50
CA MET A 4 -4.54 -4.12 -14.91
C MET A 4 -4.06 -4.50 -13.52
N ASP A 5 -2.91 -3.94 -13.14
CA ASP A 5 -2.32 -4.20 -11.84
C ASP A 5 -2.96 -3.32 -10.78
N ARG A 6 -3.96 -2.54 -11.19
CA ARG A 6 -4.71 -1.69 -10.28
C ARG A 6 -5.69 -2.52 -9.45
N VAL A 7 -5.78 -2.21 -8.17
CA VAL A 7 -6.65 -2.96 -7.27
C VAL A 7 -7.95 -2.22 -7.04
N SER A 8 -9.04 -2.96 -7.03
CA SER A 8 -10.36 -2.39 -6.80
C SER A 8 -10.47 -1.82 -5.40
N LEU A 9 -11.11 -0.65 -5.30
CA LEU A 9 -11.24 0.06 -4.04
C LEU A 9 -11.98 -0.79 -3.02
N GLN A 10 -12.93 -1.59 -3.50
CA GLN A 10 -13.67 -2.48 -2.62
C GLN A 10 -12.74 -3.52 -1.98
N ASN A 11 -11.80 -4.02 -2.76
CA ASN A 11 -10.81 -4.96 -2.25
C ASN A 11 -9.95 -4.29 -1.20
N LEU A 12 -9.59 -3.04 -1.48
CA LEU A 12 -8.74 -2.27 -0.59
C LEU A 12 -9.46 -1.94 0.71
N LYS A 13 -10.77 -1.77 0.62
CA LYS A 13 -11.58 -1.46 1.80
C LYS A 13 -11.51 -2.57 2.85
N ASN A 14 -11.13 -3.77 2.44
CA ASN A 14 -11.01 -4.89 3.37
C ASN A 14 -9.73 -4.79 4.21
N LEU A 15 -8.78 -3.98 3.73
CA LEU A 15 -7.48 -3.86 4.38
C LEU A 15 -7.61 -3.31 5.80
N GLY A 16 -8.35 -2.22 5.93
CA GLY A 16 -8.54 -1.61 7.25
C GLY A 16 -9.42 -2.45 8.15
N GLU A 17 -10.13 -3.41 7.55
CA GLU A 17 -11.03 -4.27 8.30
C GLU A 17 -10.31 -5.53 8.78
N SER A 18 -9.22 -5.87 8.10
CA SER A 18 -8.44 -7.04 8.43
C SER A 18 -7.74 -6.86 9.78
N ALA A 19 -8.11 -7.70 10.74
CA ALA A 19 -7.56 -7.62 12.08
C ALA A 19 -6.06 -7.89 12.07
N THR A 20 -5.63 -8.69 11.12
CA THR A 20 -4.23 -9.06 11.02
C THR A 20 -3.40 -7.93 10.43
N LEU A 21 -3.97 -7.23 9.47
CA LEU A 21 -3.25 -6.16 8.79
C LEU A 21 -3.16 -4.93 9.68
N ARG A 22 -4.28 -4.55 10.27
CA ARG A 22 -4.32 -3.38 11.15
C ARG A 22 -3.38 -3.57 12.34
N SER A 23 -3.20 -4.80 12.77
CA SER A 23 -2.34 -5.10 13.92
C SER A 23 -0.88 -4.79 13.58
N LEU A 24 -0.58 -4.77 12.29
CA LEU A 24 0.76 -4.45 11.83
C LEU A 24 0.94 -2.94 11.81
N LEU A 25 -0.14 -2.22 11.54
CA LEU A 25 -0.12 -0.76 11.52
C LEU A 25 0.04 -0.20 12.93
N LEU A 26 -0.07 -1.07 13.92
CA LEU A 26 0.18 -0.69 15.32
C LEU A 26 1.66 -0.36 15.52
N ASN A 27 2.48 -0.67 14.54
CA ASN A 27 3.88 -0.28 14.55
C ASN A 27 4.02 1.13 13.98
N PRO A 28 4.43 2.09 14.82
CA PRO A 28 4.63 3.49 14.40
C PRO A 28 5.57 3.61 13.21
N HIS A 29 6.52 2.69 13.11
CA HIS A 29 7.45 2.68 11.99
C HIS A 29 6.73 2.33 10.68
N LEU A 30 5.87 1.31 10.71
CA LEU A 30 5.20 0.85 9.51
C LEU A 30 4.24 1.90 8.97
N ARG A 31 3.56 2.59 9.87
CA ARG A 31 2.62 3.63 9.44
C ARG A 31 3.38 4.79 8.81
N GLN A 32 4.59 5.02 9.28
CA GLN A 32 5.44 6.06 8.72
C GLN A 32 5.98 5.64 7.36
N LEU A 33 6.22 4.35 7.18
CA LEU A 33 6.65 3.81 5.90
C LEU A 33 5.64 4.14 4.81
N MET A 34 4.37 3.83 5.07
CA MET A 34 3.31 4.13 4.12
C MET A 34 3.28 5.62 3.80
N VAL A 35 3.28 6.44 4.84
CA VAL A 35 3.22 7.88 4.68
C VAL A 35 4.41 8.39 3.86
N ASN A 36 5.61 7.91 4.20
CA ASN A 36 6.82 8.32 3.49
C ASN A 36 6.75 7.95 2.01
N LEU A 37 6.36 6.71 1.74
CA LEU A 37 6.25 6.20 0.37
C LEU A 37 5.18 6.99 -0.40
N ASP A 38 4.12 7.35 0.31
CA ASP A 38 2.98 8.03 -0.29
C ASP A 38 3.35 9.43 -0.76
N GLN A 39 4.27 10.09 -0.05
CA GLN A 39 4.70 11.43 -0.41
C GLN A 39 5.30 11.45 -1.80
N GLY A 40 5.87 10.31 -2.18
CA GLY A 40 6.30 10.10 -3.55
C GLY A 40 7.49 10.94 -3.97
N GLU A 41 8.36 11.28 -3.03
CA GLU A 41 9.57 12.03 -3.35
C GLU A 41 10.59 11.10 -3.98
N ASP A 42 10.91 10.02 -3.28
CA ASP A 42 11.86 9.04 -3.78
C ASP A 42 11.28 7.64 -3.65
N LYS A 43 10.00 7.54 -3.97
CA LYS A 43 9.27 6.28 -3.96
C LYS A 43 10.02 5.16 -4.68
N ALA A 44 10.80 5.52 -5.70
CA ALA A 44 11.53 4.56 -6.51
C ALA A 44 12.41 3.66 -5.65
N LYS A 45 13.32 4.26 -4.88
CA LYS A 45 14.23 3.50 -4.05
C LYS A 45 13.55 3.05 -2.76
N LEU A 46 12.55 3.81 -2.33
CA LEU A 46 11.80 3.45 -1.12
C LEU A 46 11.09 2.11 -1.32
N MET A 47 10.51 1.91 -2.50
CA MET A 47 9.84 0.65 -2.81
C MET A 47 10.74 -0.55 -2.52
N ARG A 48 12.02 -0.39 -2.84
CA ARG A 48 12.99 -1.46 -2.64
C ARG A 48 13.46 -1.49 -1.20
N ALA A 49 13.74 -0.31 -0.65
CA ALA A 49 14.24 -0.19 0.72
C ALA A 49 13.22 -0.70 1.73
N TYR A 50 11.94 -0.64 1.38
CA TYR A 50 10.88 -1.08 2.29
C TYR A 50 10.73 -2.59 2.26
N MET A 51 11.23 -3.22 1.20
CA MET A 51 11.09 -4.67 1.04
C MET A 51 12.08 -5.42 1.92
N GLN A 52 12.94 -4.70 2.60
CA GLN A 52 13.91 -5.31 3.50
C GLN A 52 13.45 -5.18 4.96
N GLU A 53 12.39 -4.41 5.16
CA GLU A 53 11.91 -4.11 6.49
C GLU A 53 10.82 -5.09 6.88
N PRO A 54 11.03 -5.89 7.93
CA PRO A 54 10.09 -6.94 8.35
C PRO A 54 8.70 -6.39 8.62
N LEU A 55 8.63 -5.09 8.93
CA LEU A 55 7.35 -4.46 9.21
C LEU A 55 6.54 -4.31 7.93
N PHE A 56 7.22 -3.91 6.87
CA PHE A 56 6.58 -3.67 5.60
C PHE A 56 6.39 -4.98 4.84
N VAL A 57 7.31 -5.92 5.06
CA VAL A 57 7.22 -7.23 4.44
C VAL A 57 5.94 -7.95 4.91
N GLU A 58 5.67 -7.87 6.22
CA GLU A 58 4.46 -8.45 6.77
C GLU A 58 3.23 -7.72 6.24
N PHE A 59 3.34 -6.39 6.18
CA PHE A 59 2.27 -5.56 5.68
C PHE A 59 1.92 -5.96 4.25
N ALA A 60 2.95 -6.08 3.42
CA ALA A 60 2.79 -6.41 2.02
C ALA A 60 2.18 -7.79 1.83
N ASP A 61 2.72 -8.78 2.53
CA ASP A 61 2.30 -10.16 2.35
C ASP A 61 0.86 -10.35 2.80
N CYS A 62 0.45 -9.51 3.74
CA CYS A 62 -0.90 -9.55 4.26
C CYS A 62 -1.89 -8.87 3.31
N CYS A 63 -1.55 -7.67 2.86
CA CYS A 63 -2.46 -6.89 2.04
C CYS A 63 -2.70 -7.59 0.70
N LEU A 64 -1.71 -8.35 0.24
CA LEU A 64 -1.85 -9.10 -1.01
C LEU A 64 -3.03 -10.06 -0.94
N GLY A 65 -3.05 -10.88 0.10
CA GLY A 65 -4.07 -11.91 0.23
C GLY A 65 -5.45 -11.32 0.44
N ILE A 66 -5.49 -10.04 0.80
CA ILE A 66 -6.74 -9.35 1.03
C ILE A 66 -7.28 -8.75 -0.27
N VAL A 67 -6.39 -8.45 -1.20
CA VAL A 67 -6.82 -7.83 -2.45
C VAL A 67 -6.83 -8.84 -3.60
N GLU A 68 -6.21 -9.99 -3.39
CA GLU A 68 -6.21 -11.06 -4.38
C GLU A 68 -7.59 -11.69 -4.45
N PRO A 69 -8.24 -11.61 -5.63
CA PRO A 69 -9.55 -12.22 -5.86
C PRO A 69 -9.52 -13.73 -5.72
N SER A 70 -8.33 -14.29 -5.86
CA SER A 70 -8.13 -15.71 -5.63
C SER A 70 -8.07 -15.99 -4.13
N GLN A 71 -9.14 -16.54 -3.59
CA GLN A 71 -9.21 -16.84 -2.16
C GLN A 71 -8.22 -17.95 -1.80
N ASN A 72 -7.54 -17.76 -0.68
CA ASN A 72 -6.61 -18.75 -0.18
C ASN A 72 -7.33 -20.03 0.22
N GLU A 73 -6.88 -21.14 -0.32
CA GLU A 73 -7.48 -22.43 -0.04
C GLU A 73 -7.16 -22.86 1.39
N GLU A 74 -8.19 -23.23 2.12
CA GLU A 74 -8.05 -23.59 3.51
C GLU A 74 -8.98 -24.74 3.85
N SER A 75 -8.46 -25.95 3.76
CA SER A 75 -9.23 -27.15 4.05
C SER A 75 -9.37 -27.33 5.56
N ASP B 1 4.37 -11.66 -8.53
CA ASP B 1 5.29 -10.83 -9.33
C ASP B 1 5.54 -9.52 -8.63
N ILE B 2 6.80 -9.25 -8.31
CA ILE B 2 7.19 -8.08 -7.53
C ILE B 2 6.79 -6.79 -8.22
N ARG B 3 6.88 -6.76 -9.54
CA ARG B 3 6.45 -5.58 -10.31
C ARG B 3 4.97 -5.29 -10.04
N HIS B 4 4.18 -6.35 -10.00
CA HIS B 4 2.76 -6.27 -9.70
C HIS B 4 2.53 -5.91 -8.24
N GLU B 5 3.20 -6.65 -7.35
CA GLU B 5 2.97 -6.54 -5.92
C GLU B 5 3.30 -5.15 -5.39
N ARG B 6 4.45 -4.61 -5.76
CA ARG B 6 4.89 -3.30 -5.24
C ARG B 6 3.88 -2.21 -5.57
N ASN B 7 3.27 -2.30 -6.75
CA ASN B 7 2.31 -1.29 -7.16
C ASN B 7 0.99 -1.53 -6.43
N VAL B 8 0.78 -2.78 -6.08
CA VAL B 8 -0.39 -3.19 -5.33
C VAL B 8 -0.28 -2.72 -3.88
N ILE B 9 0.93 -2.60 -3.39
CA ILE B 9 1.15 -2.06 -2.06
C ILE B 9 0.81 -0.57 -2.06
N LEU B 10 1.09 0.08 -3.18
CA LEU B 10 0.76 1.49 -3.36
C LEU B 10 -0.75 1.70 -3.23
N GLN B 11 -1.51 0.79 -3.83
CA GLN B 11 -2.97 0.81 -3.72
C GLN B 11 -3.39 0.87 -2.26
N CYS B 12 -2.78 0.00 -1.48
CA CYS B 12 -3.04 -0.11 -0.06
C CYS B 12 -2.69 1.20 0.64
N VAL B 13 -1.46 1.66 0.45
CA VAL B 13 -1.00 2.92 1.01
C VAL B 13 -1.97 4.06 0.67
N ARG B 14 -2.34 4.18 -0.60
CA ARG B 14 -3.19 5.27 -1.07
C ARG B 14 -4.60 5.17 -0.49
N TYR B 15 -5.02 3.95 -0.19
CA TYR B 15 -6.34 3.74 0.38
C TYR B 15 -6.34 4.11 1.86
N ILE B 16 -5.37 3.58 2.60
CA ILE B 16 -5.33 3.75 4.05
C ILE B 16 -5.17 5.21 4.43
N ILE B 17 -4.07 5.80 4.04
CA ILE B 17 -3.76 7.19 4.40
C ILE B 17 -4.89 8.14 3.98
N LYS B 18 -5.66 7.74 2.98
CA LYS B 18 -6.70 8.58 2.43
C LYS B 18 -7.88 8.74 3.38
N LYS B 19 -8.26 7.68 4.07
CA LYS B 19 -9.40 7.75 4.96
C LYS B 19 -8.99 7.55 6.42
N ASP B 20 -7.79 7.03 6.63
CA ASP B 20 -7.31 6.73 7.97
C ASP B 20 -6.55 7.90 8.57
N PHE B 21 -5.47 8.31 7.91
CA PHE B 21 -4.55 9.27 8.47
C PHE B 21 -4.96 10.72 8.18
N PHE B 22 -4.57 11.23 7.02
CA PHE B 22 -4.80 12.64 6.71
C PHE B 22 -5.90 12.80 5.66
N GLY B 23 -5.76 12.05 4.57
CA GLY B 23 -6.74 12.14 3.50
C GLY B 23 -6.36 13.16 2.45
N LEU B 24 -5.15 13.69 2.55
CA LEU B 24 -4.70 14.73 1.66
C LEU B 24 -4.35 14.18 0.28
N ASP B 25 -4.72 14.94 -0.73
CA ASP B 25 -4.42 14.61 -2.12
C ASP B 25 -4.25 15.89 -2.91
N THR B 26 -5.25 16.74 -2.80
CA THR B 26 -5.25 18.04 -3.44
C THR B 26 -4.41 19.04 -2.63
N ASN B 27 -3.14 18.72 -2.46
CA ASN B 27 -2.22 19.56 -1.71
C ASN B 27 -1.07 19.95 -2.60
N SER B 28 -0.49 21.09 -2.30
CA SER B 28 0.51 21.72 -3.16
C SER B 28 1.81 20.94 -3.20
N ALA B 29 1.89 19.88 -2.41
CA ALA B 29 3.06 19.04 -2.39
C ALA B 29 3.02 18.03 -3.51
N LYS B 30 1.82 17.76 -4.00
CA LYS B 30 1.61 16.78 -5.04
C LYS B 30 0.89 17.38 -6.23
N SER B 31 0.84 18.70 -6.27
CA SER B 31 0.12 19.39 -7.32
C SER B 31 1.07 20.17 -8.23
N LYS B 32 1.58 19.49 -9.25
CA LYS B 32 2.44 20.13 -10.24
C LYS B 32 1.60 20.59 -11.41
N ASP B 33 0.30 20.68 -11.17
CA ASP B 33 -0.67 21.08 -12.19
C ASP B 33 -0.36 22.46 -12.74
N VAL B 34 -0.24 23.44 -11.85
CA VAL B 34 0.04 24.81 -12.25
C VAL B 34 1.08 25.44 -11.32
N GLY A 1 -6.67 -7.90 -16.03
CA GLY A 1 -6.09 -6.74 -16.73
C GLY A 1 -4.58 -6.79 -16.75
N PRO A 2 -3.96 -7.12 -17.91
CA PRO A 2 -2.51 -7.14 -18.06
C PRO A 2 -1.92 -5.74 -17.97
N HIS A 3 -2.63 -4.78 -18.52
CA HIS A 3 -2.18 -3.40 -18.48
C HIS A 3 -2.78 -2.68 -17.29
N MET A 4 -4.09 -2.87 -17.09
CA MET A 4 -4.77 -2.32 -15.93
C MET A 4 -4.63 -3.30 -14.75
N ASP A 5 -3.46 -3.29 -14.14
CA ASP A 5 -3.15 -4.25 -13.08
C ASP A 5 -3.51 -3.70 -11.71
N ARG A 6 -3.72 -2.39 -11.63
CA ARG A 6 -4.08 -1.76 -10.36
C ARG A 6 -5.32 -2.43 -9.77
N VAL A 7 -5.20 -2.82 -8.51
CA VAL A 7 -6.24 -3.58 -7.85
C VAL A 7 -7.44 -2.69 -7.51
N SER A 8 -8.62 -3.29 -7.53
CA SER A 8 -9.87 -2.58 -7.29
C SER A 8 -9.97 -2.13 -5.84
N LEU A 9 -10.58 -0.95 -5.66
CA LEU A 9 -10.67 -0.30 -4.35
C LEU A 9 -11.52 -1.12 -3.38
N GLN A 10 -12.45 -1.92 -3.90
CA GLN A 10 -13.26 -2.80 -3.06
C GLN A 10 -12.37 -3.79 -2.31
N ASN A 11 -11.30 -4.21 -2.97
CA ASN A 11 -10.34 -5.12 -2.38
C ASN A 11 -9.53 -4.40 -1.32
N LEU A 12 -9.22 -3.13 -1.59
CA LEU A 12 -8.48 -2.31 -0.64
C LEU A 12 -9.33 -2.03 0.59
N LYS A 13 -10.62 -1.83 0.37
CA LYS A 13 -11.56 -1.57 1.47
C LYS A 13 -11.62 -2.73 2.44
N ASN A 14 -11.20 -3.91 1.99
CA ASN A 14 -11.20 -5.10 2.83
C ASN A 14 -10.05 -5.05 3.83
N LEU A 15 -9.07 -4.19 3.56
CA LEU A 15 -7.89 -4.07 4.42
C LEU A 15 -8.27 -3.50 5.78
N GLY A 16 -9.10 -2.47 5.77
CA GLY A 16 -9.47 -1.79 7.01
C GLY A 16 -10.34 -2.63 7.93
N GLU A 17 -10.88 -3.72 7.40
CA GLU A 17 -11.72 -4.61 8.20
C GLU A 17 -10.99 -5.90 8.51
N SER A 18 -9.73 -5.97 8.13
CA SER A 18 -8.91 -7.14 8.38
C SER A 18 -8.14 -6.99 9.68
N ALA A 19 -8.49 -7.82 10.66
CA ALA A 19 -7.87 -7.78 11.98
C ALA A 19 -6.37 -8.08 11.90
N THR A 20 -5.98 -8.83 10.89
CA THR A 20 -4.59 -9.18 10.70
C THR A 20 -3.75 -7.97 10.28
N LEU A 21 -4.29 -7.15 9.38
CA LEU A 21 -3.52 -6.06 8.81
C LEU A 21 -3.34 -4.93 9.82
N ARG A 22 -4.43 -4.59 10.50
CA ARG A 22 -4.38 -3.52 11.49
C ARG A 22 -3.40 -3.84 12.61
N SER A 23 -3.20 -5.12 12.87
CA SER A 23 -2.24 -5.57 13.86
C SER A 23 -0.84 -5.12 13.46
N LEU A 24 -0.63 -4.96 12.17
CA LEU A 24 0.65 -4.54 11.63
C LEU A 24 0.77 -3.02 11.68
N LEU A 25 -0.37 -2.34 11.51
CA LEU A 25 -0.40 -0.88 11.57
C LEU A 25 -0.30 -0.40 13.00
N LEU A 26 -0.15 -1.33 13.92
CA LEU A 26 0.07 -1.00 15.32
C LEU A 26 1.53 -0.63 15.56
N ASN A 27 2.35 -0.84 14.53
CA ASN A 27 3.76 -0.46 14.56
C ASN A 27 3.92 0.96 14.02
N PRO A 28 4.39 1.88 14.88
CA PRO A 28 4.61 3.29 14.51
C PRO A 28 5.49 3.45 13.28
N HIS A 29 6.53 2.63 13.18
CA HIS A 29 7.46 2.71 12.06
C HIS A 29 6.79 2.28 10.76
N LEU A 30 6.01 1.20 10.84
CA LEU A 30 5.33 0.68 9.66
C LEU A 30 4.41 1.75 9.09
N ARG A 31 3.74 2.48 9.97
CA ARG A 31 2.82 3.53 9.56
C ARG A 31 3.59 4.66 8.89
N GLN A 32 4.75 4.99 9.45
CA GLN A 32 5.59 6.03 8.87
C GLN A 32 6.07 5.62 7.48
N LEU A 33 6.37 4.34 7.30
CA LEU A 33 6.71 3.82 6.00
C LEU A 33 5.58 4.09 5.02
N MET A 34 4.37 3.79 5.44
CA MET A 34 3.18 4.06 4.64
C MET A 34 3.06 5.54 4.32
N VAL A 35 3.23 6.39 5.34
CA VAL A 35 3.17 7.83 5.18
C VAL A 35 4.21 8.31 4.17
N ASN A 36 5.41 7.76 4.26
CA ASN A 36 6.51 8.11 3.37
C ASN A 36 6.21 7.67 1.93
N LEU A 37 5.72 6.45 1.78
CA LEU A 37 5.46 5.89 0.46
C LEU A 37 4.23 6.54 -0.18
N ASP A 38 3.27 6.95 0.64
CA ASP A 38 2.08 7.64 0.15
C ASP A 38 2.47 8.86 -0.68
N GLN A 39 3.44 9.61 -0.17
CA GLN A 39 3.89 10.85 -0.80
C GLN A 39 4.56 10.56 -2.13
N GLY A 40 5.19 9.40 -2.20
CA GLY A 40 5.77 8.93 -3.45
C GLY A 40 6.91 9.79 -3.94
N GLU A 41 7.54 10.55 -3.03
CA GLU A 41 8.64 11.45 -3.39
C GLU A 41 9.74 10.69 -4.12
N ASP A 42 10.15 9.58 -3.55
CA ASP A 42 11.09 8.69 -4.23
C ASP A 42 10.62 7.26 -4.07
N LYS A 43 9.49 6.97 -4.68
CA LYS A 43 8.93 5.62 -4.73
C LYS A 43 9.95 4.61 -5.23
N ALA A 44 10.86 5.05 -6.10
CA ALA A 44 11.86 4.16 -6.68
C ALA A 44 12.78 3.59 -5.60
N LYS A 45 13.16 4.43 -4.65
CA LYS A 45 13.97 3.98 -3.52
C LYS A 45 13.11 3.28 -2.50
N LEU A 46 11.98 3.91 -2.14
CA LEU A 46 11.11 3.39 -1.10
C LEU A 46 10.65 1.98 -1.40
N MET A 47 10.20 1.72 -2.62
CA MET A 47 9.69 0.40 -2.99
C MET A 47 10.72 -0.69 -2.73
N ARG A 48 11.99 -0.38 -2.94
CA ARG A 48 13.06 -1.34 -2.69
C ARG A 48 13.45 -1.34 -1.22
N ALA A 49 13.58 -0.14 -0.66
CA ALA A 49 14.03 0.02 0.72
C ALA A 49 13.02 -0.51 1.72
N TYR A 50 11.76 -0.62 1.31
CA TYR A 50 10.72 -1.11 2.19
C TYR A 50 10.72 -2.63 2.24
N MET A 51 11.16 -3.26 1.15
CA MET A 51 11.14 -4.71 1.04
C MET A 51 12.27 -5.35 1.83
N GLN A 52 13.14 -4.52 2.39
CA GLN A 52 14.23 -5.01 3.22
C GLN A 52 13.88 -4.85 4.69
N GLU A 53 12.69 -4.31 4.94
CA GLU A 53 12.24 -4.08 6.30
C GLU A 53 11.17 -5.10 6.68
N PRO A 54 11.46 -5.92 7.71
CA PRO A 54 10.51 -6.94 8.20
C PRO A 54 9.21 -6.31 8.70
N LEU A 55 9.22 -5.01 8.89
CA LEU A 55 8.01 -4.28 9.23
C LEU A 55 7.06 -4.21 8.03
N PHE A 56 7.59 -3.83 6.88
CA PHE A 56 6.74 -3.50 5.74
C PHE A 56 6.44 -4.74 4.92
N VAL A 57 7.37 -5.68 4.92
CA VAL A 57 7.19 -6.94 4.23
C VAL A 57 5.93 -7.66 4.73
N GLU A 58 5.76 -7.69 6.04
CA GLU A 58 4.58 -8.27 6.66
C GLU A 58 3.32 -7.57 6.16
N PHE A 59 3.35 -6.24 6.21
CA PHE A 59 2.24 -5.43 5.73
C PHE A 59 1.91 -5.80 4.30
N ALA A 60 2.95 -5.86 3.47
CA ALA A 60 2.81 -6.18 2.06
C ALA A 60 2.28 -7.59 1.87
N ASP A 61 2.94 -8.55 2.49
CA ASP A 61 2.61 -9.96 2.29
C ASP A 61 1.19 -10.25 2.76
N CYS A 62 0.76 -9.48 3.74
CA CYS A 62 -0.57 -9.66 4.32
C CYS A 62 -1.64 -8.98 3.46
N CYS A 63 -1.39 -7.74 3.05
CA CYS A 63 -2.38 -7.01 2.28
C CYS A 63 -2.61 -7.66 0.94
N LEU A 64 -1.55 -8.28 0.40
CA LEU A 64 -1.65 -8.98 -0.88
C LEU A 64 -2.68 -10.08 -0.81
N GLY A 65 -2.71 -10.80 0.31
CA GLY A 65 -3.65 -11.89 0.47
C GLY A 65 -5.07 -11.41 0.59
N ILE A 66 -5.23 -10.21 1.10
CA ILE A 66 -6.54 -9.62 1.28
C ILE A 66 -7.06 -9.05 -0.03
N VAL A 67 -6.17 -8.49 -0.83
CA VAL A 67 -6.55 -7.85 -2.07
C VAL A 67 -6.47 -8.81 -3.26
N GLU A 68 -6.21 -10.09 -3.00
CA GLU A 68 -6.22 -11.10 -4.04
C GLU A 68 -7.59 -11.18 -4.70
N PRO A 69 -7.69 -10.76 -5.97
CA PRO A 69 -8.94 -10.83 -6.73
C PRO A 69 -9.12 -12.17 -7.42
N SER A 70 -8.11 -13.04 -7.26
CA SER A 70 -8.05 -14.36 -7.89
C SER A 70 -8.20 -14.25 -9.40
N GLN A 71 -8.38 -15.40 -10.06
CA GLN A 71 -8.53 -15.44 -11.51
C GLN A 71 -7.29 -14.86 -12.19
N ASN A 72 -6.13 -15.27 -11.70
CA ASN A 72 -4.84 -14.81 -12.21
C ASN A 72 -4.71 -15.11 -13.70
N GLU A 73 -4.31 -14.11 -14.47
CA GLU A 73 -4.21 -14.22 -15.92
C GLU A 73 -2.85 -14.79 -16.31
N GLU A 74 -2.80 -15.39 -17.50
CA GLU A 74 -1.56 -16.01 -18.01
C GLU A 74 -1.05 -17.07 -17.06
N SER A 75 -1.96 -17.81 -16.47
CA SER A 75 -1.61 -18.87 -15.54
C SER A 75 -1.31 -20.15 -16.30
N ASP B 1 3.88 -11.63 -9.38
CA ASP B 1 4.85 -10.70 -9.97
C ASP B 1 5.07 -9.51 -9.04
N ILE B 2 6.33 -9.31 -8.68
CA ILE B 2 6.68 -8.34 -7.64
C ILE B 2 6.43 -6.90 -8.11
N ARG B 3 6.56 -6.65 -9.41
CA ARG B 3 6.29 -5.33 -9.96
C ARG B 3 4.84 -4.96 -9.70
N HIS B 4 3.96 -5.91 -9.99
CA HIS B 4 2.54 -5.75 -9.74
C HIS B 4 2.28 -5.65 -8.25
N GLU B 5 2.86 -6.55 -7.48
CA GLU B 5 2.64 -6.59 -6.04
C GLU B 5 3.06 -5.28 -5.37
N ARG B 6 4.25 -4.79 -5.70
CA ARG B 6 4.76 -3.57 -5.07
C ARG B 6 3.90 -2.36 -5.38
N ASN B 7 3.43 -2.23 -6.61
CA ASN B 7 2.62 -1.08 -6.98
C ASN B 7 1.21 -1.25 -6.42
N VAL B 8 0.83 -2.50 -6.22
CA VAL B 8 -0.41 -2.83 -5.53
C VAL B 8 -0.34 -2.34 -4.09
N ILE B 9 0.84 -2.44 -3.48
CA ILE B 9 1.04 -1.97 -2.13
C ILE B 9 0.76 -0.47 -2.04
N LEU B 10 1.13 0.25 -3.10
CA LEU B 10 0.88 1.69 -3.19
C LEU B 10 -0.60 1.98 -2.93
N GLN B 11 -1.46 1.27 -3.64
CA GLN B 11 -2.90 1.44 -3.50
C GLN B 11 -3.37 1.08 -2.09
N CYS B 12 -2.80 0.00 -1.56
CA CYS B 12 -3.13 -0.45 -0.21
C CYS B 12 -2.82 0.66 0.80
N VAL B 13 -1.61 1.18 0.72
CA VAL B 13 -1.19 2.30 1.54
C VAL B 13 -2.11 3.50 1.37
N ARG B 14 -2.24 3.98 0.14
CA ARG B 14 -2.91 5.26 -0.10
C ARG B 14 -4.41 5.19 0.11
N TYR B 15 -4.98 3.99 0.06
CA TYR B 15 -6.37 3.82 0.43
C TYR B 15 -6.54 4.16 1.90
N ILE B 16 -5.62 3.66 2.71
CA ILE B 16 -5.63 3.89 4.15
C ILE B 16 -5.30 5.35 4.44
N ILE B 17 -4.17 5.81 3.91
CA ILE B 17 -3.72 7.18 4.11
C ILE B 17 -4.82 8.17 3.72
N LYS B 18 -5.62 7.78 2.74
CA LYS B 18 -6.64 8.65 2.16
C LYS B 18 -7.55 9.22 3.24
N LYS B 19 -7.85 8.40 4.24
CA LYS B 19 -8.67 8.86 5.35
C LYS B 19 -7.88 8.85 6.66
N ASP B 20 -6.71 8.23 6.65
CA ASP B 20 -5.93 8.10 7.86
C ASP B 20 -5.01 9.30 8.06
N PHE B 21 -4.09 9.52 7.12
CA PHE B 21 -3.10 10.57 7.30
C PHE B 21 -3.37 11.78 6.40
N PHE B 22 -2.85 11.74 5.18
CA PHE B 22 -2.96 12.90 4.30
C PHE B 22 -3.87 12.60 3.11
N GLY B 23 -3.60 11.48 2.45
CA GLY B 23 -4.43 11.07 1.34
C GLY B 23 -4.07 11.78 0.06
N LEU B 24 -2.78 11.98 -0.17
CA LEU B 24 -2.33 12.65 -1.37
C LEU B 24 -1.64 11.66 -2.30
N ASP B 25 -1.73 11.90 -3.60
CA ASP B 25 -1.16 10.98 -4.57
C ASP B 25 -0.01 11.62 -5.33
N THR B 26 0.15 12.94 -5.11
CA THR B 26 1.17 13.75 -5.78
C THR B 26 1.10 13.60 -7.30
N ASN B 27 -0.09 13.28 -7.78
CA ASN B 27 -0.32 13.09 -9.21
C ASN B 27 -1.48 13.95 -9.65
N SER B 28 -2.64 13.70 -9.04
CA SER B 28 -3.83 14.47 -9.32
C SER B 28 -3.71 15.86 -8.70
N ALA B 29 -3.44 16.84 -9.54
CA ALA B 29 -3.37 18.23 -9.10
C ALA B 29 -4.68 18.93 -9.45
N LYS B 30 -5.78 18.23 -9.21
CA LYS B 30 -7.10 18.72 -9.57
C LYS B 30 -7.74 19.44 -8.39
N SER B 31 -6.91 19.83 -7.43
CA SER B 31 -7.38 20.58 -6.28
C SER B 31 -7.72 21.99 -6.73
N LYS B 32 -8.82 22.52 -6.20
CA LYS B 32 -9.31 23.82 -6.63
C LYS B 32 -8.40 24.94 -6.12
N ASP B 33 -7.47 25.36 -6.97
CA ASP B 33 -6.52 26.43 -6.69
C ASP B 33 -5.52 26.05 -5.60
N VAL B 34 -6.01 25.76 -4.42
CA VAL B 34 -5.15 25.36 -3.32
C VAL B 34 -4.94 23.85 -3.34
N GLY A 1 1.55 9.94 -13.69
CA GLY A 1 1.43 8.81 -14.65
C GLY A 1 0.09 8.10 -14.54
N PRO A 2 -0.20 7.18 -15.47
CA PRO A 2 -1.45 6.40 -15.46
C PRO A 2 -1.48 5.39 -14.32
N HIS A 3 -2.65 4.85 -14.05
CA HIS A 3 -2.82 3.91 -12.94
C HIS A 3 -3.05 2.49 -13.47
N MET A 4 -2.03 1.90 -14.06
CA MET A 4 -2.09 0.53 -14.53
C MET A 4 -1.86 -0.42 -13.36
N ASP A 5 -2.43 -1.63 -13.43
CA ASP A 5 -2.38 -2.60 -12.35
C ASP A 5 -3.08 -2.05 -11.12
N ARG A 6 -4.21 -1.40 -11.34
CA ARG A 6 -4.99 -0.80 -10.27
C ARG A 6 -5.75 -1.87 -9.50
N VAL A 7 -5.98 -1.62 -8.22
CA VAL A 7 -6.75 -2.54 -7.40
C VAL A 7 -8.10 -1.91 -7.06
N SER A 8 -9.15 -2.72 -7.12
CA SER A 8 -10.50 -2.24 -6.85
C SER A 8 -10.63 -1.76 -5.42
N LEU A 9 -11.37 -0.67 -5.25
CA LEU A 9 -11.57 -0.03 -3.96
C LEU A 9 -12.20 -0.98 -2.96
N GLN A 10 -13.15 -1.77 -3.45
CA GLN A 10 -13.81 -2.77 -2.62
C GLN A 10 -12.80 -3.73 -2.01
N ASN A 11 -11.78 -4.07 -2.79
CA ASN A 11 -10.70 -4.93 -2.32
C ASN A 11 -9.89 -4.24 -1.25
N LEU A 12 -9.62 -2.96 -1.46
CA LEU A 12 -8.80 -2.18 -0.56
C LEU A 12 -9.53 -1.94 0.76
N LYS A 13 -10.85 -1.83 0.69
CA LYS A 13 -11.66 -1.57 1.87
C LYS A 13 -11.57 -2.69 2.92
N ASN A 14 -11.27 -3.91 2.49
CA ASN A 14 -11.22 -5.06 3.41
C ASN A 14 -10.02 -4.93 4.35
N LEU A 15 -9.03 -4.16 3.95
CA LEU A 15 -7.79 -4.04 4.69
C LEU A 15 -8.02 -3.41 6.05
N GLY A 16 -8.87 -2.39 6.09
CA GLY A 16 -9.20 -1.75 7.35
C GLY A 16 -9.96 -2.67 8.29
N GLU A 17 -10.57 -3.71 7.73
CA GLU A 17 -11.33 -4.67 8.51
C GLU A 17 -10.44 -5.80 9.00
N SER A 18 -9.33 -6.02 8.29
CA SER A 18 -8.43 -7.10 8.60
C SER A 18 -7.74 -6.87 9.94
N ALA A 19 -8.09 -7.69 10.91
CA ALA A 19 -7.50 -7.60 12.25
C ALA A 19 -6.00 -7.85 12.19
N THR A 20 -5.58 -8.61 11.19
CA THR A 20 -4.18 -8.93 11.00
C THR A 20 -3.40 -7.72 10.52
N LEU A 21 -3.92 -7.04 9.51
CA LEU A 21 -3.20 -5.94 8.88
C LEU A 21 -3.12 -4.75 9.80
N ARG A 22 -4.25 -4.39 10.40
CA ARG A 22 -4.30 -3.25 11.31
C ARG A 22 -3.34 -3.43 12.48
N SER A 23 -3.10 -4.69 12.85
CA SER A 23 -2.21 -5.01 13.94
C SER A 23 -0.78 -4.65 13.57
N LEU A 24 -0.51 -4.60 12.27
CA LEU A 24 0.81 -4.24 11.77
C LEU A 24 0.91 -2.72 11.69
N LEU A 25 -0.20 -2.08 11.33
CA LEU A 25 -0.25 -0.61 11.27
C LEU A 25 -0.04 -0.01 12.65
N LEU A 26 -0.30 -0.81 13.67
CA LEU A 26 -0.09 -0.41 15.05
C LEU A 26 1.39 -0.14 15.33
N ASN A 27 2.24 -0.63 14.45
CA ASN A 27 3.67 -0.37 14.55
C ASN A 27 3.97 1.03 13.99
N PRO A 28 4.53 1.91 14.84
CA PRO A 28 4.77 3.32 14.47
C PRO A 28 5.73 3.49 13.31
N HIS A 29 6.55 2.48 13.07
CA HIS A 29 7.48 2.52 11.94
C HIS A 29 6.76 2.25 10.62
N LEU A 30 5.96 1.19 10.59
CA LEU A 30 5.29 0.77 9.37
C LEU A 30 4.35 1.86 8.85
N ARG A 31 3.69 2.54 9.77
CA ARG A 31 2.78 3.60 9.40
C ARG A 31 3.54 4.78 8.80
N GLN A 32 4.83 4.88 9.12
CA GLN A 32 5.68 5.91 8.56
C GLN A 32 6.03 5.59 7.11
N LEU A 33 6.36 4.34 6.83
CA LEU A 33 6.62 3.89 5.48
C LEU A 33 5.49 4.28 4.54
N MET A 34 4.25 4.08 4.98
CA MET A 34 3.10 4.41 4.15
C MET A 34 3.07 5.90 3.81
N VAL A 35 3.15 6.76 4.83
CA VAL A 35 3.07 8.20 4.61
C VAL A 35 4.31 8.73 3.88
N ASN A 36 5.41 8.00 3.99
CA ASN A 36 6.64 8.35 3.31
C ASN A 36 6.57 8.01 1.82
N LEU A 37 6.20 6.77 1.52
CA LEU A 37 6.12 6.30 0.14
C LEU A 37 5.11 7.11 -0.68
N ASP A 38 4.03 7.53 -0.03
CA ASP A 38 2.97 8.28 -0.70
C ASP A 38 3.49 9.61 -1.24
N GLN A 39 4.41 10.22 -0.51
CA GLN A 39 4.96 11.52 -0.87
C GLN A 39 5.71 11.45 -2.19
N GLY A 40 6.25 10.28 -2.46
CA GLY A 40 6.90 10.01 -3.73
C GLY A 40 8.15 10.82 -3.97
N GLU A 41 8.81 11.26 -2.90
CA GLU A 41 10.03 12.04 -3.03
C GLU A 41 11.14 11.18 -3.61
N ASP A 42 11.29 9.99 -3.07
CA ASP A 42 12.25 9.01 -3.57
C ASP A 42 11.66 7.62 -3.52
N LYS A 43 10.43 7.53 -4.00
CA LYS A 43 9.69 6.27 -4.06
C LYS A 43 10.53 5.15 -4.69
N ALA A 44 11.41 5.50 -5.62
CA ALA A 44 12.23 4.51 -6.30
C ALA A 44 13.09 3.73 -5.32
N LYS A 45 13.81 4.44 -4.46
CA LYS A 45 14.67 3.78 -3.47
C LYS A 45 13.82 3.20 -2.35
N LEU A 46 12.69 3.85 -2.06
CA LEU A 46 11.82 3.41 -1.00
C LEU A 46 11.25 2.03 -1.31
N MET A 47 10.83 1.82 -2.55
CA MET A 47 10.32 0.52 -2.99
C MET A 47 11.28 -0.60 -2.62
N ARG A 48 12.57 -0.32 -2.71
CA ARG A 48 13.60 -1.29 -2.40
C ARG A 48 13.85 -1.37 -0.90
N ALA A 49 13.98 -0.20 -0.27
CA ALA A 49 14.29 -0.12 1.16
C ALA A 49 13.13 -0.63 2.02
N TYR A 50 11.93 -0.60 1.49
CA TYR A 50 10.76 -1.04 2.24
C TYR A 50 10.65 -2.55 2.26
N MET A 51 11.15 -3.19 1.20
CA MET A 51 11.06 -4.64 1.07
C MET A 51 12.01 -5.36 2.02
N GLN A 52 12.92 -4.60 2.64
CA GLN A 52 13.89 -5.18 3.55
C GLN A 52 13.45 -5.02 5.00
N GLU A 53 12.48 -4.14 5.25
CA GLU A 53 11.99 -3.92 6.59
C GLU A 53 10.88 -4.92 6.87
N PRO A 54 11.07 -5.79 7.87
CA PRO A 54 10.17 -6.90 8.16
C PRO A 54 8.73 -6.43 8.39
N LEU A 55 8.57 -5.18 8.76
CA LEU A 55 7.26 -4.61 9.04
C LEU A 55 6.49 -4.41 7.74
N PHE A 56 7.19 -3.91 6.72
CA PHE A 56 6.55 -3.66 5.44
C PHE A 56 6.36 -4.97 4.70
N VAL A 57 7.26 -5.91 4.97
CA VAL A 57 7.16 -7.24 4.39
C VAL A 57 5.87 -7.91 4.85
N GLU A 58 5.58 -7.79 6.15
CA GLU A 58 4.34 -8.35 6.69
C GLU A 58 3.13 -7.61 6.15
N PHE A 59 3.26 -6.29 6.07
CA PHE A 59 2.20 -5.44 5.55
C PHE A 59 1.85 -5.87 4.13
N ALA A 60 2.87 -5.99 3.30
CA ALA A 60 2.70 -6.39 1.91
C ALA A 60 2.18 -7.82 1.83
N ASP A 61 2.76 -8.71 2.62
CA ASP A 61 2.45 -10.12 2.57
C ASP A 61 0.99 -10.37 2.96
N CYS A 62 0.48 -9.49 3.80
CA CYS A 62 -0.89 -9.60 4.26
C CYS A 62 -1.86 -8.98 3.25
N CYS A 63 -1.55 -7.77 2.78
CA CYS A 63 -2.47 -7.05 1.90
C CYS A 63 -2.68 -7.80 0.58
N LEU A 64 -1.66 -8.51 0.13
CA LEU A 64 -1.73 -9.25 -1.12
C LEU A 64 -2.75 -10.39 -1.03
N GLY A 65 -2.96 -10.88 0.18
CA GLY A 65 -3.94 -11.93 0.38
C GLY A 65 -5.34 -11.37 0.59
N ILE A 66 -5.41 -10.07 0.85
CA ILE A 66 -6.70 -9.43 1.05
C ILE A 66 -7.24 -8.86 -0.26
N VAL A 67 -6.36 -8.24 -1.05
CA VAL A 67 -6.78 -7.57 -2.28
C VAL A 67 -6.72 -8.49 -3.48
N GLU A 68 -6.48 -9.78 -3.24
CA GLU A 68 -6.41 -10.75 -4.31
C GLU A 68 -7.74 -10.78 -5.09
N PRO A 69 -7.68 -10.47 -6.40
CA PRO A 69 -8.86 -10.46 -7.26
C PRO A 69 -9.42 -11.86 -7.47
N SER A 70 -8.54 -12.85 -7.40
CA SER A 70 -8.94 -14.25 -7.48
C SER A 70 -9.81 -14.51 -8.69
N GLN A 71 -9.23 -14.37 -9.87
CA GLN A 71 -9.96 -14.53 -11.12
C GLN A 71 -9.52 -15.80 -11.83
N ASN A 72 -9.14 -16.80 -11.03
CA ASN A 72 -8.64 -18.07 -11.53
C ASN A 72 -7.35 -17.86 -12.30
N GLU A 73 -6.66 -16.78 -11.99
CA GLU A 73 -5.41 -16.43 -12.65
C GLU A 73 -4.23 -16.60 -11.71
N GLU A 74 -3.04 -16.62 -12.28
CA GLU A 74 -1.83 -16.84 -11.51
C GLU A 74 -1.15 -15.52 -11.19
N SER A 75 -1.00 -15.25 -9.92
CA SER A 75 -0.32 -14.07 -9.45
C SER A 75 1.19 -14.22 -9.64
N ASP B 1 3.38 -11.76 -9.29
CA ASP B 1 4.44 -11.00 -9.98
C ASP B 1 4.88 -9.82 -9.15
N ILE B 2 6.17 -9.79 -8.86
CA ILE B 2 6.73 -8.87 -7.89
C ILE B 2 6.57 -7.41 -8.30
N ARG B 3 6.68 -7.12 -9.59
CA ARG B 3 6.61 -5.72 -10.02
C ARG B 3 5.18 -5.21 -9.98
N HIS B 4 4.24 -6.12 -10.16
CA HIS B 4 2.83 -5.81 -10.01
C HIS B 4 2.46 -5.74 -8.53
N GLU B 5 2.93 -6.71 -7.76
CA GLU B 5 2.65 -6.76 -6.34
C GLU B 5 3.23 -5.56 -5.62
N ARG B 6 4.33 -5.03 -6.14
CA ARG B 6 4.94 -3.83 -5.60
C ARG B 6 4.02 -2.62 -5.74
N ASN B 7 3.56 -2.34 -6.96
CA ASN B 7 2.76 -1.15 -7.22
C ASN B 7 1.38 -1.30 -6.59
N VAL B 8 1.03 -2.54 -6.32
CA VAL B 8 -0.22 -2.89 -5.69
C VAL B 8 -0.24 -2.51 -4.21
N ILE B 9 0.94 -2.34 -3.62
CA ILE B 9 1.02 -2.01 -2.20
C ILE B 9 0.58 -0.56 -2.03
N LEU B 10 0.98 0.22 -3.01
CA LEU B 10 0.66 1.62 -3.12
C LEU B 10 -0.84 1.84 -2.99
N GLN B 11 -1.59 1.04 -3.74
CA GLN B 11 -3.06 1.02 -3.68
C GLN B 11 -3.52 0.97 -2.23
N CYS B 12 -3.01 -0.03 -1.51
CA CYS B 12 -3.34 -0.25 -0.12
C CYS B 12 -2.94 0.96 0.73
N VAL B 13 -1.68 1.33 0.62
CA VAL B 13 -1.13 2.49 1.32
C VAL B 13 -2.01 3.73 1.16
N ARG B 14 -2.29 4.08 -0.08
CA ARG B 14 -2.97 5.34 -0.40
C ARG B 14 -4.45 5.30 -0.05
N TYR B 15 -5.01 4.10 0.07
CA TYR B 15 -6.38 3.97 0.55
C TYR B 15 -6.41 4.23 2.06
N ILE B 16 -5.48 3.61 2.77
CA ILE B 16 -5.43 3.72 4.23
C ILE B 16 -5.17 5.15 4.66
N ILE B 17 -4.09 5.73 4.16
CA ILE B 17 -3.76 7.12 4.46
C ILE B 17 -4.92 8.04 4.12
N LYS B 18 -5.76 7.62 3.19
CA LYS B 18 -6.81 8.45 2.67
C LYS B 18 -7.95 8.62 3.66
N LYS B 19 -8.33 7.55 4.33
CA LYS B 19 -9.46 7.62 5.25
C LYS B 19 -9.01 7.45 6.70
N ASP B 20 -7.80 6.97 6.90
CA ASP B 20 -7.29 6.77 8.25
C ASP B 20 -6.50 7.99 8.74
N PHE B 21 -5.44 8.32 8.00
CA PHE B 21 -4.47 9.30 8.46
C PHE B 21 -4.87 10.73 8.11
N PHE B 22 -4.53 11.17 6.91
CA PHE B 22 -4.67 12.58 6.55
C PHE B 22 -5.77 12.80 5.52
N GLY B 23 -5.77 11.97 4.50
CA GLY B 23 -6.74 12.11 3.43
C GLY B 23 -6.22 12.94 2.27
N LEU B 24 -4.98 13.39 2.39
CA LEU B 24 -4.36 14.16 1.33
C LEU B 24 -3.55 13.26 0.41
N ASP B 25 -3.05 13.83 -0.67
CA ASP B 25 -2.27 13.08 -1.65
C ASP B 25 -1.16 13.97 -2.21
N THR B 26 -0.20 14.28 -1.37
CA THR B 26 0.88 15.18 -1.71
C THR B 26 1.95 14.50 -2.55
N ASN B 27 1.55 14.03 -3.71
CA ASN B 27 2.46 13.39 -4.63
C ASN B 27 2.55 14.18 -5.94
N SER B 28 1.62 15.10 -6.13
CA SER B 28 1.55 15.85 -7.37
C SER B 28 2.49 17.05 -7.33
N ALA B 29 3.65 16.90 -7.95
CA ALA B 29 4.63 17.95 -8.00
C ALA B 29 4.82 18.45 -9.43
N LYS B 30 3.96 19.35 -9.85
CA LYS B 30 3.98 19.86 -11.21
C LYS B 30 4.42 21.32 -11.25
N SER B 31 5.07 21.75 -10.17
CA SER B 31 5.59 23.11 -10.10
C SER B 31 7.11 23.07 -9.88
N LYS B 32 7.81 22.39 -10.77
CA LYS B 32 9.25 22.25 -10.66
C LYS B 32 9.98 23.26 -11.55
N ASP B 33 9.54 24.51 -11.51
CA ASP B 33 10.23 25.57 -12.25
C ASP B 33 11.26 26.22 -11.36
N VAL B 34 10.84 26.61 -10.16
CA VAL B 34 11.73 27.20 -9.18
C VAL B 34 12.17 26.16 -8.17
N GLY A 1 -7.39 -11.83 -13.93
CA GLY A 1 -6.36 -11.89 -15.00
C GLY A 1 -5.35 -10.76 -14.87
N PRO A 2 -4.12 -10.95 -15.40
CA PRO A 2 -3.03 -9.96 -15.29
C PRO A 2 -3.34 -8.64 -15.97
N HIS A 3 -4.40 -8.60 -16.77
CA HIS A 3 -4.81 -7.39 -17.47
C HIS A 3 -5.26 -6.32 -16.48
N MET A 4 -5.69 -6.74 -15.29
CA MET A 4 -6.09 -5.81 -14.25
C MET A 4 -4.99 -5.72 -13.20
N ASP A 5 -4.05 -4.83 -13.43
CA ASP A 5 -2.90 -4.71 -12.55
C ASP A 5 -3.23 -3.91 -11.30
N ARG A 6 -4.02 -2.86 -11.45
CA ARG A 6 -4.38 -2.01 -10.33
C ARG A 6 -5.56 -2.59 -9.58
N VAL A 7 -5.52 -2.47 -8.26
CA VAL A 7 -6.49 -3.11 -7.40
C VAL A 7 -7.78 -2.30 -7.30
N SER A 8 -8.90 -2.99 -7.47
CA SER A 8 -10.22 -2.38 -7.33
C SER A 8 -10.44 -1.91 -5.90
N LEU A 9 -11.15 -0.80 -5.77
CA LEU A 9 -11.36 -0.13 -4.50
C LEU A 9 -12.08 -1.04 -3.52
N GLN A 10 -12.99 -1.88 -4.03
CA GLN A 10 -13.70 -2.83 -3.19
C GLN A 10 -12.74 -3.78 -2.51
N ASN A 11 -11.74 -4.24 -3.26
CA ASN A 11 -10.72 -5.14 -2.71
C ASN A 11 -9.95 -4.42 -1.63
N LEU A 12 -9.69 -3.15 -1.86
CA LEU A 12 -8.94 -2.33 -0.92
C LEU A 12 -9.75 -2.07 0.34
N LYS A 13 -11.07 -2.00 0.18
CA LYS A 13 -11.98 -1.73 1.31
C LYS A 13 -11.87 -2.77 2.42
N ASN A 14 -11.47 -3.98 2.07
CA ASN A 14 -11.36 -5.05 3.06
C ASN A 14 -10.17 -4.85 3.99
N LEU A 15 -9.23 -4.01 3.57
CA LEU A 15 -7.99 -3.79 4.31
C LEU A 15 -8.26 -3.00 5.58
N GLY A 16 -9.13 -2.00 5.49
CA GLY A 16 -9.48 -1.19 6.64
C GLY A 16 -10.15 -1.99 7.74
N GLU A 17 -10.72 -3.13 7.38
CA GLU A 17 -11.40 -3.98 8.34
C GLU A 17 -10.59 -5.24 8.62
N SER A 18 -9.39 -5.29 8.05
CA SER A 18 -8.52 -6.43 8.23
C SER A 18 -7.87 -6.40 9.60
N ALA A 19 -8.31 -7.31 10.46
CA ALA A 19 -7.79 -7.40 11.82
C ALA A 19 -6.29 -7.63 11.81
N THR A 20 -5.80 -8.33 10.80
CA THR A 20 -4.39 -8.61 10.69
C THR A 20 -3.60 -7.35 10.33
N LEU A 21 -4.15 -6.59 9.38
CA LEU A 21 -3.43 -5.48 8.81
C LEU A 21 -3.33 -4.35 9.83
N ARG A 22 -4.44 -4.00 10.42
CA ARG A 22 -4.46 -2.91 11.39
C ARG A 22 -3.51 -3.19 12.56
N SER A 23 -3.34 -4.46 12.89
CA SER A 23 -2.46 -4.85 13.98
C SER A 23 -1.01 -4.48 13.72
N LEU A 24 -0.54 -4.64 12.49
CA LEU A 24 0.85 -4.31 12.21
C LEU A 24 1.03 -2.85 11.80
N LEU A 25 -0.06 -2.18 11.45
CA LEU A 25 -0.05 -0.73 11.24
C LEU A 25 0.18 0.01 12.55
N LEU A 26 0.06 -0.73 13.64
CA LEU A 26 0.26 -0.18 14.98
C LEU A 26 1.74 0.09 15.24
N ASN A 27 2.60 -0.45 14.39
CA ASN A 27 4.03 -0.21 14.49
C ASN A 27 4.35 1.21 14.02
N PRO A 28 4.99 2.01 14.88
CA PRO A 28 5.31 3.42 14.59
C PRO A 28 6.20 3.59 13.37
N HIS A 29 7.04 2.61 13.11
CA HIS A 29 7.92 2.66 11.95
C HIS A 29 7.16 2.27 10.68
N LEU A 30 6.31 1.25 10.78
CA LEU A 30 5.56 0.77 9.63
C LEU A 30 4.62 1.87 9.13
N ARG A 31 3.97 2.55 10.06
CA ARG A 31 3.06 3.64 9.71
C ARG A 31 3.85 4.82 9.12
N GLN A 32 5.11 4.94 9.52
CA GLN A 32 6.01 5.92 8.93
C GLN A 32 6.36 5.53 7.51
N LEU A 33 6.65 4.24 7.31
CA LEU A 33 6.95 3.71 5.99
C LEU A 33 5.80 4.02 5.04
N MET A 34 4.58 3.66 5.46
CA MET A 34 3.39 3.87 4.65
C MET A 34 3.24 5.33 4.23
N VAL A 35 3.27 6.25 5.18
CA VAL A 35 3.07 7.66 4.87
C VAL A 35 4.22 8.21 4.01
N ASN A 36 5.43 7.72 4.24
CA ASN A 36 6.58 8.12 3.44
C ASN A 36 6.39 7.71 1.99
N LEU A 37 5.97 6.47 1.79
CA LEU A 37 5.73 5.94 0.46
C LEU A 37 4.58 6.68 -0.22
N ASP A 38 3.59 7.05 0.57
CA ASP A 38 2.46 7.83 0.07
C ASP A 38 2.91 9.19 -0.44
N GLN A 39 3.88 9.78 0.25
CA GLN A 39 4.43 11.08 -0.15
C GLN A 39 5.18 10.96 -1.46
N GLY A 40 5.78 9.80 -1.64
CA GLY A 40 6.46 9.47 -2.87
C GLY A 40 7.68 10.33 -3.12
N GLU A 41 8.30 10.82 -2.05
CA GLU A 41 9.49 11.67 -2.15
C GLU A 41 10.58 10.98 -2.97
N ASP A 42 10.62 9.66 -2.86
CA ASP A 42 11.42 8.83 -3.74
C ASP A 42 10.87 7.42 -3.68
N LYS A 43 9.68 7.25 -4.24
CA LYS A 43 9.00 5.96 -4.26
C LYS A 43 9.88 4.90 -4.90
N ALA A 44 10.78 5.33 -5.78
CA ALA A 44 11.68 4.41 -6.45
C ALA A 44 12.60 3.73 -5.45
N LYS A 45 13.22 4.54 -4.59
CA LYS A 45 14.11 4.03 -3.56
C LYS A 45 13.30 3.36 -2.45
N LEU A 46 12.14 3.94 -2.13
CA LEU A 46 11.31 3.42 -1.06
C LEU A 46 10.84 2.00 -1.36
N MET A 47 10.37 1.75 -2.57
CA MET A 47 9.90 0.42 -2.96
C MET A 47 10.99 -0.62 -2.73
N ARG A 48 12.24 -0.22 -2.91
CA ARG A 48 13.37 -1.11 -2.72
C ARG A 48 13.70 -1.24 -1.23
N ALA A 49 13.80 -0.10 -0.56
CA ALA A 49 14.18 -0.06 0.84
C ALA A 49 13.14 -0.70 1.75
N TYR A 50 11.89 -0.69 1.31
CA TYR A 50 10.80 -1.22 2.13
C TYR A 50 10.75 -2.75 2.08
N MET A 51 11.22 -3.32 0.97
CA MET A 51 11.13 -4.75 0.78
C MET A 51 12.32 -5.47 1.40
N GLN A 52 13.18 -4.73 2.07
CA GLN A 52 14.35 -5.32 2.72
C GLN A 52 14.09 -5.48 4.21
N GLU A 53 13.10 -4.73 4.71
CA GLU A 53 12.82 -4.71 6.13
C GLU A 53 11.56 -5.50 6.46
N PRO A 54 11.62 -6.29 7.54
CA PRO A 54 10.56 -7.22 7.94
C PRO A 54 9.27 -6.54 8.40
N LEU A 55 9.31 -5.25 8.64
CA LEU A 55 8.10 -4.56 9.05
C LEU A 55 7.17 -4.31 7.87
N PHE A 56 7.72 -3.99 6.71
CA PHE A 56 6.90 -3.60 5.58
C PHE A 56 6.49 -4.81 4.76
N VAL A 57 7.37 -5.80 4.74
CA VAL A 57 7.08 -7.07 4.07
C VAL A 57 5.79 -7.68 4.60
N GLU A 58 5.65 -7.67 5.92
CA GLU A 58 4.44 -8.15 6.58
C GLU A 58 3.22 -7.38 6.09
N PHE A 59 3.33 -6.06 6.10
CA PHE A 59 2.27 -5.19 5.61
C PHE A 59 1.89 -5.56 4.19
N ALA A 60 2.92 -5.69 3.36
CA ALA A 60 2.72 -5.99 1.96
C ALA A 60 2.11 -7.36 1.78
N ASP A 61 2.67 -8.37 2.44
CA ASP A 61 2.19 -9.73 2.27
C ASP A 61 0.76 -9.86 2.77
N CYS A 62 0.44 -9.07 3.78
CA CYS A 62 -0.88 -9.10 4.38
C CYS A 62 -1.92 -8.50 3.43
N CYS A 63 -1.62 -7.34 2.86
CA CYS A 63 -2.56 -6.69 1.96
C CYS A 63 -2.73 -7.49 0.68
N LEU A 64 -1.67 -8.20 0.28
CA LEU A 64 -1.72 -9.04 -0.92
C LEU A 64 -2.68 -10.20 -0.71
N GLY A 65 -2.85 -10.61 0.54
CA GLY A 65 -3.76 -11.70 0.84
C GLY A 65 -5.19 -11.23 0.97
N ILE A 66 -5.37 -9.92 1.08
CA ILE A 66 -6.71 -9.35 1.20
C ILE A 66 -7.24 -8.97 -0.18
N VAL A 67 -6.38 -8.42 -1.02
CA VAL A 67 -6.77 -7.96 -2.36
C VAL A 67 -6.51 -9.03 -3.41
N GLU A 68 -6.12 -10.22 -2.96
CA GLU A 68 -5.71 -11.29 -3.85
C GLU A 68 -6.75 -11.59 -4.93
N PRO A 69 -6.34 -11.56 -6.19
CA PRO A 69 -7.20 -11.91 -7.33
C PRO A 69 -7.41 -13.42 -7.43
N SER A 70 -6.73 -14.14 -6.55
CA SER A 70 -6.86 -15.58 -6.46
C SER A 70 -8.06 -15.97 -5.61
N GLN A 71 -8.94 -15.00 -5.40
CA GLN A 71 -10.18 -15.22 -4.68
C GLN A 71 -11.13 -16.07 -5.53
N ASN A 72 -11.63 -17.15 -4.94
CA ASN A 72 -12.54 -18.04 -5.64
C ASN A 72 -13.89 -17.35 -5.85
N GLU A 73 -14.37 -17.38 -7.06
CA GLU A 73 -15.66 -16.79 -7.39
C GLU A 73 -16.77 -17.73 -6.94
N GLU A 74 -17.74 -17.18 -6.22
CA GLU A 74 -18.88 -17.96 -5.77
C GLU A 74 -19.79 -18.28 -6.94
N SER A 75 -19.61 -19.47 -7.51
CA SER A 75 -20.41 -19.91 -8.63
C SER A 75 -21.76 -20.43 -8.14
N ASP B 1 5.76 -12.33 -10.41
CA ASP B 1 6.58 -11.11 -10.44
C ASP B 1 6.23 -10.19 -9.28
N ILE B 2 7.25 -9.63 -8.66
CA ILE B 2 7.05 -8.79 -7.47
C ILE B 2 6.76 -7.35 -7.88
N ARG B 3 7.13 -6.99 -9.10
CA ARG B 3 6.89 -5.64 -9.61
C ARG B 3 5.40 -5.29 -9.56
N HIS B 4 4.55 -6.30 -9.81
CA HIS B 4 3.12 -6.12 -9.69
C HIS B 4 2.72 -5.95 -8.23
N GLU B 5 3.23 -6.85 -7.39
CA GLU B 5 2.92 -6.84 -5.96
C GLU B 5 3.27 -5.49 -5.34
N ARG B 6 4.49 -5.03 -5.60
CA ARG B 6 5.00 -3.78 -5.03
C ARG B 6 4.16 -2.57 -5.41
N ASN B 7 3.73 -2.51 -6.66
CA ASN B 7 2.94 -1.38 -7.12
C ASN B 7 1.49 -1.52 -6.65
N VAL B 8 1.11 -2.76 -6.38
CA VAL B 8 -0.18 -3.05 -5.79
C VAL B 8 -0.26 -2.50 -4.37
N ILE B 9 0.89 -2.47 -3.69
CA ILE B 9 0.96 -1.94 -2.34
C ILE B 9 0.57 -0.47 -2.32
N LEU B 10 0.84 0.22 -3.43
CA LEU B 10 0.54 1.64 -3.55
C LEU B 10 -0.96 1.89 -3.45
N GLN B 11 -1.75 0.93 -3.93
CA GLN B 11 -3.20 1.02 -3.82
C GLN B 11 -3.63 0.81 -2.39
N CYS B 12 -2.91 -0.06 -1.69
CA CYS B 12 -3.24 -0.41 -0.32
C CYS B 12 -2.92 0.74 0.64
N VAL B 13 -1.65 1.14 0.67
CA VAL B 13 -1.19 2.23 1.51
C VAL B 13 -2.00 3.52 1.29
N ARG B 14 -2.23 3.87 0.02
CA ARG B 14 -2.97 5.09 -0.32
C ARG B 14 -4.41 4.99 0.13
N TYR B 15 -4.98 3.79 0.07
CA TYR B 15 -6.36 3.59 0.47
C TYR B 15 -6.54 3.87 1.96
N ILE B 16 -5.65 3.31 2.77
CA ILE B 16 -5.76 3.40 4.22
C ILE B 16 -5.55 4.82 4.69
N ILE B 17 -4.41 5.39 4.31
CA ILE B 17 -4.01 6.72 4.75
C ILE B 17 -5.05 7.76 4.35
N LYS B 18 -5.80 7.47 3.28
CA LYS B 18 -6.72 8.42 2.71
C LYS B 18 -7.86 8.77 3.66
N LYS B 19 -8.32 7.81 4.45
CA LYS B 19 -9.36 8.12 5.43
C LYS B 19 -8.86 7.93 6.86
N ASP B 20 -7.74 7.23 7.02
CA ASP B 20 -7.25 6.91 8.36
C ASP B 20 -6.34 7.98 8.92
N PHE B 21 -5.26 8.29 8.21
CA PHE B 21 -4.24 9.19 8.74
C PHE B 21 -4.54 10.65 8.38
N PHE B 22 -4.05 11.09 7.24
CA PHE B 22 -4.14 12.50 6.88
C PHE B 22 -5.27 12.72 5.88
N GLY B 23 -5.31 11.90 4.85
CA GLY B 23 -6.38 11.98 3.88
C GLY B 23 -6.02 12.81 2.67
N LEU B 24 -4.78 13.28 2.64
CA LEU B 24 -4.32 14.18 1.61
C LEU B 24 -3.64 13.43 0.47
N ASP B 25 -3.58 14.07 -0.68
CA ASP B 25 -2.92 13.51 -1.85
C ASP B 25 -2.41 14.63 -2.75
N THR B 26 -2.87 15.84 -2.47
CA THR B 26 -2.45 17.01 -3.23
C THR B 26 -1.13 17.56 -2.69
N ASN B 27 -0.72 17.06 -1.53
CA ASN B 27 0.52 17.50 -0.91
C ASN B 27 1.66 16.58 -1.32
N SER B 28 2.72 16.60 -0.53
CA SER B 28 3.91 15.80 -0.80
C SER B 28 4.59 16.25 -2.10
N ALA B 29 4.25 17.44 -2.54
CA ALA B 29 4.83 18.03 -3.73
C ALA B 29 5.99 18.94 -3.34
N LYS B 30 6.29 18.97 -2.05
CA LYS B 30 7.36 19.78 -1.51
C LYS B 30 8.71 19.08 -1.64
N SER B 31 8.78 18.10 -2.52
CA SER B 31 10.01 17.37 -2.76
C SER B 31 10.91 18.20 -3.67
N LYS B 32 12.18 18.29 -3.33
CA LYS B 32 13.11 19.12 -4.08
C LYS B 32 13.55 18.42 -5.36
N ASP B 33 12.83 18.70 -6.44
CA ASP B 33 13.15 18.12 -7.73
C ASP B 33 13.75 19.19 -8.65
N VAL B 34 13.06 20.31 -8.76
CA VAL B 34 13.54 21.41 -9.58
C VAL B 34 13.99 22.58 -8.69
N GLY A 1 -5.39 -9.00 -23.03
CA GLY A 1 -6.65 -8.99 -22.27
C GLY A 1 -6.61 -8.01 -21.12
N PRO A 2 -7.78 -7.62 -20.58
CA PRO A 2 -7.84 -6.70 -19.44
C PRO A 2 -7.32 -7.33 -18.15
N HIS A 3 -6.35 -6.68 -17.54
CA HIS A 3 -5.76 -7.19 -16.31
C HIS A 3 -5.75 -6.09 -15.25
N MET A 4 -6.37 -6.38 -14.12
CA MET A 4 -6.42 -5.40 -13.03
C MET A 4 -5.10 -5.37 -12.27
N ASP A 5 -4.09 -4.77 -12.89
CA ASP A 5 -2.80 -4.60 -12.24
C ASP A 5 -2.94 -3.61 -11.09
N ARG A 6 -3.90 -2.71 -11.24
CA ARG A 6 -4.29 -1.82 -10.16
C ARG A 6 -5.43 -2.46 -9.37
N VAL A 7 -5.39 -2.32 -8.06
CA VAL A 7 -6.33 -3.00 -7.18
C VAL A 7 -7.66 -2.26 -7.14
N SER A 8 -8.75 -3.02 -7.25
CA SER A 8 -10.09 -2.47 -7.13
C SER A 8 -10.35 -1.99 -5.71
N LEU A 9 -11.10 -0.90 -5.59
CA LEU A 9 -11.31 -0.23 -4.32
C LEU A 9 -12.03 -1.14 -3.33
N GLN A 10 -12.90 -1.99 -3.86
CA GLN A 10 -13.58 -2.99 -3.04
C GLN A 10 -12.57 -3.86 -2.31
N ASN A 11 -11.53 -4.27 -3.03
CA ASN A 11 -10.48 -5.12 -2.48
C ASN A 11 -9.67 -4.36 -1.45
N LEU A 12 -9.60 -3.05 -1.63
CA LEU A 12 -8.85 -2.19 -0.72
C LEU A 12 -9.64 -1.94 0.56
N LYS A 13 -10.95 -1.83 0.43
CA LYS A 13 -11.81 -1.55 1.58
C LYS A 13 -11.66 -2.59 2.69
N ASN A 14 -11.33 -3.82 2.32
CA ASN A 14 -11.22 -4.90 3.30
C ASN A 14 -9.97 -4.74 4.15
N LEU A 15 -9.02 -3.96 3.67
CA LEU A 15 -7.74 -3.81 4.34
C LEU A 15 -7.91 -3.19 5.72
N GLY A 16 -8.70 -2.12 5.79
CA GLY A 16 -8.93 -1.45 7.05
C GLY A 16 -9.88 -2.22 7.94
N GLU A 17 -10.58 -3.19 7.36
CA GLU A 17 -11.55 -3.98 8.10
C GLU A 17 -10.92 -5.28 8.57
N SER A 18 -9.78 -5.61 8.00
CA SER A 18 -9.04 -6.81 8.36
C SER A 18 -8.29 -6.57 9.67
N ALA A 19 -8.59 -7.39 10.66
CA ALA A 19 -7.97 -7.28 11.96
C ALA A 19 -6.48 -7.61 11.87
N THR A 20 -6.13 -8.44 10.91
CA THR A 20 -4.75 -8.85 10.72
C THR A 20 -3.89 -7.69 10.23
N LEU A 21 -4.40 -6.95 9.24
CA LEU A 21 -3.60 -5.92 8.61
C LEU A 21 -3.42 -4.74 9.54
N ARG A 22 -4.51 -4.30 10.16
CA ARG A 22 -4.46 -3.16 11.08
C ARG A 22 -3.52 -3.42 12.25
N SER A 23 -3.34 -4.69 12.61
CA SER A 23 -2.42 -5.06 13.68
C SER A 23 -0.99 -4.67 13.30
N LEU A 24 -0.74 -4.54 12.01
CA LEU A 24 0.58 -4.15 11.52
C LEU A 24 0.68 -2.63 11.49
N LEU A 25 -0.45 -1.99 11.19
CA LEU A 25 -0.55 -0.52 11.15
C LEU A 25 -0.30 0.07 12.53
N LEU A 26 -0.43 -0.78 13.54
CA LEU A 26 -0.24 -0.38 14.92
C LEU A 26 1.22 0.02 15.19
N ASN A 27 2.11 -0.45 14.34
CA ASN A 27 3.54 -0.13 14.47
C ASN A 27 3.81 1.28 13.95
N PRO A 28 4.28 2.18 14.82
CA PRO A 28 4.61 3.56 14.44
C PRO A 28 5.64 3.63 13.32
N HIS A 29 6.58 2.71 13.32
CA HIS A 29 7.60 2.65 12.27
C HIS A 29 6.96 2.25 10.94
N LEU A 30 6.09 1.24 10.99
CA LEU A 30 5.48 0.68 9.79
C LEU A 30 4.56 1.72 9.15
N ARG A 31 3.75 2.38 9.97
CA ARG A 31 2.82 3.39 9.46
C ARG A 31 3.58 4.56 8.87
N GLN A 32 4.72 4.88 9.44
CA GLN A 32 5.56 5.95 8.94
C GLN A 32 6.13 5.59 7.57
N LEU A 33 6.42 4.31 7.37
CA LEU A 33 6.87 3.84 6.07
C LEU A 33 5.78 4.12 5.04
N MET A 34 4.55 3.74 5.38
CA MET A 34 3.40 4.01 4.52
C MET A 34 3.29 5.51 4.19
N VAL A 35 3.30 6.33 5.24
CA VAL A 35 3.20 7.77 5.08
C VAL A 35 4.32 8.34 4.23
N ASN A 36 5.53 7.81 4.42
CA ASN A 36 6.69 8.25 3.66
C ASN A 36 6.53 7.94 2.18
N LEU A 37 6.04 6.74 1.90
CA LEU A 37 5.87 6.27 0.53
C LEU A 37 4.80 7.06 -0.21
N ASP A 38 3.72 7.40 0.50
CA ASP A 38 2.57 8.09 -0.10
C ASP A 38 2.96 9.47 -0.62
N GLN A 39 3.96 10.06 0.01
CA GLN A 39 4.46 11.37 -0.39
C GLN A 39 5.01 11.35 -1.81
N GLY A 40 5.52 10.17 -2.17
CA GLY A 40 5.95 9.91 -3.54
C GLY A 40 7.18 10.70 -3.96
N GLU A 41 8.06 11.02 -3.01
CA GLU A 41 9.25 11.79 -3.32
C GLU A 41 10.24 10.90 -4.06
N ASP A 42 10.56 9.78 -3.43
CA ASP A 42 11.44 8.78 -4.01
C ASP A 42 10.84 7.41 -3.78
N LYS A 43 9.57 7.32 -4.15
CA LYS A 43 8.79 6.10 -4.06
C LYS A 43 9.53 4.89 -4.64
N ALA A 44 10.26 5.10 -5.73
CA ALA A 44 10.94 4.01 -6.41
C ALA A 44 12.03 3.42 -5.52
N LYS A 45 12.84 4.30 -4.94
CA LYS A 45 13.89 3.92 -4.03
C LYS A 45 13.29 3.30 -2.77
N LEU A 46 12.22 3.93 -2.29
CA LEU A 46 11.54 3.47 -1.09
C LEU A 46 10.97 2.07 -1.27
N MET A 47 10.34 1.80 -2.41
CA MET A 47 9.72 0.50 -2.66
C MET A 47 10.74 -0.63 -2.50
N ARG A 48 11.97 -0.35 -2.87
CA ARG A 48 13.06 -1.31 -2.71
C ARG A 48 13.52 -1.38 -1.27
N ALA A 49 13.71 -0.20 -0.68
CA ALA A 49 14.19 -0.11 0.69
C ALA A 49 13.22 -0.77 1.67
N TYR A 50 11.93 -0.60 1.40
CA TYR A 50 10.90 -1.08 2.32
C TYR A 50 10.81 -2.61 2.27
N MET A 51 11.28 -3.19 1.17
CA MET A 51 11.23 -4.64 1.01
C MET A 51 12.35 -5.33 1.78
N GLN A 52 13.17 -4.54 2.44
CA GLN A 52 14.21 -5.10 3.29
C GLN A 52 13.74 -5.07 4.75
N GLU A 53 12.76 -4.23 5.02
CA GLU A 53 12.29 -4.02 6.38
C GLU A 53 11.20 -5.03 6.69
N PRO A 54 11.40 -5.85 7.73
CA PRO A 54 10.49 -6.94 8.09
C PRO A 54 9.09 -6.42 8.48
N LEU A 55 8.98 -5.12 8.72
CA LEU A 55 7.69 -4.54 9.03
C LEU A 55 6.87 -4.35 7.75
N PHE A 56 7.52 -3.94 6.67
CA PHE A 56 6.79 -3.58 5.47
C PHE A 56 6.59 -4.81 4.60
N VAL A 57 7.55 -5.72 4.66
CA VAL A 57 7.47 -6.97 3.93
C VAL A 57 6.22 -7.76 4.31
N GLU A 58 6.01 -7.91 5.61
CA GLU A 58 4.86 -8.63 6.11
C GLU A 58 3.58 -7.84 5.88
N PHE A 59 3.67 -6.51 6.02
CA PHE A 59 2.54 -5.65 5.71
C PHE A 59 2.10 -5.89 4.28
N ALA A 60 3.06 -5.91 3.39
CA ALA A 60 2.82 -6.18 1.99
C ALA A 60 2.26 -7.57 1.79
N ASP A 61 2.91 -8.57 2.40
CA ASP A 61 2.53 -9.96 2.21
C ASP A 61 1.11 -10.20 2.72
N CYS A 62 0.73 -9.44 3.73
CA CYS A 62 -0.58 -9.57 4.34
C CYS A 62 -1.65 -8.91 3.49
N CYS A 63 -1.39 -7.70 3.00
CA CYS A 63 -2.39 -6.97 2.22
C CYS A 63 -2.60 -7.64 0.87
N LEU A 64 -1.56 -8.32 0.38
CA LEU A 64 -1.65 -9.04 -0.89
C LEU A 64 -2.70 -10.14 -0.80
N GLY A 65 -2.87 -10.71 0.39
CA GLY A 65 -3.82 -11.78 0.57
C GLY A 65 -5.24 -11.28 0.70
N ILE A 66 -5.38 -10.00 0.99
CA ILE A 66 -6.69 -9.40 1.17
C ILE A 66 -7.20 -8.83 -0.16
N VAL A 67 -6.27 -8.49 -1.05
CA VAL A 67 -6.64 -7.88 -2.32
C VAL A 67 -6.53 -8.87 -3.47
N GLU A 68 -6.05 -10.08 -3.18
CA GLU A 68 -5.87 -11.09 -4.21
C GLU A 68 -7.23 -11.61 -4.68
N PRO A 69 -7.49 -11.52 -5.98
CA PRO A 69 -8.72 -12.04 -6.59
C PRO A 69 -8.74 -13.56 -6.60
N SER A 70 -7.61 -14.14 -6.24
CA SER A 70 -7.47 -15.58 -6.15
C SER A 70 -7.91 -16.06 -4.76
N GLN A 71 -9.14 -15.76 -4.40
CA GLN A 71 -9.69 -16.14 -3.11
C GLN A 71 -9.95 -17.64 -3.07
N ASN A 72 -8.91 -18.38 -2.72
CA ASN A 72 -8.95 -19.84 -2.66
C ASN A 72 -9.10 -20.45 -4.05
N GLU A 73 -8.05 -21.07 -4.51
CA GLU A 73 -8.03 -21.71 -5.82
C GLU A 73 -8.52 -23.15 -5.70
N GLU A 74 -8.27 -23.73 -4.55
CA GLU A 74 -8.66 -25.10 -4.28
C GLU A 74 -9.22 -25.22 -2.87
N SER A 75 -10.52 -25.48 -2.78
CA SER A 75 -11.16 -25.62 -1.49
C SER A 75 -10.82 -26.98 -0.88
N ASP B 1 4.65 -12.03 -9.04
CA ASP B 1 5.29 -10.95 -9.83
C ASP B 1 5.49 -9.73 -8.93
N ILE B 2 6.71 -9.58 -8.44
CA ILE B 2 7.04 -8.55 -7.46
C ILE B 2 6.72 -7.16 -7.96
N ARG B 3 6.99 -6.88 -9.23
CA ARG B 3 6.69 -5.58 -9.82
C ARG B 3 5.21 -5.26 -9.70
N HIS B 4 4.38 -6.25 -9.99
CA HIS B 4 2.94 -6.12 -9.84
C HIS B 4 2.58 -5.91 -8.37
N GLU B 5 3.15 -6.76 -7.53
CA GLU B 5 2.86 -6.74 -6.09
C GLU B 5 3.24 -5.40 -5.47
N ARG B 6 4.41 -4.88 -5.84
CA ARG B 6 4.89 -3.59 -5.32
C ARG B 6 3.92 -2.46 -5.64
N ASN B 7 3.36 -2.48 -6.84
CA ASN B 7 2.45 -1.41 -7.26
C ASN B 7 1.11 -1.59 -6.57
N VAL B 8 0.79 -2.86 -6.30
CA VAL B 8 -0.42 -3.22 -5.58
C VAL B 8 -0.37 -2.65 -4.16
N ILE B 9 0.82 -2.62 -3.58
CA ILE B 9 1.00 -2.09 -2.24
C ILE B 9 0.65 -0.61 -2.19
N LEU B 10 0.95 0.09 -3.29
CA LEU B 10 0.67 1.52 -3.39
C LEU B 10 -0.82 1.79 -3.18
N GLN B 11 -1.66 0.95 -3.78
CA GLN B 11 -3.10 1.05 -3.62
C GLN B 11 -3.49 0.84 -2.15
N CYS B 12 -2.87 -0.17 -1.54
CA CYS B 12 -3.15 -0.52 -0.16
C CYS B 12 -2.77 0.63 0.78
N VAL B 13 -1.52 1.05 0.69
CA VAL B 13 -0.99 2.15 1.48
C VAL B 13 -1.87 3.40 1.38
N ARG B 14 -2.11 3.86 0.16
CA ARG B 14 -2.81 5.12 -0.04
C ARG B 14 -4.28 5.03 0.37
N TYR B 15 -4.88 3.86 0.21
CA TYR B 15 -6.25 3.67 0.63
C TYR B 15 -6.37 3.91 2.13
N ILE B 16 -5.46 3.30 2.90
CA ILE B 16 -5.47 3.43 4.35
C ILE B 16 -5.23 4.88 4.73
N ILE B 17 -4.15 5.43 4.20
CA ILE B 17 -3.75 6.80 4.49
C ILE B 17 -4.85 7.79 4.11
N LYS B 18 -5.67 7.40 3.15
CA LYS B 18 -6.77 8.22 2.67
C LYS B 18 -7.73 8.60 3.79
N LYS B 19 -8.04 7.65 4.66
CA LYS B 19 -8.96 7.93 5.76
C LYS B 19 -8.21 8.03 7.08
N ASP B 20 -6.99 7.54 7.11
CA ASP B 20 -6.23 7.49 8.36
C ASP B 20 -5.42 8.76 8.55
N PHE B 21 -4.53 9.05 7.62
CA PHE B 21 -3.59 10.16 7.79
C PHE B 21 -3.93 11.34 6.89
N PHE B 22 -3.38 11.37 5.69
CA PHE B 22 -3.52 12.52 4.81
C PHE B 22 -4.35 12.18 3.58
N GLY B 23 -4.00 11.10 2.92
CA GLY B 23 -4.70 10.73 1.71
C GLY B 23 -4.23 11.54 0.53
N LEU B 24 -2.92 11.57 0.34
CA LEU B 24 -2.32 12.38 -0.72
C LEU B 24 -2.56 11.77 -2.09
N ASP B 25 -2.23 12.54 -3.12
CA ASP B 25 -2.36 12.10 -4.52
C ASP B 25 -1.17 12.61 -5.30
N THR B 26 -0.09 12.88 -4.57
CA THR B 26 1.15 13.44 -5.13
C THR B 26 0.87 14.69 -5.95
N ASN B 27 -0.11 15.47 -5.51
CA ASN B 27 -0.43 16.73 -6.13
C ASN B 27 -0.09 17.87 -5.18
N SER B 28 1.11 18.40 -5.30
CA SER B 28 1.56 19.49 -4.46
C SER B 28 1.15 20.83 -5.06
N ALA B 29 0.83 21.78 -4.20
CA ALA B 29 0.39 23.09 -4.64
C ALA B 29 1.56 23.99 -5.01
N LYS B 30 2.37 23.52 -5.94
CA LYS B 30 3.51 24.28 -6.43
C LYS B 30 3.03 25.32 -7.43
N SER B 31 2.77 26.52 -6.93
CA SER B 31 2.24 27.62 -7.73
C SER B 31 0.86 27.26 -8.27
N LYS B 32 0.14 26.45 -7.51
CA LYS B 32 -1.17 25.99 -7.90
C LYS B 32 -2.22 27.00 -7.46
N ASP B 33 -2.50 27.97 -8.32
CA ASP B 33 -3.53 28.95 -8.05
C ASP B 33 -4.79 28.61 -8.81
N VAL B 34 -4.67 28.51 -10.12
CA VAL B 34 -5.80 28.17 -10.97
C VAL B 34 -5.98 26.65 -11.01
N GLY A 1 -11.58 -5.63 -18.15
CA GLY A 1 -10.59 -5.13 -19.14
C GLY A 1 -9.20 -5.12 -18.56
N PRO A 2 -8.30 -4.29 -19.12
CA PRO A 2 -6.93 -4.14 -18.60
C PRO A 2 -6.89 -3.47 -17.23
N HIS A 3 -7.23 -4.25 -16.21
CA HIS A 3 -7.27 -3.74 -14.84
C HIS A 3 -6.75 -4.80 -13.87
N MET A 4 -5.62 -5.40 -14.23
CA MET A 4 -5.03 -6.44 -13.38
C MET A 4 -3.80 -5.91 -12.67
N ASP A 5 -3.20 -4.89 -13.22
CA ASP A 5 -2.00 -4.28 -12.63
C ASP A 5 -2.37 -3.52 -11.38
N ARG A 6 -3.27 -2.57 -11.52
CA ARG A 6 -3.81 -1.86 -10.38
C ARG A 6 -5.06 -2.58 -9.87
N VAL A 7 -5.08 -2.86 -8.58
CA VAL A 7 -6.13 -3.66 -7.99
C VAL A 7 -7.36 -2.82 -7.66
N SER A 8 -8.51 -3.47 -7.63
CA SER A 8 -9.79 -2.82 -7.34
C SER A 8 -9.78 -2.16 -5.97
N LEU A 9 -10.40 -0.98 -5.89
CA LEU A 9 -10.46 -0.20 -4.66
C LEU A 9 -11.33 -0.92 -3.64
N GLN A 10 -12.30 -1.65 -4.15
CA GLN A 10 -13.14 -2.52 -3.32
C GLN A 10 -12.28 -3.48 -2.52
N ASN A 11 -11.29 -4.05 -3.19
CA ASN A 11 -10.36 -4.98 -2.56
C ASN A 11 -9.57 -4.27 -1.47
N LEU A 12 -9.27 -3.01 -1.73
CA LEU A 12 -8.53 -2.19 -0.78
C LEU A 12 -9.40 -1.86 0.42
N LYS A 13 -10.70 -1.69 0.18
CA LYS A 13 -11.65 -1.37 1.23
C LYS A 13 -11.69 -2.46 2.31
N ASN A 14 -11.30 -3.67 1.94
CA ASN A 14 -11.31 -4.80 2.86
C ASN A 14 -10.13 -4.74 3.82
N LEU A 15 -9.12 -3.95 3.45
CA LEU A 15 -7.90 -3.85 4.24
C LEU A 15 -8.17 -3.29 5.64
N GLY A 16 -8.95 -2.23 5.70
CA GLY A 16 -9.27 -1.60 6.99
C GLY A 16 -10.12 -2.49 7.86
N GLU A 17 -10.77 -3.48 7.26
CA GLU A 17 -11.65 -4.39 7.96
C GLU A 17 -10.84 -5.53 8.58
N SER A 18 -9.61 -5.70 8.11
CA SER A 18 -8.76 -6.80 8.53
C SER A 18 -8.15 -6.51 9.90
N ALA A 19 -8.41 -7.39 10.86
CA ALA A 19 -7.86 -7.27 12.19
C ALA A 19 -6.35 -7.52 12.17
N THR A 20 -5.91 -8.28 11.17
CA THR A 20 -4.50 -8.58 11.02
C THR A 20 -3.73 -7.36 10.53
N LEU A 21 -4.28 -6.67 9.54
CA LEU A 21 -3.58 -5.59 8.89
C LEU A 21 -3.45 -4.40 9.82
N ARG A 22 -4.55 -3.97 10.40
CA ARG A 22 -4.52 -2.85 11.32
C ARG A 22 -3.57 -3.13 12.49
N SER A 23 -3.42 -4.41 12.84
CA SER A 23 -2.58 -4.81 13.95
C SER A 23 -1.13 -4.43 13.72
N LEU A 24 -0.63 -4.64 12.50
CA LEU A 24 0.77 -4.32 12.22
C LEU A 24 0.95 -2.87 11.78
N LEU A 25 -0.13 -2.21 11.39
CA LEU A 25 -0.10 -0.77 11.14
C LEU A 25 0.09 -0.01 12.45
N LEU A 26 -0.07 -0.71 13.55
CA LEU A 26 0.12 -0.13 14.87
C LEU A 26 1.59 0.10 15.16
N ASN A 27 2.46 -0.56 14.39
CA ASN A 27 3.90 -0.36 14.52
C ASN A 27 4.27 1.01 13.99
N PRO A 28 4.84 1.86 14.87
CA PRO A 28 5.22 3.23 14.52
C PRO A 28 6.14 3.30 13.32
N HIS A 29 6.97 2.28 13.14
CA HIS A 29 7.90 2.24 12.02
C HIS A 29 7.15 1.99 10.71
N LEU A 30 6.30 0.96 10.71
CA LEU A 30 5.59 0.58 9.50
C LEU A 30 4.65 1.69 9.04
N ARG A 31 3.95 2.29 9.99
CA ARG A 31 3.00 3.34 9.66
C ARG A 31 3.73 4.56 9.10
N GLN A 32 4.95 4.77 9.56
CA GLN A 32 5.78 5.85 9.04
C GLN A 32 6.26 5.53 7.64
N LEU A 33 6.62 4.26 7.40
CA LEU A 33 7.00 3.82 6.07
C LEU A 33 5.87 4.12 5.08
N MET A 34 4.67 3.69 5.46
CA MET A 34 3.48 3.90 4.65
C MET A 34 3.29 5.38 4.27
N VAL A 35 3.24 6.24 5.28
CA VAL A 35 2.99 7.66 5.05
C VAL A 35 4.13 8.33 4.30
N ASN A 36 5.33 7.76 4.40
CA ASN A 36 6.49 8.26 3.68
C ASN A 36 6.38 7.97 2.20
N LEU A 37 5.86 6.79 1.88
CA LEU A 37 5.74 6.36 0.50
C LEU A 37 4.72 7.19 -0.25
N ASP A 38 3.61 7.44 0.41
CA ASP A 38 2.53 8.24 -0.18
C ASP A 38 3.00 9.65 -0.49
N GLN A 39 4.14 10.03 0.10
CA GLN A 39 4.71 11.34 -0.15
C GLN A 39 5.33 11.35 -1.52
N GLY A 40 5.80 10.18 -1.92
CA GLY A 40 6.28 9.98 -3.28
C GLY A 40 7.52 10.78 -3.62
N GLU A 41 8.20 11.31 -2.60
CA GLU A 41 9.40 12.11 -2.81
C GLU A 41 10.42 11.32 -3.61
N ASP A 42 10.74 10.15 -3.12
CA ASP A 42 11.63 9.22 -3.81
C ASP A 42 11.03 7.83 -3.75
N LYS A 43 9.79 7.74 -4.23
CA LYS A 43 9.05 6.49 -4.27
C LYS A 43 9.85 5.36 -4.87
N ALA A 44 10.75 5.69 -5.80
CA ALA A 44 11.55 4.68 -6.48
C ALA A 44 12.42 3.91 -5.49
N LYS A 45 13.20 4.65 -4.69
CA LYS A 45 14.08 4.01 -3.74
C LYS A 45 13.30 3.50 -2.54
N LEU A 46 12.17 4.15 -2.23
CA LEU A 46 11.33 3.71 -1.13
C LEU A 46 10.74 2.33 -1.42
N MET A 47 10.19 2.15 -2.62
CA MET A 47 9.62 0.88 -3.01
C MET A 47 10.61 -0.27 -2.81
N ARG A 48 11.87 0.00 -3.14
CA ARG A 48 12.91 -1.01 -3.03
C ARG A 48 13.38 -1.18 -1.60
N ALA A 49 13.59 -0.05 -0.91
CA ALA A 49 14.11 -0.05 0.44
C ALA A 49 13.08 -0.61 1.43
N TYR A 50 11.81 -0.49 1.10
CA TYR A 50 10.75 -0.96 1.99
C TYR A 50 10.61 -2.48 1.92
N MET A 51 10.94 -3.05 0.77
CA MET A 51 10.75 -4.48 0.55
C MET A 51 11.83 -5.30 1.26
N GLN A 52 12.78 -4.64 1.90
CA GLN A 52 13.81 -5.32 2.66
C GLN A 52 13.52 -5.22 4.15
N GLU A 53 12.54 -4.40 4.50
CA GLU A 53 12.19 -4.20 5.89
C GLU A 53 11.06 -5.13 6.27
N PRO A 54 11.29 -6.03 7.23
CA PRO A 54 10.30 -7.02 7.66
C PRO A 54 9.01 -6.36 8.15
N LEU A 55 9.12 -5.09 8.54
CA LEU A 55 7.95 -4.32 8.96
C LEU A 55 7.03 -4.06 7.78
N PHE A 56 7.61 -3.80 6.62
CA PHE A 56 6.82 -3.50 5.45
C PHE A 56 6.47 -4.79 4.72
N VAL A 57 7.33 -5.78 4.83
CA VAL A 57 7.08 -7.08 4.22
C VAL A 57 5.83 -7.73 4.82
N GLU A 58 5.70 -7.67 6.15
CA GLU A 58 4.54 -8.24 6.81
C GLU A 58 3.28 -7.45 6.46
N PHE A 59 3.44 -6.14 6.26
CA PHE A 59 2.34 -5.29 5.79
C PHE A 59 1.89 -5.76 4.42
N ALA A 60 2.84 -5.87 3.50
CA ALA A 60 2.56 -6.28 2.13
C ALA A 60 1.91 -7.65 2.10
N ASP A 61 2.44 -8.57 2.90
CA ASP A 61 1.99 -9.95 2.89
C ASP A 61 0.53 -10.04 3.30
N CYS A 62 0.14 -9.13 4.19
CA CYS A 62 -1.22 -9.10 4.70
C CYS A 62 -2.18 -8.51 3.67
N CYS A 63 -1.81 -7.39 3.07
CA CYS A 63 -2.70 -6.72 2.12
C CYS A 63 -2.87 -7.55 0.85
N LEU A 64 -1.82 -8.27 0.47
CA LEU A 64 -1.86 -9.09 -0.74
C LEU A 64 -2.79 -10.29 -0.56
N GLY A 65 -2.96 -10.73 0.69
CA GLY A 65 -3.87 -11.82 0.96
C GLY A 65 -5.32 -11.36 0.99
N ILE A 66 -5.50 -10.06 1.19
CA ILE A 66 -6.83 -9.48 1.28
C ILE A 66 -7.33 -9.01 -0.09
N VAL A 67 -6.41 -8.50 -0.91
CA VAL A 67 -6.79 -7.95 -2.21
C VAL A 67 -6.90 -9.04 -3.25
N GLU A 68 -6.77 -10.28 -2.82
CA GLU A 68 -7.06 -11.41 -3.69
C GLU A 68 -8.57 -11.64 -3.76
N PRO A 69 -9.16 -11.36 -4.93
CA PRO A 69 -10.61 -11.47 -5.12
C PRO A 69 -11.10 -12.91 -5.04
N SER A 70 -10.30 -13.83 -5.54
CA SER A 70 -10.64 -15.24 -5.47
C SER A 70 -9.60 -15.98 -4.64
N GLN A 71 -9.92 -16.24 -3.38
CA GLN A 71 -8.99 -16.87 -2.46
C GLN A 71 -8.66 -18.27 -2.91
N ASN A 72 -7.46 -18.44 -3.44
CA ASN A 72 -7.00 -19.73 -3.92
C ASN A 72 -5.81 -20.22 -3.11
N GLU A 73 -5.93 -21.41 -2.58
CA GLU A 73 -4.87 -22.02 -1.79
C GLU A 73 -3.64 -22.25 -2.67
N GLU A 74 -2.49 -21.79 -2.21
CA GLU A 74 -1.25 -21.96 -2.95
C GLU A 74 -0.66 -23.35 -2.69
N SER A 75 -1.55 -24.35 -2.69
CA SER A 75 -1.16 -25.72 -2.46
C SER A 75 -0.54 -26.31 -3.72
N ASP B 1 4.13 -12.35 -8.94
CA ASP B 1 5.13 -11.45 -9.56
C ASP B 1 5.41 -10.24 -8.69
N ILE B 2 6.68 -10.06 -8.35
CA ILE B 2 7.10 -9.08 -7.37
C ILE B 2 6.90 -7.64 -7.85
N ARG B 3 7.13 -7.39 -9.13
CA ARG B 3 7.02 -6.04 -9.65
C ARG B 3 5.57 -5.60 -9.69
N HIS B 4 4.68 -6.57 -9.78
CA HIS B 4 3.25 -6.33 -9.72
C HIS B 4 2.83 -6.02 -8.29
N GLU B 5 3.24 -6.88 -7.36
CA GLU B 5 2.84 -6.75 -5.97
C GLU B 5 3.19 -5.38 -5.42
N ARG B 6 4.40 -4.91 -5.72
CA ARG B 6 4.89 -3.64 -5.20
C ARG B 6 4.00 -2.47 -5.62
N ASN B 7 3.44 -2.53 -6.82
CA ASN B 7 2.61 -1.46 -7.32
C ASN B 7 1.24 -1.55 -6.65
N VAL B 8 0.86 -2.78 -6.35
CA VAL B 8 -0.38 -3.07 -5.65
C VAL B 8 -0.34 -2.51 -4.24
N ILE B 9 0.83 -2.57 -3.61
CA ILE B 9 1.01 -2.05 -2.27
C ILE B 9 0.71 -0.55 -2.24
N LEU B 10 1.10 0.14 -3.31
CA LEU B 10 0.84 1.57 -3.44
C LEU B 10 -0.65 1.86 -3.34
N GLN B 11 -1.46 1.05 -4.02
CA GLN B 11 -2.91 1.18 -3.96
C GLN B 11 -3.41 0.94 -2.53
N CYS B 12 -2.80 -0.02 -1.85
CA CYS B 12 -3.19 -0.39 -0.50
C CYS B 12 -2.89 0.74 0.49
N VAL B 13 -1.61 1.11 0.58
CA VAL B 13 -1.17 2.16 1.48
C VAL B 13 -1.95 3.47 1.25
N ARG B 14 -2.14 3.84 -0.01
CA ARG B 14 -2.80 5.09 -0.33
C ARG B 14 -4.27 5.07 0.07
N TYR B 15 -4.88 3.89 0.04
CA TYR B 15 -6.26 3.75 0.47
C TYR B 15 -6.34 3.96 1.98
N ILE B 16 -5.44 3.31 2.71
CA ILE B 16 -5.47 3.34 4.16
C ILE B 16 -5.23 4.76 4.66
N ILE B 17 -4.15 5.36 4.17
CA ILE B 17 -3.81 6.74 4.52
C ILE B 17 -4.95 7.68 4.19
N LYS B 18 -5.78 7.27 3.23
CA LYS B 18 -6.83 8.13 2.71
C LYS B 18 -7.96 8.31 3.73
N LYS B 19 -8.23 7.29 4.54
CA LYS B 19 -9.25 7.45 5.56
C LYS B 19 -8.67 7.34 6.98
N ASP B 20 -7.47 6.81 7.09
CA ASP B 20 -6.87 6.58 8.40
C ASP B 20 -6.02 7.76 8.85
N PHE B 21 -5.04 8.11 8.04
CA PHE B 21 -4.04 9.09 8.44
C PHE B 21 -4.35 10.49 7.92
N PHE B 22 -3.81 10.83 6.76
CA PHE B 22 -3.90 12.18 6.23
C PHE B 22 -5.20 12.40 5.47
N GLY B 23 -5.50 11.46 4.59
CA GLY B 23 -6.74 11.52 3.84
C GLY B 23 -6.64 12.30 2.55
N LEU B 24 -5.41 12.62 2.15
CA LEU B 24 -5.19 13.46 0.99
C LEU B 24 -4.47 12.71 -0.13
N ASP B 25 -4.59 13.23 -1.34
CA ASP B 25 -3.93 12.65 -2.51
C ASP B 25 -3.07 13.69 -3.20
N THR B 26 -3.62 14.86 -3.37
CA THR B 26 -2.93 15.96 -4.03
C THR B 26 -2.95 17.21 -3.14
N ASN B 27 -2.31 17.11 -1.99
CA ASN B 27 -2.24 18.23 -1.05
C ASN B 27 -0.80 18.60 -0.75
N SER B 28 -0.07 17.67 -0.14
CA SER B 28 1.28 17.95 0.33
C SER B 28 2.31 17.61 -0.74
N ALA B 29 1.84 17.36 -1.95
CA ALA B 29 2.70 16.96 -3.05
C ALA B 29 3.19 18.17 -3.85
N LYS B 30 3.07 19.35 -3.27
CA LYS B 30 3.50 20.58 -3.92
C LYS B 30 4.76 21.12 -3.24
N SER B 31 5.12 22.36 -3.58
CA SER B 31 6.20 23.09 -2.92
C SER B 31 7.57 22.48 -3.21
N LYS B 32 7.77 21.99 -4.41
CA LYS B 32 9.08 21.45 -4.81
C LYS B 32 9.86 22.49 -5.59
N ASP B 33 9.39 23.72 -5.52
CA ASP B 33 10.00 24.83 -6.24
C ASP B 33 10.79 25.73 -5.30
N VAL B 34 10.72 25.42 -4.01
CA VAL B 34 11.39 26.23 -3.01
C VAL B 34 12.90 25.93 -2.98
N GLY A 1 -3.81 -8.38 -13.01
CA GLY A 1 -4.27 -8.87 -14.33
C GLY A 1 -3.51 -8.21 -15.48
N PRO A 2 -3.64 -8.75 -16.71
CA PRO A 2 -2.96 -8.19 -17.89
C PRO A 2 -3.33 -6.74 -18.14
N HIS A 3 -2.36 -5.85 -17.96
CA HIS A 3 -2.57 -4.40 -18.11
C HIS A 3 -3.59 -3.92 -17.09
N MET A 4 -3.67 -4.66 -16.00
CA MET A 4 -4.56 -4.36 -14.90
C MET A 4 -3.84 -4.70 -13.60
N ASP A 5 -2.75 -4.00 -13.36
CA ASP A 5 -1.93 -4.23 -12.18
C ASP A 5 -2.48 -3.46 -10.99
N ARG A 6 -3.29 -2.45 -11.29
CA ARG A 6 -4.01 -1.73 -10.26
C ARG A 6 -5.24 -2.52 -9.85
N VAL A 7 -5.60 -2.43 -8.57
CA VAL A 7 -6.71 -3.21 -8.05
C VAL A 7 -7.91 -2.29 -7.72
N SER A 8 -9.10 -2.89 -7.61
CA SER A 8 -10.32 -2.14 -7.34
C SER A 8 -10.37 -1.63 -5.90
N LEU A 9 -11.27 -0.69 -5.64
CA LEU A 9 -11.36 -0.06 -4.33
C LEU A 9 -11.91 -1.05 -3.31
N GLN A 10 -12.87 -1.88 -3.72
CA GLN A 10 -13.43 -2.92 -2.85
C GLN A 10 -12.34 -3.79 -2.27
N ASN A 11 -11.38 -4.12 -3.13
CA ASN A 11 -10.28 -4.97 -2.72
C ASN A 11 -9.39 -4.26 -1.72
N LEU A 12 -9.43 -2.94 -1.72
CA LEU A 12 -8.67 -2.15 -0.76
C LEU A 12 -9.46 -1.96 0.53
N LYS A 13 -10.78 -1.84 0.39
CA LYS A 13 -11.67 -1.55 1.51
C LYS A 13 -11.54 -2.57 2.65
N ASN A 14 -11.35 -3.84 2.32
CA ASN A 14 -11.34 -4.90 3.33
C ASN A 14 -10.08 -4.88 4.17
N LEU A 15 -9.07 -4.17 3.71
CA LEU A 15 -7.79 -4.10 4.40
C LEU A 15 -7.96 -3.43 5.76
N GLY A 16 -8.73 -2.35 5.78
CA GLY A 16 -9.02 -1.68 7.04
C GLY A 16 -9.94 -2.51 7.92
N GLU A 17 -10.55 -3.53 7.32
CA GLU A 17 -11.45 -4.42 8.03
C GLU A 17 -10.67 -5.64 8.52
N SER A 18 -9.45 -5.77 8.03
CA SER A 18 -8.60 -6.92 8.34
C SER A 18 -7.92 -6.73 9.68
N ALA A 19 -8.30 -7.55 10.64
CA ALA A 19 -7.71 -7.51 11.97
C ALA A 19 -6.24 -7.90 11.92
N THR A 20 -5.89 -8.69 10.91
CA THR A 20 -4.52 -9.12 10.71
C THR A 20 -3.64 -7.96 10.25
N LEU A 21 -4.13 -7.20 9.27
CA LEU A 21 -3.34 -6.14 8.67
C LEU A 21 -3.18 -4.98 9.64
N ARG A 22 -4.29 -4.57 10.24
CA ARG A 22 -4.27 -3.46 11.18
C ARG A 22 -3.31 -3.72 12.34
N SER A 23 -3.15 -4.99 12.71
CA SER A 23 -2.27 -5.38 13.81
C SER A 23 -0.83 -4.99 13.48
N LEU A 24 -0.53 -4.84 12.20
CA LEU A 24 0.80 -4.47 11.76
C LEU A 24 0.94 -2.95 11.80
N LEU A 25 -0.17 -2.25 11.58
CA LEU A 25 -0.18 -0.78 11.60
C LEU A 25 -0.05 -0.25 13.03
N LEU A 26 0.00 -1.17 14.00
CA LEU A 26 0.27 -0.79 15.38
C LEU A 26 1.70 -0.29 15.51
N ASN A 27 2.53 -0.61 14.53
CA ASN A 27 3.91 -0.13 14.50
C ASN A 27 3.96 1.26 13.86
N PRO A 28 4.35 2.29 14.65
CA PRO A 28 4.47 3.66 14.15
C PRO A 28 5.44 3.77 12.98
N HIS A 29 6.52 3.00 13.06
CA HIS A 29 7.52 2.96 12.00
C HIS A 29 6.90 2.48 10.69
N LEU A 30 6.12 1.40 10.77
CA LEU A 30 5.48 0.83 9.58
C LEU A 30 4.57 1.87 8.95
N ARG A 31 3.86 2.62 9.78
CA ARG A 31 2.96 3.65 9.31
C ARG A 31 3.74 4.77 8.64
N GLN A 32 4.87 5.13 9.23
CA GLN A 32 5.74 6.14 8.65
C GLN A 32 6.25 5.69 7.29
N LEU A 33 6.54 4.39 7.17
CA LEU A 33 6.94 3.82 5.90
C LEU A 33 5.86 4.07 4.85
N MET A 34 4.63 3.70 5.20
CA MET A 34 3.47 3.94 4.34
C MET A 34 3.39 5.40 3.94
N VAL A 35 3.43 6.28 4.94
CA VAL A 35 3.34 7.72 4.72
C VAL A 35 4.47 8.20 3.81
N ASN A 36 5.69 7.75 4.08
CA ASN A 36 6.86 8.15 3.29
C ASN A 36 6.71 7.72 1.83
N LEU A 37 6.22 6.50 1.63
CA LEU A 37 6.04 5.95 0.29
C LEU A 37 4.93 6.70 -0.45
N ASP A 38 3.90 7.08 0.29
CA ASP A 38 2.74 7.75 -0.29
C ASP A 38 3.08 9.15 -0.78
N GLN A 39 4.13 9.72 -0.18
CA GLN A 39 4.61 11.05 -0.58
C GLN A 39 5.07 11.04 -2.02
N GLY A 40 5.56 9.88 -2.43
CA GLY A 40 5.95 9.67 -3.81
C GLY A 40 7.18 10.45 -4.22
N GLU A 41 8.02 10.79 -3.26
CA GLU A 41 9.21 11.58 -3.54
C GLU A 41 10.28 10.71 -4.18
N ASP A 42 10.60 9.64 -3.49
CA ASP A 42 11.56 8.65 -3.99
C ASP A 42 11.03 7.25 -3.76
N LYS A 43 9.74 7.10 -4.05
CA LYS A 43 9.05 5.82 -3.96
C LYS A 43 9.84 4.70 -4.64
N ALA A 44 10.52 5.01 -5.74
CA ALA A 44 11.26 4.00 -6.48
C ALA A 44 12.38 3.41 -5.63
N LYS A 45 13.08 4.28 -4.91
CA LYS A 45 14.12 3.86 -3.99
C LYS A 45 13.49 3.21 -2.77
N LEU A 46 12.45 3.86 -2.24
CA LEU A 46 11.74 3.39 -1.07
C LEU A 46 11.21 1.98 -1.28
N MET A 47 10.73 1.67 -2.48
CA MET A 47 10.24 0.33 -2.81
C MET A 47 11.26 -0.73 -2.44
N ARG A 48 12.53 -0.43 -2.69
CA ARG A 48 13.62 -1.34 -2.40
C ARG A 48 13.97 -1.30 -0.91
N ALA A 49 13.96 -0.10 -0.35
CA ALA A 49 14.34 0.11 1.04
C ALA A 49 13.32 -0.53 1.99
N TYR A 50 12.08 -0.64 1.54
CA TYR A 50 11.01 -1.17 2.38
C TYR A 50 11.02 -2.69 2.39
N MET A 51 11.49 -3.29 1.31
CA MET A 51 11.50 -4.74 1.17
C MET A 51 12.65 -5.35 1.97
N GLN A 52 13.36 -4.53 2.72
CA GLN A 52 14.42 -5.03 3.60
C GLN A 52 13.95 -4.94 5.04
N GLU A 53 12.83 -4.27 5.24
CA GLU A 53 12.29 -4.06 6.57
C GLU A 53 11.17 -5.07 6.84
N PRO A 54 11.33 -5.91 7.87
CA PRO A 54 10.35 -6.94 8.21
C PRO A 54 8.99 -6.36 8.60
N LEU A 55 8.96 -5.06 8.84
CA LEU A 55 7.70 -4.39 9.12
C LEU A 55 6.87 -4.26 7.86
N PHE A 56 7.49 -3.83 6.77
CA PHE A 56 6.73 -3.46 5.58
C PHE A 56 6.50 -4.68 4.70
N VAL A 57 7.44 -5.61 4.74
CA VAL A 57 7.31 -6.86 4.01
C VAL A 57 6.04 -7.60 4.42
N GLU A 58 5.84 -7.72 5.73
CA GLU A 58 4.65 -8.37 6.28
C GLU A 58 3.40 -7.59 5.94
N PHE A 59 3.48 -6.27 6.06
CA PHE A 59 2.37 -5.39 5.70
C PHE A 59 1.95 -5.69 4.26
N ALA A 60 2.94 -5.72 3.39
CA ALA A 60 2.72 -6.01 1.99
C ALA A 60 2.18 -7.43 1.81
N ASP A 61 2.82 -8.38 2.48
CA ASP A 61 2.47 -9.79 2.30
C ASP A 61 1.06 -10.07 2.77
N CYS A 62 0.61 -9.30 3.74
CA CYS A 62 -0.70 -9.49 4.33
C CYS A 62 -1.80 -8.86 3.46
N CYS A 63 -1.54 -7.67 2.93
CA CYS A 63 -2.54 -6.97 2.15
C CYS A 63 -2.77 -7.66 0.81
N LEU A 64 -1.76 -8.37 0.32
CA LEU A 64 -1.85 -9.06 -0.96
C LEU A 64 -2.97 -10.09 -0.94
N GLY A 65 -3.05 -10.86 0.13
CA GLY A 65 -4.06 -11.89 0.23
C GLY A 65 -5.46 -11.33 0.28
N ILE A 66 -5.58 -10.05 0.58
CA ILE A 66 -6.86 -9.39 0.69
C ILE A 66 -7.28 -8.77 -0.65
N VAL A 67 -6.30 -8.33 -1.43
CA VAL A 67 -6.59 -7.65 -2.69
C VAL A 67 -6.50 -8.57 -3.90
N GLU A 68 -5.84 -9.71 -3.74
CA GLU A 68 -5.73 -10.68 -4.84
C GLU A 68 -7.05 -11.42 -5.01
N PRO A 69 -7.75 -11.15 -6.12
CA PRO A 69 -9.05 -11.76 -6.40
C PRO A 69 -8.94 -13.17 -6.95
N SER A 70 -7.72 -13.57 -7.28
CA SER A 70 -7.46 -14.85 -7.94
C SER A 70 -8.22 -14.91 -9.25
N GLN A 71 -8.55 -16.10 -9.71
CA GLN A 71 -9.41 -16.26 -10.86
C GLN A 71 -10.87 -16.19 -10.44
N ASN A 72 -11.74 -15.81 -11.34
CA ASN A 72 -13.16 -15.73 -11.04
C ASN A 72 -13.91 -16.87 -11.72
N GLU A 73 -13.21 -17.99 -11.90
CA GLU A 73 -13.81 -19.19 -12.47
C GLU A 73 -14.66 -19.89 -11.42
N GLU A 74 -14.44 -19.53 -10.17
CA GLU A 74 -15.20 -20.04 -9.06
C GLU A 74 -15.33 -18.99 -7.97
N SER A 75 -16.57 -18.73 -7.57
CA SER A 75 -16.84 -17.75 -6.52
C SER A 75 -16.75 -18.43 -5.16
N ASP B 1 3.67 -12.06 -9.06
CA ASP B 1 4.76 -11.24 -9.62
C ASP B 1 5.06 -10.06 -8.70
N ILE B 2 6.33 -9.86 -8.41
CA ILE B 2 6.75 -8.90 -7.39
C ILE B 2 6.56 -7.46 -7.87
N ARG B 3 6.57 -7.27 -9.18
CA ARG B 3 6.33 -5.95 -9.76
C ARG B 3 4.90 -5.52 -9.48
N HIS B 4 4.01 -6.51 -9.51
CA HIS B 4 2.59 -6.27 -9.32
C HIS B 4 2.28 -5.95 -7.87
N GLU B 5 2.81 -6.76 -6.98
CA GLU B 5 2.54 -6.61 -5.57
C GLU B 5 3.06 -5.26 -5.06
N ARG B 6 4.20 -4.85 -5.58
CA ARG B 6 4.80 -3.57 -5.20
C ARG B 6 3.90 -2.38 -5.53
N ASN B 7 3.27 -2.42 -6.70
CA ASN B 7 2.42 -1.30 -7.11
C ASN B 7 1.06 -1.43 -6.45
N VAL B 8 0.72 -2.65 -6.07
CA VAL B 8 -0.49 -2.92 -5.31
C VAL B 8 -0.42 -2.24 -3.95
N ILE B 9 0.76 -2.22 -3.36
CA ILE B 9 0.97 -1.60 -2.06
C ILE B 9 0.60 -0.13 -2.12
N LEU B 10 0.87 0.49 -3.26
CA LEU B 10 0.56 1.90 -3.47
C LEU B 10 -0.94 2.14 -3.30
N GLN B 11 -1.74 1.25 -3.88
CA GLN B 11 -3.19 1.31 -3.74
C GLN B 11 -3.61 1.15 -2.28
N CYS B 12 -2.95 0.23 -1.59
CA CYS B 12 -3.25 -0.05 -0.19
C CYS B 12 -2.98 1.16 0.67
N VAL B 13 -1.73 1.64 0.62
CA VAL B 13 -1.31 2.85 1.31
C VAL B 13 -2.24 4.02 1.00
N ARG B 14 -2.58 4.19 -0.27
CA ARG B 14 -3.43 5.29 -0.72
C ARG B 14 -4.80 5.24 -0.06
N TYR B 15 -5.36 4.04 0.02
CA TYR B 15 -6.66 3.84 0.61
C TYR B 15 -6.64 4.14 2.10
N ILE B 16 -5.63 3.62 2.78
CA ILE B 16 -5.53 3.76 4.23
C ILE B 16 -5.29 5.21 4.61
N ILE B 17 -4.22 5.79 4.11
CA ILE B 17 -3.85 7.17 4.45
C ILE B 17 -4.95 8.15 4.07
N LYS B 18 -5.81 7.74 3.14
CA LYS B 18 -6.86 8.61 2.65
C LYS B 18 -7.91 8.89 3.72
N LYS B 19 -8.30 7.86 4.47
CA LYS B 19 -9.32 8.04 5.49
C LYS B 19 -8.78 7.84 6.91
N ASP B 20 -7.59 7.26 7.01
CA ASP B 20 -7.03 6.95 8.33
C ASP B 20 -6.20 8.09 8.87
N PHE B 21 -5.15 8.45 8.14
CA PHE B 21 -4.16 9.39 8.62
C PHE B 21 -4.58 10.83 8.37
N PHE B 22 -4.21 11.35 7.21
CA PHE B 22 -4.38 12.77 6.92
C PHE B 22 -5.43 12.98 5.84
N GLY B 23 -5.36 12.15 4.80
CA GLY B 23 -6.29 12.26 3.70
C GLY B 23 -5.79 13.20 2.62
N LEU B 24 -4.61 13.75 2.83
CA LEU B 24 -4.03 14.71 1.91
C LEU B 24 -2.67 14.26 1.41
N ASP B 25 -2.07 15.08 0.55
CA ASP B 25 -0.77 14.78 -0.03
C ASP B 25 0.17 15.97 0.16
N THR B 26 1.12 15.81 1.05
CA THR B 26 2.03 16.89 1.40
C THR B 26 3.19 17.00 0.42
N ASN B 27 3.37 15.98 -0.40
CA ASN B 27 4.53 15.90 -1.26
C ASN B 27 4.13 15.67 -2.71
N SER B 28 5.09 15.24 -3.52
CA SER B 28 4.89 15.10 -4.97
C SER B 28 4.69 16.47 -5.60
N ALA B 29 5.03 17.51 -4.84
CA ALA B 29 4.86 18.89 -5.30
C ALA B 29 6.11 19.35 -6.04
N LYS B 30 7.14 18.52 -6.01
CA LYS B 30 8.37 18.80 -6.73
C LYS B 30 8.43 17.97 -8.00
N SER B 31 7.32 17.33 -8.30
CA SER B 31 7.18 16.52 -9.49
C SER B 31 5.92 16.93 -10.23
N LYS B 32 5.93 16.82 -11.55
CA LYS B 32 4.77 17.21 -12.34
C LYS B 32 3.86 16.01 -12.58
N ASP B 33 3.13 15.63 -11.54
CA ASP B 33 2.23 14.50 -11.61
C ASP B 33 0.79 14.97 -11.78
N VAL B 34 0.30 15.68 -10.79
CA VAL B 34 -1.05 16.22 -10.83
C VAL B 34 -1.01 17.72 -11.09
N GLY A 1 -0.83 -7.25 -22.53
CA GLY A 1 -0.21 -6.52 -21.40
C GLY A 1 -1.25 -5.98 -20.44
N PRO A 2 -0.90 -5.74 -19.18
CA PRO A 2 -1.83 -5.21 -18.17
C PRO A 2 -2.26 -3.78 -18.49
N HIS A 3 -3.54 -3.61 -18.76
CA HIS A 3 -4.08 -2.29 -19.09
C HIS A 3 -4.45 -1.54 -17.82
N MET A 4 -4.96 -2.28 -16.85
CA MET A 4 -5.30 -1.73 -15.56
C MET A 4 -4.96 -2.74 -14.48
N ASP A 5 -3.70 -2.75 -14.07
CA ASP A 5 -3.23 -3.71 -13.07
C ASP A 5 -3.49 -3.21 -11.66
N ARG A 6 -4.05 -2.00 -11.57
CA ARG A 6 -4.46 -1.45 -10.28
C ARG A 6 -5.56 -2.31 -9.70
N VAL A 7 -5.44 -2.64 -8.42
CA VAL A 7 -6.37 -3.54 -7.77
C VAL A 7 -7.65 -2.80 -7.37
N SER A 8 -8.76 -3.53 -7.39
CA SER A 8 -10.08 -2.98 -7.10
C SER A 8 -10.13 -2.27 -5.74
N LEU A 9 -10.84 -1.14 -5.72
CA LEU A 9 -10.99 -0.32 -4.52
C LEU A 9 -11.69 -1.12 -3.43
N GLN A 10 -12.64 -1.96 -3.85
CA GLN A 10 -13.36 -2.81 -2.91
C GLN A 10 -12.40 -3.75 -2.19
N ASN A 11 -11.43 -4.27 -2.94
CA ASN A 11 -10.40 -5.14 -2.38
C ASN A 11 -9.63 -4.39 -1.31
N LEU A 12 -9.37 -3.12 -1.56
CA LEU A 12 -8.67 -2.27 -0.63
C LEU A 12 -9.53 -2.00 0.59
N LYS A 13 -10.83 -1.85 0.35
CA LYS A 13 -11.78 -1.57 1.44
C LYS A 13 -11.80 -2.67 2.49
N ASN A 14 -11.27 -3.84 2.15
CA ASN A 14 -11.22 -4.95 3.09
C ASN A 14 -10.00 -4.86 4.00
N LEU A 15 -9.03 -4.04 3.61
CA LEU A 15 -7.79 -3.90 4.35
C LEU A 15 -8.04 -3.38 5.76
N GLY A 16 -8.91 -2.37 5.86
CA GLY A 16 -9.22 -1.78 7.16
C GLY A 16 -10.05 -2.71 8.03
N GLU A 17 -10.61 -3.74 7.41
CA GLU A 17 -11.46 -4.69 8.10
C GLU A 17 -10.63 -5.80 8.71
N SER A 18 -9.41 -5.96 8.21
CA SER A 18 -8.52 -7.02 8.66
C SER A 18 -7.85 -6.65 9.96
N ALA A 19 -8.15 -7.40 11.02
CA ALA A 19 -7.52 -7.20 12.31
C ALA A 19 -6.03 -7.56 12.25
N THR A 20 -5.67 -8.37 11.27
CA THR A 20 -4.30 -8.77 11.09
C THR A 20 -3.46 -7.64 10.50
N LEU A 21 -4.02 -6.96 9.52
CA LEU A 21 -3.29 -5.90 8.81
C LEU A 21 -3.16 -4.68 9.69
N ARG A 22 -4.27 -4.25 10.27
CA ARG A 22 -4.27 -3.09 11.14
C ARG A 22 -3.31 -3.26 12.32
N SER A 23 -3.11 -4.51 12.75
CA SER A 23 -2.21 -4.80 13.86
C SER A 23 -0.78 -4.40 13.48
N LEU A 24 -0.47 -4.49 12.21
CA LEU A 24 0.86 -4.15 11.71
C LEU A 24 1.01 -2.63 11.67
N LEU A 25 -0.06 -1.95 11.29
CA LEU A 25 -0.08 -0.49 11.19
C LEU A 25 0.07 0.15 12.56
N LEU A 26 -0.20 -0.63 13.59
CA LEU A 26 -0.07 -0.17 14.97
C LEU A 26 1.39 0.13 15.31
N ASN A 27 2.31 -0.42 14.51
CA ASN A 27 3.72 -0.11 14.65
C ASN A 27 3.98 1.27 14.07
N PRO A 28 4.50 2.20 14.89
CA PRO A 28 4.78 3.58 14.47
C PRO A 28 5.78 3.64 13.31
N HIS A 29 6.61 2.61 13.20
CA HIS A 29 7.58 2.54 12.11
C HIS A 29 6.88 2.26 10.78
N LEU A 30 6.01 1.25 10.76
CA LEU A 30 5.38 0.83 9.52
C LEU A 30 4.46 1.91 8.98
N ARG A 31 3.78 2.62 9.87
CA ARG A 31 2.89 3.69 9.46
C ARG A 31 3.70 4.86 8.90
N GLN A 32 4.94 5.01 9.38
CA GLN A 32 5.84 6.01 8.85
C GLN A 32 6.29 5.63 7.45
N LEU A 33 6.53 4.34 7.23
CA LEU A 33 6.86 3.83 5.91
C LEU A 33 5.72 4.14 4.93
N MET A 34 4.50 3.86 5.37
CA MET A 34 3.32 4.11 4.54
C MET A 34 3.22 5.59 4.15
N VAL A 35 3.30 6.49 5.13
CA VAL A 35 3.16 7.91 4.86
C VAL A 35 4.32 8.43 4.00
N ASN A 36 5.50 7.84 4.16
CA ASN A 36 6.66 8.21 3.36
C ASN A 36 6.43 7.88 1.89
N LEU A 37 5.92 6.67 1.65
CA LEU A 37 5.65 6.20 0.30
C LEU A 37 4.54 6.99 -0.36
N ASP A 38 3.51 7.31 0.41
CA ASP A 38 2.35 8.05 -0.09
C ASP A 38 2.74 9.45 -0.56
N GLN A 39 3.60 10.11 0.21
CA GLN A 39 4.00 11.48 -0.10
C GLN A 39 4.85 11.51 -1.36
N GLY A 40 5.55 10.41 -1.58
CA GLY A 40 6.31 10.23 -2.79
C GLY A 40 7.67 10.89 -2.74
N GLU A 41 8.24 10.97 -1.54
CA GLU A 41 9.54 11.60 -1.32
C GLU A 41 10.57 11.02 -2.29
N ASP A 42 10.70 9.71 -2.25
CA ASP A 42 11.52 8.98 -3.20
C ASP A 42 11.01 7.56 -3.29
N LYS A 43 9.79 7.43 -3.80
CA LYS A 43 9.12 6.14 -3.90
C LYS A 43 9.96 5.14 -4.68
N ALA A 44 10.81 5.64 -5.58
CA ALA A 44 11.67 4.78 -6.38
C ALA A 44 12.60 3.97 -5.47
N LYS A 45 13.22 4.66 -4.52
CA LYS A 45 14.09 4.04 -3.55
C LYS A 45 13.28 3.29 -2.50
N LEU A 46 12.20 3.92 -2.05
CA LEU A 46 11.37 3.39 -0.97
C LEU A 46 10.83 2.01 -1.32
N MET A 47 10.35 1.84 -2.55
CA MET A 47 9.79 0.54 -2.98
C MET A 47 10.77 -0.60 -2.73
N ARG A 48 12.05 -0.33 -2.92
CA ARG A 48 13.09 -1.32 -2.72
C ARG A 48 13.49 -1.39 -1.26
N ALA A 49 13.64 -0.23 -0.64
CA ALA A 49 14.09 -0.14 0.74
C ALA A 49 13.06 -0.67 1.72
N TYR A 50 11.81 -0.71 1.31
CA TYR A 50 10.74 -1.19 2.18
C TYR A 50 10.66 -2.71 2.17
N MET A 51 11.10 -3.32 1.08
CA MET A 51 10.98 -4.77 0.93
C MET A 51 12.10 -5.50 1.65
N GLN A 52 12.93 -4.75 2.35
CA GLN A 52 13.98 -5.33 3.18
C GLN A 52 13.57 -5.27 4.65
N GLU A 53 12.45 -4.59 4.91
CA GLU A 53 12.01 -4.41 6.28
C GLU A 53 10.91 -5.41 6.61
N PRO A 54 11.12 -6.22 7.66
CA PRO A 54 10.17 -7.27 8.07
C PRO A 54 8.80 -6.71 8.48
N LEU A 55 8.72 -5.41 8.70
CA LEU A 55 7.45 -4.79 9.01
C LEU A 55 6.66 -4.49 7.74
N PHE A 56 7.34 -4.15 6.66
CA PHE A 56 6.64 -3.77 5.43
C PHE A 56 6.39 -4.99 4.58
N VAL A 57 7.29 -5.96 4.66
CA VAL A 57 7.13 -7.21 3.93
C VAL A 57 5.87 -7.94 4.36
N GLU A 58 5.68 -8.06 5.67
CA GLU A 58 4.49 -8.68 6.23
C GLU A 58 3.25 -7.84 5.94
N PHE A 59 3.43 -6.52 5.96
CA PHE A 59 2.36 -5.61 5.57
C PHE A 59 1.91 -5.94 4.16
N ALA A 60 2.88 -6.07 3.26
CA ALA A 60 2.63 -6.45 1.89
C ALA A 60 2.04 -7.85 1.82
N ASP A 61 2.60 -8.76 2.61
CA ASP A 61 2.15 -10.15 2.63
C ASP A 61 0.69 -10.22 3.01
N CYS A 62 0.29 -9.34 3.91
CA CYS A 62 -1.06 -9.28 4.40
C CYS A 62 -1.99 -8.62 3.38
N CYS A 63 -1.60 -7.45 2.87
CA CYS A 63 -2.46 -6.71 1.95
C CYS A 63 -2.68 -7.49 0.66
N LEU A 64 -1.64 -8.18 0.21
CA LEU A 64 -1.73 -8.97 -1.01
C LEU A 64 -2.66 -10.16 -0.81
N GLY A 65 -2.65 -10.70 0.40
CA GLY A 65 -3.51 -11.83 0.71
C GLY A 65 -4.96 -11.42 0.87
N ILE A 66 -5.18 -10.13 1.04
CA ILE A 66 -6.53 -9.59 1.16
C ILE A 66 -7.06 -9.19 -0.21
N VAL A 67 -6.26 -8.42 -0.95
CA VAL A 67 -6.71 -7.82 -2.21
C VAL A 67 -6.54 -8.77 -3.39
N GLU A 68 -6.06 -9.97 -3.14
CA GLU A 68 -5.88 -10.96 -4.20
C GLU A 68 -7.21 -11.37 -4.81
N PRO A 69 -7.41 -11.08 -6.10
CA PRO A 69 -8.61 -11.51 -6.83
C PRO A 69 -8.60 -13.02 -7.07
N SER A 70 -7.39 -13.57 -7.12
CA SER A 70 -7.20 -15.00 -7.26
C SER A 70 -5.78 -15.35 -6.84
N GLN A 71 -5.61 -16.49 -6.21
CA GLN A 71 -4.30 -16.92 -5.76
C GLN A 71 -3.96 -18.26 -6.39
N ASN A 72 -2.67 -18.48 -6.64
CA ASN A 72 -2.19 -19.76 -7.17
C ASN A 72 -2.65 -20.89 -6.27
N GLU A 73 -3.55 -21.72 -6.80
CA GLU A 73 -4.32 -22.70 -6.02
C GLU A 73 -4.75 -22.15 -4.67
N GLU A 74 -5.92 -21.57 -4.67
CA GLU A 74 -6.45 -20.88 -3.50
C GLU A 74 -7.35 -21.80 -2.69
N SER A 75 -6.77 -22.89 -2.22
CA SER A 75 -7.50 -23.85 -1.39
C SER A 75 -7.42 -23.41 0.07
N ASP B 1 4.36 -11.98 -10.64
CA ASP B 1 5.59 -11.15 -10.59
C ASP B 1 5.50 -10.14 -9.45
N ILE B 2 6.62 -9.97 -8.75
CA ILE B 2 6.67 -9.11 -7.58
C ILE B 2 6.56 -7.65 -7.98
N ARG B 3 6.99 -7.34 -9.20
CA ARG B 3 6.90 -5.98 -9.72
C ARG B 3 5.47 -5.47 -9.66
N HIS B 4 4.53 -6.31 -10.06
CA HIS B 4 3.10 -5.99 -10.00
C HIS B 4 2.64 -5.88 -8.55
N GLU B 5 3.05 -6.86 -7.75
CA GLU B 5 2.66 -6.90 -6.35
C GLU B 5 3.15 -5.65 -5.62
N ARG B 6 4.34 -5.21 -5.98
CA ARG B 6 4.99 -4.09 -5.34
C ARG B 6 4.27 -2.77 -5.64
N ASN B 7 3.85 -2.56 -6.89
CA ASN B 7 3.15 -1.33 -7.27
C ASN B 7 1.71 -1.38 -6.78
N VAL B 8 1.27 -2.57 -6.45
CA VAL B 8 -0.06 -2.80 -5.91
C VAL B 8 -0.15 -2.35 -4.44
N ILE B 9 0.99 -2.27 -3.77
CA ILE B 9 1.03 -1.95 -2.35
C ILE B 9 0.60 -0.51 -2.15
N LEU B 10 0.95 0.28 -3.14
CA LEU B 10 0.66 1.69 -3.22
C LEU B 10 -0.82 1.94 -2.99
N GLN B 11 -1.65 1.26 -3.78
CA GLN B 11 -3.10 1.34 -3.64
C GLN B 11 -3.53 1.09 -2.19
N CYS B 12 -2.94 0.08 -1.59
CA CYS B 12 -3.26 -0.29 -0.21
C CYS B 12 -2.90 0.84 0.74
N VAL B 13 -1.64 1.25 0.70
CA VAL B 13 -1.12 2.35 1.51
C VAL B 13 -1.97 3.60 1.38
N ARG B 14 -2.18 4.06 0.16
CA ARG B 14 -2.82 5.34 -0.07
C ARG B 14 -4.31 5.29 0.24
N TYR B 15 -4.93 4.12 0.11
CA TYR B 15 -6.33 3.97 0.48
C TYR B 15 -6.49 4.15 1.98
N ILE B 16 -5.62 3.48 2.75
CA ILE B 16 -5.68 3.55 4.19
C ILE B 16 -5.43 4.97 4.65
N ILE B 17 -4.31 5.52 4.22
CA ILE B 17 -3.91 6.87 4.58
C ILE B 17 -5.00 7.87 4.19
N LYS B 18 -5.76 7.53 3.15
CA LYS B 18 -6.79 8.41 2.62
C LYS B 18 -7.81 8.81 3.69
N LYS B 19 -8.17 7.86 4.55
CA LYS B 19 -9.15 8.14 5.59
C LYS B 19 -8.53 8.04 6.97
N ASP B 20 -7.34 7.47 7.04
CA ASP B 20 -6.70 7.20 8.32
C ASP B 20 -5.87 8.39 8.78
N PHE B 21 -4.89 8.78 7.98
CA PHE B 21 -3.93 9.80 8.40
C PHE B 21 -4.21 11.16 7.75
N PHE B 22 -3.75 11.35 6.52
CA PHE B 22 -3.86 12.65 5.87
C PHE B 22 -4.82 12.56 4.69
N GLY B 23 -4.59 11.59 3.83
CA GLY B 23 -5.43 11.38 2.67
C GLY B 23 -5.42 12.57 1.74
N LEU B 24 -4.27 13.18 1.61
CA LEU B 24 -4.10 14.30 0.70
C LEU B 24 -3.03 13.99 -0.34
N ASP B 25 -3.12 14.66 -1.46
CA ASP B 25 -2.13 14.51 -2.53
C ASP B 25 -1.79 15.88 -3.11
N THR B 26 -2.65 16.85 -2.80
CA THR B 26 -2.53 18.19 -3.35
C THR B 26 -1.87 19.15 -2.36
N ASN B 27 -1.47 18.62 -1.21
CA ASN B 27 -0.92 19.45 -0.15
C ASN B 27 0.45 18.94 0.25
N SER B 28 1.46 19.77 0.14
CA SER B 28 2.79 19.43 0.58
C SER B 28 3.54 20.66 1.07
N ALA B 29 3.39 20.94 2.35
CA ALA B 29 4.08 22.05 2.98
C ALA B 29 5.46 21.60 3.42
N LYS B 30 6.25 21.20 2.44
CA LYS B 30 7.59 20.67 2.70
C LYS B 30 8.65 21.71 2.40
N SER B 31 9.01 22.48 3.43
CA SER B 31 10.03 23.50 3.31
C SER B 31 9.74 24.43 2.14
N LYS B 32 8.56 25.03 2.17
CA LYS B 32 8.15 25.95 1.12
C LYS B 32 8.48 27.38 1.53
N ASP B 33 9.51 27.49 2.36
CA ASP B 33 9.98 28.78 2.84
C ASP B 33 10.71 29.51 1.73
N VAL B 34 9.97 30.31 0.97
CA VAL B 34 10.56 31.08 -0.10
C VAL B 34 11.29 32.29 0.48
N GLY A 1 -1.46 -5.53 -22.86
CA GLY A 1 -2.36 -6.18 -21.88
C GLY A 1 -3.34 -5.20 -21.27
N PRO A 2 -4.22 -5.66 -20.37
CA PRO A 2 -5.17 -4.80 -19.66
C PRO A 2 -4.48 -3.89 -18.66
N HIS A 3 -3.34 -4.34 -18.14
CA HIS A 3 -2.60 -3.61 -17.11
C HIS A 3 -3.46 -3.47 -15.85
N MET A 4 -3.71 -4.59 -15.20
CA MET A 4 -4.48 -4.60 -13.96
C MET A 4 -3.55 -4.50 -12.76
N ASP A 5 -2.54 -3.64 -12.87
CA ASP A 5 -1.57 -3.46 -11.80
C ASP A 5 -2.23 -2.73 -10.63
N ARG A 6 -3.15 -1.84 -10.94
CA ARG A 6 -3.93 -1.16 -9.92
C ARG A 6 -5.17 -1.98 -9.59
N VAL A 7 -5.42 -2.14 -8.31
CA VAL A 7 -6.50 -2.99 -7.84
C VAL A 7 -7.73 -2.16 -7.48
N SER A 8 -8.90 -2.78 -7.52
CA SER A 8 -10.16 -2.09 -7.28
C SER A 8 -10.28 -1.67 -5.82
N LEU A 9 -11.03 -0.57 -5.61
CA LEU A 9 -11.17 0.04 -4.29
C LEU A 9 -11.85 -0.90 -3.31
N GLN A 10 -12.77 -1.71 -3.82
CA GLN A 10 -13.48 -2.69 -3.00
C GLN A 10 -12.50 -3.63 -2.30
N ASN A 11 -11.45 -4.01 -3.01
CA ASN A 11 -10.42 -4.89 -2.47
C ASN A 11 -9.62 -4.17 -1.39
N LEU A 12 -9.37 -2.88 -1.62
CA LEU A 12 -8.63 -2.08 -0.68
C LEU A 12 -9.45 -1.87 0.59
N LYS A 13 -10.76 -1.70 0.42
CA LYS A 13 -11.66 -1.52 1.55
C LYS A 13 -11.60 -2.70 2.53
N ASN A 14 -11.24 -3.87 2.01
CA ASN A 14 -11.17 -5.09 2.81
C ASN A 14 -9.98 -5.05 3.76
N LEU A 15 -9.02 -4.18 3.47
CA LEU A 15 -7.78 -4.09 4.26
C LEU A 15 -8.09 -3.70 5.70
N GLY A 16 -8.80 -2.60 5.87
CA GLY A 16 -9.12 -2.11 7.20
C GLY A 16 -10.00 -3.07 7.99
N GLU A 17 -10.68 -3.95 7.29
CA GLU A 17 -11.58 -4.91 7.92
C GLU A 17 -10.80 -6.04 8.57
N SER A 18 -9.56 -6.21 8.11
CA SER A 18 -8.73 -7.32 8.55
C SER A 18 -7.93 -6.92 9.79
N ALA A 19 -8.20 -7.62 10.89
CA ALA A 19 -7.57 -7.33 12.17
C ALA A 19 -6.06 -7.58 12.13
N THR A 20 -5.64 -8.49 11.27
CA THR A 20 -4.24 -8.84 11.16
C THR A 20 -3.44 -7.70 10.53
N LEU A 21 -4.00 -7.08 9.50
CA LEU A 21 -3.28 -6.04 8.77
C LEU A 21 -3.16 -4.79 9.63
N ARG A 22 -4.27 -4.36 10.19
CA ARG A 22 -4.30 -3.13 11.00
C ARG A 22 -3.37 -3.24 12.20
N SER A 23 -3.13 -4.46 12.68
CA SER A 23 -2.21 -4.68 13.79
C SER A 23 -0.81 -4.21 13.39
N LEU A 24 -0.52 -4.29 12.10
CA LEU A 24 0.77 -3.88 11.57
C LEU A 24 0.83 -2.37 11.43
N LEU A 25 -0.33 -1.78 11.14
CA LEU A 25 -0.46 -0.32 11.02
C LEU A 25 -0.23 0.35 12.37
N LEU A 26 -0.43 -0.44 13.42
CA LEU A 26 -0.27 0.04 14.78
C LEU A 26 1.20 0.23 15.13
N ASN A 27 2.09 -0.23 14.24
CA ASN A 27 3.53 -0.01 14.41
C ASN A 27 3.90 1.39 13.96
N PRO A 28 4.47 2.20 14.86
CA PRO A 28 4.86 3.58 14.56
C PRO A 28 5.93 3.66 13.47
N HIS A 29 6.64 2.57 13.25
CA HIS A 29 7.62 2.51 12.17
C HIS A 29 6.94 2.21 10.84
N LEU A 30 6.11 1.18 10.82
CA LEU A 30 5.49 0.71 9.60
C LEU A 30 4.58 1.79 9.01
N ARG A 31 3.83 2.46 9.88
CA ARG A 31 2.96 3.55 9.44
C ARG A 31 3.78 4.67 8.81
N GLN A 32 5.02 4.82 9.29
CA GLN A 32 5.92 5.80 8.72
C GLN A 32 6.25 5.45 7.28
N LEU A 33 6.61 4.19 7.03
CA LEU A 33 6.82 3.73 5.67
C LEU A 33 5.63 4.05 4.78
N MET A 34 4.44 3.79 5.31
CA MET A 34 3.21 4.08 4.59
C MET A 34 3.12 5.56 4.22
N VAL A 35 3.17 6.44 5.21
CA VAL A 35 3.00 7.87 4.97
C VAL A 35 4.17 8.43 4.17
N ASN A 36 5.34 7.82 4.29
CA ASN A 36 6.51 8.25 3.53
C ASN A 36 6.36 7.89 2.06
N LEU A 37 6.08 6.63 1.79
CA LEU A 37 5.99 6.11 0.43
C LEU A 37 4.88 6.79 -0.36
N ASP A 38 3.74 7.03 0.29
CA ASP A 38 2.56 7.56 -0.40
C ASP A 38 2.79 8.98 -0.91
N GLN A 39 3.66 9.72 -0.23
CA GLN A 39 3.96 11.09 -0.63
C GLN A 39 4.63 11.11 -2.00
N GLY A 40 5.33 10.03 -2.29
CA GLY A 40 5.91 9.82 -3.60
C GLY A 40 7.03 10.78 -3.93
N GLU A 41 7.74 11.24 -2.90
CA GLU A 41 8.87 12.14 -3.12
C GLU A 41 10.03 11.37 -3.70
N ASP A 42 10.36 10.25 -3.08
CA ASP A 42 11.43 9.38 -3.53
C ASP A 42 10.99 7.93 -3.46
N LYS A 43 9.75 7.71 -3.88
CA LYS A 43 9.14 6.38 -3.91
C LYS A 43 10.05 5.35 -4.57
N ALA A 44 10.84 5.78 -5.56
CA ALA A 44 11.69 4.86 -6.31
C ALA A 44 12.62 4.07 -5.40
N LYS A 45 13.41 4.79 -4.60
CA LYS A 45 14.36 4.14 -3.69
C LYS A 45 13.64 3.52 -2.51
N LEU A 46 12.52 4.12 -2.12
CA LEU A 46 11.76 3.64 -0.99
C LEU A 46 11.18 2.26 -1.27
N MET A 47 10.68 2.04 -2.48
CA MET A 47 10.11 0.75 -2.85
C MET A 47 11.11 -0.37 -2.62
N ARG A 48 12.38 -0.06 -2.84
CA ARG A 48 13.46 -1.01 -2.60
C ARG A 48 13.79 -1.10 -1.12
N ALA A 49 13.99 0.06 -0.49
CA ALA A 49 14.40 0.13 0.90
C ALA A 49 13.32 -0.36 1.86
N TYR A 50 12.09 -0.46 1.38
CA TYR A 50 10.98 -0.92 2.22
C TYR A 50 10.84 -2.43 2.15
N MET A 51 11.24 -3.02 1.02
CA MET A 51 11.13 -4.46 0.83
C MET A 51 12.14 -5.22 1.69
N GLN A 52 12.99 -4.49 2.39
CA GLN A 52 14.01 -5.11 3.24
C GLN A 52 13.56 -5.12 4.71
N GLU A 53 12.59 -4.28 5.05
CA GLU A 53 12.15 -4.17 6.43
C GLU A 53 11.05 -5.19 6.69
N PRO A 54 11.26 -6.06 7.69
CA PRO A 54 10.34 -7.16 7.99
C PRO A 54 8.93 -6.68 8.26
N LEU A 55 8.79 -5.43 8.69
CA LEU A 55 7.48 -4.86 8.98
C LEU A 55 6.70 -4.66 7.69
N PHE A 56 7.37 -4.10 6.68
CA PHE A 56 6.71 -3.82 5.42
C PHE A 56 6.49 -5.12 4.65
N VAL A 57 7.41 -6.05 4.85
CA VAL A 57 7.30 -7.38 4.26
C VAL A 57 6.04 -8.08 4.78
N GLU A 58 5.80 -7.98 6.07
CA GLU A 58 4.58 -8.52 6.68
C GLU A 58 3.36 -7.76 6.17
N PHE A 59 3.47 -6.44 6.17
CA PHE A 59 2.37 -5.58 5.73
C PHE A 59 1.97 -5.91 4.29
N ALA A 60 2.96 -6.01 3.43
CA ALA A 60 2.73 -6.30 2.03
C ALA A 60 2.10 -7.67 1.84
N ASP A 61 2.67 -8.68 2.48
CA ASP A 61 2.20 -10.05 2.32
C ASP A 61 0.75 -10.16 2.77
N CYS A 62 0.41 -9.37 3.78
CA CYS A 62 -0.93 -9.36 4.32
C CYS A 62 -1.90 -8.73 3.33
N CYS A 63 -1.56 -7.55 2.82
CA CYS A 63 -2.46 -6.84 1.93
C CYS A 63 -2.58 -7.57 0.60
N LEU A 64 -1.52 -8.27 0.21
CA LEU A 64 -1.52 -9.02 -1.05
C LEU A 64 -2.61 -10.08 -1.05
N GLY A 65 -2.79 -10.75 0.08
CA GLY A 65 -3.81 -11.78 0.17
C GLY A 65 -5.20 -11.19 0.24
N ILE A 66 -5.30 -10.00 0.80
CA ILE A 66 -6.57 -9.33 0.97
C ILE A 66 -7.06 -8.72 -0.34
N VAL A 67 -6.13 -8.18 -1.13
CA VAL A 67 -6.49 -7.53 -2.39
C VAL A 67 -6.55 -8.53 -3.53
N GLU A 68 -6.35 -9.80 -3.21
CA GLU A 68 -6.62 -10.86 -4.17
C GLU A 68 -8.11 -11.19 -4.12
N PRO A 69 -8.84 -10.83 -5.17
CA PRO A 69 -10.30 -11.00 -5.24
C PRO A 69 -10.71 -12.44 -5.51
N SER A 70 -9.71 -13.30 -5.66
CA SER A 70 -9.93 -14.71 -5.98
C SER A 70 -10.58 -14.80 -7.36
N GLN A 71 -10.17 -13.90 -8.22
CA GLN A 71 -10.68 -13.83 -9.58
C GLN A 71 -9.94 -14.84 -10.44
N ASN A 72 -10.30 -16.08 -10.23
CA ASN A 72 -9.61 -17.21 -10.85
C ASN A 72 -10.13 -17.45 -12.25
N GLU A 73 -10.05 -16.42 -13.07
CA GLU A 73 -10.45 -16.49 -14.45
C GLU A 73 -9.21 -16.72 -15.31
N GLU A 74 -9.25 -16.31 -16.57
CA GLU A 74 -8.08 -16.41 -17.43
C GLU A 74 -7.22 -15.15 -17.30
N SER A 75 -6.82 -14.86 -16.07
CA SER A 75 -5.97 -13.70 -15.79
C SER A 75 -4.51 -14.05 -15.98
N ASP B 1 2.73 -12.42 -8.71
CA ASP B 1 3.73 -11.71 -9.55
C ASP B 1 4.24 -10.49 -8.81
N ILE B 2 5.53 -10.48 -8.56
CA ILE B 2 6.14 -9.48 -7.70
C ILE B 2 6.11 -8.10 -8.34
N ARG B 3 6.15 -8.06 -9.67
CA ARG B 3 6.00 -6.80 -10.39
C ARG B 3 4.72 -6.11 -9.97
N HIS B 4 3.64 -6.88 -9.99
CA HIS B 4 2.33 -6.41 -9.58
C HIS B 4 2.27 -6.20 -8.06
N GLU B 5 2.79 -7.16 -7.32
CA GLU B 5 2.71 -7.16 -5.87
C GLU B 5 3.46 -5.98 -5.24
N ARG B 6 4.43 -5.44 -5.98
CA ARG B 6 5.20 -4.30 -5.50
C ARG B 6 4.45 -2.99 -5.69
N ASN B 7 3.79 -2.82 -6.83
CA ASN B 7 3.14 -1.56 -7.16
C ASN B 7 1.76 -1.48 -6.53
N VAL B 8 1.25 -2.63 -6.15
CA VAL B 8 -0.10 -2.76 -5.61
C VAL B 8 -0.16 -2.30 -4.15
N ILE B 9 0.99 -2.26 -3.49
CA ILE B 9 1.04 -1.93 -2.06
C ILE B 9 0.68 -0.46 -1.89
N LEU B 10 1.05 0.27 -2.92
CA LEU B 10 0.82 1.70 -3.03
C LEU B 10 -0.66 2.01 -2.86
N GLN B 11 -1.48 1.33 -3.62
CA GLN B 11 -2.94 1.42 -3.51
C GLN B 11 -3.38 1.16 -2.08
N CYS B 12 -2.82 0.14 -1.47
CA CYS B 12 -3.15 -0.23 -0.10
C CYS B 12 -2.83 0.91 0.86
N VAL B 13 -1.57 1.35 0.83
CA VAL B 13 -1.12 2.49 1.62
C VAL B 13 -2.01 3.71 1.43
N ARG B 14 -2.24 4.09 0.18
CA ARG B 14 -2.96 5.32 -0.13
C ARG B 14 -4.40 5.27 0.35
N TYR B 15 -5.04 4.12 0.18
CA TYR B 15 -6.41 3.94 0.62
C TYR B 15 -6.51 4.15 2.13
N ILE B 16 -5.56 3.59 2.86
CA ILE B 16 -5.57 3.69 4.32
C ILE B 16 -5.35 5.13 4.74
N ILE B 17 -4.27 5.72 4.26
CA ILE B 17 -3.93 7.10 4.61
C ILE B 17 -5.07 8.05 4.24
N LYS B 18 -5.87 7.65 3.26
CA LYS B 18 -6.94 8.48 2.74
C LYS B 18 -7.94 8.87 3.84
N LYS B 19 -8.38 7.92 4.64
CA LYS B 19 -9.34 8.24 5.68
C LYS B 19 -8.76 8.02 7.08
N ASP B 20 -7.59 7.41 7.15
CA ASP B 20 -7.00 7.10 8.46
C ASP B 20 -6.14 8.24 8.97
N PHE B 21 -5.11 8.59 8.21
CA PHE B 21 -4.10 9.55 8.67
C PHE B 21 -4.43 10.98 8.23
N PHE B 22 -3.99 11.34 7.04
CA PHE B 22 -4.09 12.73 6.58
C PHE B 22 -5.16 12.91 5.51
N GLY B 23 -5.24 11.93 4.62
CA GLY B 23 -6.20 11.98 3.53
C GLY B 23 -5.59 12.51 2.26
N LEU B 24 -4.31 12.83 2.32
CA LEU B 24 -3.61 13.41 1.19
C LEU B 24 -2.20 12.84 1.08
N ASP B 25 -1.68 12.84 -0.14
CA ASP B 25 -0.31 12.40 -0.40
C ASP B 25 0.55 13.59 -0.78
N THR B 26 -0.06 14.77 -0.78
CA THR B 26 0.61 15.99 -1.16
C THR B 26 1.06 16.79 0.06
N ASN B 27 2.00 16.24 0.80
CA ASN B 27 2.52 16.93 1.96
C ASN B 27 3.59 17.93 1.54
N SER B 28 3.16 19.08 1.08
CA SER B 28 4.06 20.12 0.60
C SER B 28 4.53 21.01 1.75
N ALA B 29 4.19 20.60 2.95
CA ALA B 29 4.56 21.34 4.16
C ALA B 29 6.02 21.08 4.52
N LYS B 30 6.67 20.27 3.71
CA LYS B 30 8.06 19.90 3.95
C LYS B 30 9.00 20.76 3.13
N SER B 31 8.44 21.78 2.50
CA SER B 31 9.21 22.67 1.64
C SER B 31 9.06 24.11 2.11
N LYS B 32 10.18 24.82 2.21
CA LYS B 32 10.17 26.22 2.61
C LYS B 32 11.34 26.95 1.96
N ASP B 33 11.16 28.24 1.71
CA ASP B 33 12.20 29.05 1.09
C ASP B 33 12.66 30.14 2.04
N VAL B 34 13.84 29.94 2.63
CA VAL B 34 14.36 30.89 3.60
C VAL B 34 15.76 31.37 3.20
N GLY A 1 2.26 -5.82 -15.33
CA GLY A 1 1.91 -7.23 -15.62
C GLY A 1 1.01 -7.35 -16.83
N PRO A 2 -0.08 -8.14 -16.74
CA PRO A 2 -1.02 -8.32 -17.84
C PRO A 2 -1.70 -7.02 -18.24
N HIS A 3 -2.42 -6.42 -17.30
CA HIS A 3 -3.13 -5.17 -17.54
C HIS A 3 -3.70 -4.63 -16.24
N MET A 4 -4.45 -5.48 -15.54
CA MET A 4 -5.09 -5.08 -14.28
C MET A 4 -4.11 -5.09 -13.12
N ASP A 5 -3.11 -4.22 -13.18
CA ASP A 5 -2.12 -4.11 -12.12
C ASP A 5 -2.57 -3.15 -11.04
N ARG A 6 -3.75 -2.58 -11.23
CA ARG A 6 -4.30 -1.66 -10.25
C ARG A 6 -5.35 -2.39 -9.43
N VAL A 7 -5.46 -2.03 -8.16
CA VAL A 7 -6.36 -2.72 -7.26
C VAL A 7 -7.67 -1.95 -7.12
N SER A 8 -8.77 -2.66 -7.32
CA SER A 8 -10.10 -2.07 -7.22
C SER A 8 -10.41 -1.69 -5.77
N LEU A 9 -11.23 -0.65 -5.61
CA LEU A 9 -11.53 -0.08 -4.30
C LEU A 9 -12.18 -1.10 -3.39
N GLN A 10 -13.00 -1.98 -3.95
CA GLN A 10 -13.65 -3.02 -3.16
C GLN A 10 -12.60 -3.90 -2.50
N ASN A 11 -11.53 -4.21 -3.22
CA ASN A 11 -10.45 -5.03 -2.69
C ASN A 11 -9.71 -4.29 -1.60
N LEU A 12 -9.53 -2.99 -1.81
CA LEU A 12 -8.79 -2.15 -0.87
C LEU A 12 -9.58 -1.97 0.42
N LYS A 13 -10.89 -1.90 0.32
CA LYS A 13 -11.76 -1.68 1.47
C LYS A 13 -11.60 -2.76 2.55
N ASN A 14 -11.29 -3.99 2.13
CA ASN A 14 -11.18 -5.10 3.08
C ASN A 14 -9.98 -4.93 3.99
N LEU A 15 -9.02 -4.11 3.57
CA LEU A 15 -7.80 -3.90 4.35
C LEU A 15 -8.13 -3.25 5.68
N GLY A 16 -9.07 -2.31 5.66
CA GLY A 16 -9.53 -1.69 6.89
C GLY A 16 -10.37 -2.65 7.71
N GLU A 17 -10.89 -3.68 7.05
CA GLU A 17 -11.72 -4.68 7.72
C GLU A 17 -10.86 -5.73 8.39
N SER A 18 -9.64 -5.88 7.88
CA SER A 18 -8.71 -6.89 8.38
C SER A 18 -8.09 -6.43 9.69
N ALA A 19 -8.44 -7.11 10.78
CA ALA A 19 -7.88 -6.81 12.08
C ALA A 19 -6.42 -7.24 12.15
N THR A 20 -6.05 -8.16 11.27
CA THR A 20 -4.68 -8.63 11.19
C THR A 20 -3.77 -7.55 10.59
N LEU A 21 -4.22 -6.94 9.50
CA LEU A 21 -3.39 -5.96 8.80
C LEU A 21 -3.21 -4.71 9.62
N ARG A 22 -4.32 -4.15 10.11
CA ARG A 22 -4.26 -2.92 10.89
C ARG A 22 -3.42 -3.09 12.15
N SER A 23 -3.36 -4.32 12.67
CA SER A 23 -2.55 -4.60 13.85
C SER A 23 -1.07 -4.33 13.57
N LEU A 24 -0.70 -4.37 12.30
CA LEU A 24 0.68 -4.10 11.90
C LEU A 24 0.92 -2.61 11.81
N LEU A 25 -0.16 -1.86 11.58
CA LEU A 25 -0.08 -0.40 11.48
C LEU A 25 0.09 0.23 12.87
N LEU A 26 -0.05 -0.61 13.90
CA LEU A 26 0.23 -0.20 15.27
C LEU A 26 1.72 0.07 15.43
N ASN A 27 2.52 -0.55 14.56
CA ASN A 27 3.96 -0.35 14.54
C ASN A 27 4.28 1.06 14.03
N PRO A 28 4.85 1.91 14.90
CA PRO A 28 5.12 3.31 14.56
C PRO A 28 6.10 3.47 13.40
N HIS A 29 6.93 2.46 13.20
CA HIS A 29 7.86 2.48 12.08
C HIS A 29 7.14 2.13 10.78
N LEU A 30 6.28 1.13 10.84
CA LEU A 30 5.58 0.64 9.66
C LEU A 30 4.65 1.72 9.12
N ARG A 31 3.95 2.40 10.03
CA ARG A 31 3.02 3.45 9.63
C ARG A 31 3.77 4.64 9.05
N GLN A 32 4.98 4.87 9.55
CA GLN A 32 5.86 5.89 8.99
C GLN A 32 6.23 5.55 7.56
N LEU A 33 6.54 4.28 7.32
CA LEU A 33 6.89 3.81 5.99
C LEU A 33 5.76 4.11 5.00
N MET A 34 4.54 3.75 5.38
CA MET A 34 3.37 4.03 4.55
C MET A 34 3.27 5.52 4.22
N VAL A 35 3.39 6.35 5.24
CA VAL A 35 3.31 7.80 5.08
C VAL A 35 4.42 8.32 4.15
N ASN A 36 5.60 7.75 4.30
CA ASN A 36 6.77 8.15 3.51
C ASN A 36 6.60 7.79 2.05
N LEU A 37 6.03 6.62 1.81
CA LEU A 37 5.84 6.12 0.46
C LEU A 37 4.73 6.86 -0.26
N ASP A 38 3.61 7.08 0.42
CA ASP A 38 2.42 7.62 -0.24
C ASP A 38 2.59 9.09 -0.62
N GLN A 39 3.42 9.80 0.13
CA GLN A 39 3.68 11.21 -0.17
C GLN A 39 4.46 11.34 -1.48
N GLY A 40 5.07 10.23 -1.90
CA GLY A 40 5.68 10.15 -3.21
C GLY A 40 6.90 11.04 -3.38
N GLU A 41 7.61 11.29 -2.29
CA GLU A 41 8.81 12.11 -2.34
C GLU A 41 9.99 11.33 -2.92
N ASP A 42 10.24 10.15 -2.36
CA ASP A 42 11.34 9.31 -2.83
C ASP A 42 10.88 7.88 -3.01
N LYS A 43 9.65 7.76 -3.48
CA LYS A 43 9.00 6.48 -3.75
C LYS A 43 9.92 5.51 -4.50
N ALA A 44 10.75 6.04 -5.40
CA ALA A 44 11.61 5.21 -6.23
C ALA A 44 12.55 4.36 -5.38
N LYS A 45 13.19 5.00 -4.41
CA LYS A 45 14.13 4.30 -3.54
C LYS A 45 13.37 3.57 -2.43
N LEU A 46 12.29 4.17 -1.98
CA LEU A 46 11.47 3.58 -0.92
C LEU A 46 10.93 2.22 -1.35
N MET A 47 10.43 2.12 -2.57
CA MET A 47 9.90 0.86 -3.09
C MET A 47 10.91 -0.28 -2.98
N ARG A 48 12.18 0.06 -3.05
CA ARG A 48 13.24 -0.92 -2.89
C ARG A 48 13.52 -1.15 -1.41
N ALA A 49 13.72 -0.07 -0.68
CA ALA A 49 14.08 -0.14 0.73
C ALA A 49 12.98 -0.79 1.57
N TYR A 50 11.73 -0.64 1.14
CA TYR A 50 10.61 -1.17 1.91
C TYR A 50 10.54 -2.69 1.80
N MET A 51 11.13 -3.24 0.76
CA MET A 51 11.07 -4.67 0.52
C MET A 51 12.17 -5.39 1.28
N GLN A 52 13.03 -4.63 1.93
CA GLN A 52 14.09 -5.22 2.75
C GLN A 52 13.73 -5.10 4.24
N GLU A 53 12.64 -4.39 4.52
CA GLU A 53 12.23 -4.16 5.89
C GLU A 53 11.25 -5.23 6.33
N PRO A 54 11.61 -5.98 7.38
CA PRO A 54 10.80 -7.10 7.85
C PRO A 54 9.40 -6.68 8.29
N LEU A 55 9.25 -5.40 8.60
CA LEU A 55 7.96 -4.88 9.04
C LEU A 55 7.06 -4.60 7.84
N PHE A 56 7.61 -3.97 6.80
CA PHE A 56 6.82 -3.60 5.65
C PHE A 56 6.47 -4.84 4.84
N VAL A 57 7.36 -5.81 4.86
CA VAL A 57 7.12 -7.08 4.18
C VAL A 57 5.90 -7.78 4.76
N GLU A 58 5.73 -7.71 6.09
CA GLU A 58 4.56 -8.28 6.74
C GLU A 58 3.30 -7.58 6.27
N PHE A 59 3.36 -6.25 6.25
CA PHE A 59 2.25 -5.43 5.80
C PHE A 59 1.88 -5.78 4.37
N ALA A 60 2.88 -5.81 3.51
CA ALA A 60 2.69 -6.05 2.10
C ALA A 60 2.15 -7.44 1.83
N ASP A 61 2.76 -8.45 2.44
CA ASP A 61 2.38 -9.83 2.20
C ASP A 61 0.95 -10.08 2.68
N CYS A 62 0.57 -9.33 3.71
CA CYS A 62 -0.78 -9.43 4.25
C CYS A 62 -1.80 -8.86 3.28
N CYS A 63 -1.56 -7.63 2.82
CA CYS A 63 -2.51 -6.95 1.96
C CYS A 63 -2.63 -7.66 0.60
N LEU A 64 -1.58 -8.37 0.21
CA LEU A 64 -1.60 -9.14 -1.04
C LEU A 64 -2.76 -10.14 -1.03
N GLY A 65 -2.94 -10.83 0.08
CA GLY A 65 -3.99 -11.81 0.19
C GLY A 65 -5.35 -11.19 0.39
N ILE A 66 -5.37 -9.91 0.72
CA ILE A 66 -6.60 -9.18 0.92
C ILE A 66 -7.07 -8.52 -0.37
N VAL A 67 -6.12 -8.16 -1.24
CA VAL A 67 -6.45 -7.48 -2.48
C VAL A 67 -6.42 -8.46 -3.64
N GLU A 68 -6.23 -9.73 -3.32
CA GLU A 68 -6.22 -10.76 -4.33
C GLU A 68 -7.61 -10.88 -4.95
N PRO A 69 -7.65 -11.01 -6.28
CA PRO A 69 -8.89 -11.18 -7.03
C PRO A 69 -9.66 -12.44 -6.62
N SER A 70 -8.99 -13.32 -5.89
CA SER A 70 -9.61 -14.51 -5.28
C SER A 70 -10.49 -15.28 -6.26
N GLN A 71 -9.84 -15.89 -7.25
CA GLN A 71 -10.52 -16.69 -8.27
C GLN A 71 -11.43 -15.82 -9.13
N ASN A 72 -10.97 -15.52 -10.32
CA ASN A 72 -11.72 -14.71 -11.27
C ASN A 72 -13.04 -15.39 -11.63
N GLU A 73 -14.15 -14.70 -11.38
CA GLU A 73 -15.46 -15.22 -11.73
C GLU A 73 -15.71 -14.99 -13.21
N GLU A 74 -14.92 -14.12 -13.78
CA GLU A 74 -14.98 -13.84 -15.21
C GLU A 74 -13.75 -14.41 -15.92
N SER A 75 -13.37 -15.61 -15.51
CA SER A 75 -12.23 -16.30 -16.09
C SER A 75 -12.60 -16.86 -17.47
N ASP B 1 3.73 -12.51 -9.45
CA ASP B 1 4.63 -11.47 -10.00
C ASP B 1 4.97 -10.45 -8.95
N ILE B 2 6.26 -10.37 -8.64
CA ILE B 2 6.73 -9.58 -7.52
C ILE B 2 6.58 -8.08 -7.77
N ARG B 3 6.75 -7.64 -9.01
CA ARG B 3 6.71 -6.21 -9.29
C ARG B 3 5.28 -5.71 -9.28
N HIS B 4 4.36 -6.59 -9.64
CA HIS B 4 2.94 -6.33 -9.49
C HIS B 4 2.58 -6.22 -8.02
N GLU B 5 3.05 -7.19 -7.23
CA GLU B 5 2.80 -7.23 -5.80
C GLU B 5 3.39 -6.02 -5.10
N ARG B 6 4.38 -5.39 -5.70
CA ARG B 6 4.98 -4.18 -5.14
C ARG B 6 4.11 -2.95 -5.42
N ASN B 7 3.63 -2.80 -6.65
CA ASN B 7 2.88 -1.62 -7.01
C ASN B 7 1.43 -1.68 -6.50
N VAL B 8 0.96 -2.88 -6.19
CA VAL B 8 -0.37 -3.03 -5.62
C VAL B 8 -0.41 -2.52 -4.18
N ILE B 9 0.76 -2.48 -3.55
CA ILE B 9 0.89 -1.95 -2.20
C ILE B 9 0.57 -0.46 -2.19
N LEU B 10 0.88 0.20 -3.30
CA LEU B 10 0.64 1.64 -3.44
C LEU B 10 -0.85 1.94 -3.29
N GLN B 11 -1.69 1.07 -3.84
CA GLN B 11 -3.14 1.22 -3.69
C GLN B 11 -3.55 0.99 -2.25
N CYS B 12 -2.92 0.02 -1.62
CA CYS B 12 -3.21 -0.35 -0.25
C CYS B 12 -2.91 0.81 0.69
N VAL B 13 -1.67 1.28 0.65
CA VAL B 13 -1.22 2.42 1.43
C VAL B 13 -2.11 3.63 1.20
N ARG B 14 -2.37 3.96 -0.07
CA ARG B 14 -3.12 5.15 -0.42
C ARG B 14 -4.52 5.11 0.17
N TYR B 15 -5.17 3.96 0.07
CA TYR B 15 -6.52 3.80 0.56
C TYR B 15 -6.58 4.02 2.07
N ILE B 16 -5.67 3.39 2.79
CA ILE B 16 -5.65 3.50 4.25
C ILE B 16 -5.34 4.93 4.66
N ILE B 17 -4.23 5.45 4.15
CA ILE B 17 -3.80 6.80 4.47
C ILE B 17 -4.87 7.82 4.11
N LYS B 18 -5.66 7.49 3.11
CA LYS B 18 -6.69 8.39 2.61
C LYS B 18 -7.70 8.78 3.69
N LYS B 19 -8.09 7.83 4.54
CA LYS B 19 -9.05 8.12 5.59
C LYS B 19 -8.41 8.07 6.97
N ASP B 20 -7.25 7.43 7.05
CA ASP B 20 -6.61 7.22 8.35
C ASP B 20 -5.65 8.35 8.69
N PHE B 21 -4.69 8.60 7.81
CA PHE B 21 -3.63 9.55 8.09
C PHE B 21 -3.91 10.91 7.46
N PHE B 22 -3.36 11.12 6.27
CA PHE B 22 -3.42 12.42 5.62
C PHE B 22 -4.28 12.36 4.36
N GLY B 23 -4.00 11.37 3.53
CA GLY B 23 -4.76 11.16 2.31
C GLY B 23 -4.33 12.10 1.20
N LEU B 24 -3.17 12.70 1.37
CA LEU B 24 -2.65 13.65 0.40
C LEU B 24 -1.15 13.45 0.20
N ASP B 25 -0.67 13.92 -0.94
CA ASP B 25 0.76 13.89 -1.23
C ASP B 25 1.18 15.17 -1.92
N THR B 26 0.20 15.91 -2.42
CA THR B 26 0.46 17.13 -3.16
C THR B 26 0.46 18.35 -2.26
N ASN B 27 0.25 18.13 -0.98
CA ASN B 27 0.21 19.22 -0.02
C ASN B 27 1.62 19.52 0.48
N SER B 28 2.51 19.82 -0.45
CA SER B 28 3.89 20.15 -0.14
C SER B 28 3.95 21.47 0.62
N ALA B 29 4.59 21.46 1.77
CA ALA B 29 4.67 22.64 2.61
C ALA B 29 5.96 23.40 2.41
N LYS B 30 6.91 22.75 1.77
CA LYS B 30 8.22 23.35 1.53
C LYS B 30 8.20 24.18 0.26
N SER B 31 7.59 25.35 0.35
CA SER B 31 7.52 26.26 -0.77
C SER B 31 8.81 27.06 -0.88
N LYS B 32 9.09 27.58 -2.07
CA LYS B 32 10.32 28.32 -2.32
C LYS B 32 10.01 29.80 -2.54
N ASP B 33 10.00 30.57 -1.46
CA ASP B 33 9.69 31.99 -1.54
C ASP B 33 10.43 32.78 -0.46
N VAL B 34 10.46 32.22 0.74
CA VAL B 34 11.11 32.89 1.85
C VAL B 34 12.46 32.21 2.15
N GLY A 1 -1.79 -2.91 -20.70
CA GLY A 1 -2.80 -2.79 -21.79
C GLY A 1 -4.18 -2.48 -21.24
N PRO A 2 -5.22 -3.15 -21.74
CA PRO A 2 -6.60 -2.97 -21.27
C PRO A 2 -6.74 -3.34 -19.80
N HIS A 3 -7.29 -2.40 -19.01
CA HIS A 3 -7.40 -2.56 -17.57
C HIS A 3 -6.02 -2.45 -16.94
N MET A 4 -5.79 -1.36 -16.22
CA MET A 4 -4.49 -1.08 -15.63
C MET A 4 -4.15 -2.06 -14.53
N ASP A 5 -2.90 -2.03 -14.08
CA ASP A 5 -2.40 -2.96 -13.08
C ASP A 5 -2.73 -2.46 -11.67
N ARG A 6 -3.91 -1.90 -11.54
CA ARG A 6 -4.39 -1.39 -10.27
C ARG A 6 -5.27 -2.41 -9.57
N VAL A 7 -5.48 -2.20 -8.27
CA VAL A 7 -6.30 -3.07 -7.47
C VAL A 7 -7.68 -2.44 -7.27
N SER A 8 -8.72 -3.26 -7.33
CA SER A 8 -10.08 -2.81 -7.13
C SER A 8 -10.22 -2.20 -5.72
N LEU A 9 -10.87 -1.04 -5.67
CA LEU A 9 -10.98 -0.26 -4.45
C LEU A 9 -11.77 -1.01 -3.40
N GLN A 10 -12.75 -1.77 -3.86
CA GLN A 10 -13.53 -2.63 -2.97
C GLN A 10 -12.62 -3.61 -2.24
N ASN A 11 -11.61 -4.10 -2.94
CA ASN A 11 -10.61 -5.00 -2.35
C ASN A 11 -9.82 -4.26 -1.30
N LEU A 12 -9.52 -2.99 -1.59
CA LEU A 12 -8.72 -2.16 -0.70
C LEU A 12 -9.51 -1.86 0.56
N LYS A 13 -10.82 -1.72 0.41
CA LYS A 13 -11.70 -1.40 1.53
C LYS A 13 -11.64 -2.47 2.63
N ASN A 14 -11.25 -3.68 2.27
CA ASN A 14 -11.16 -4.77 3.23
C ASN A 14 -9.92 -4.60 4.13
N LEU A 15 -8.96 -3.81 3.67
CA LEU A 15 -7.71 -3.62 4.40
C LEU A 15 -7.97 -2.99 5.76
N GLY A 16 -8.84 -1.99 5.78
CA GLY A 16 -9.14 -1.31 7.03
C GLY A 16 -10.02 -2.13 7.95
N GLU A 17 -10.53 -3.24 7.43
CA GLU A 17 -11.43 -4.10 8.19
C GLU A 17 -10.70 -5.35 8.68
N SER A 18 -9.64 -5.73 7.98
CA SER A 18 -8.89 -6.93 8.30
C SER A 18 -8.11 -6.76 9.59
N ALA A 19 -8.47 -7.55 10.59
CA ALA A 19 -7.84 -7.48 11.91
C ALA A 19 -6.36 -7.84 11.83
N THR A 20 -5.99 -8.64 10.84
CA THR A 20 -4.61 -9.05 10.69
C THR A 20 -3.74 -7.89 10.24
N LEU A 21 -4.24 -7.12 9.27
CA LEU A 21 -3.45 -6.06 8.68
C LEU A 21 -3.32 -4.90 9.65
N ARG A 22 -4.45 -4.48 10.22
CA ARG A 22 -4.45 -3.36 11.15
C ARG A 22 -3.54 -3.63 12.34
N SER A 23 -3.39 -4.90 12.71
CA SER A 23 -2.55 -5.28 13.84
C SER A 23 -1.08 -4.96 13.54
N LEU A 24 -0.76 -4.87 12.26
CA LEU A 24 0.60 -4.53 11.84
C LEU A 24 0.77 -3.02 11.84
N LEU A 25 -0.33 -2.31 11.63
CA LEU A 25 -0.32 -0.85 11.64
C LEU A 25 -0.20 -0.31 13.07
N LEU A 26 -0.08 -1.22 14.04
CA LEU A 26 0.22 -0.83 15.42
C LEU A 26 1.69 -0.45 15.55
N ASN A 27 2.50 -0.90 14.58
CA ASN A 27 3.93 -0.62 14.57
C ASN A 27 4.21 0.78 14.04
N PRO A 28 4.72 1.67 14.91
CA PRO A 28 4.99 3.08 14.56
C PRO A 28 5.89 3.25 13.35
N HIS A 29 6.90 2.40 13.23
CA HIS A 29 7.84 2.48 12.13
C HIS A 29 7.17 2.09 10.82
N LEU A 30 6.34 1.05 10.87
CA LEU A 30 5.64 0.56 9.71
C LEU A 30 4.74 1.67 9.18
N ARG A 31 4.08 2.36 10.09
CA ARG A 31 3.20 3.48 9.75
C ARG A 31 4.00 4.58 9.07
N GLN A 32 5.16 4.87 9.65
CA GLN A 32 6.06 5.90 9.12
C GLN A 32 6.54 5.54 7.71
N LEU A 33 6.53 4.27 7.38
CA LEU A 33 7.00 3.82 6.09
C LEU A 33 5.91 4.05 5.07
N MET A 34 4.74 3.56 5.39
CA MET A 34 3.61 3.64 4.53
C MET A 34 3.25 5.11 4.21
N VAL A 35 3.28 5.98 5.22
CA VAL A 35 2.93 7.39 5.02
C VAL A 35 3.97 8.11 4.16
N ASN A 36 5.18 7.58 4.15
CA ASN A 36 6.26 8.13 3.33
C ASN A 36 6.03 7.82 1.87
N LEU A 37 5.61 6.59 1.62
CA LEU A 37 5.40 6.10 0.26
C LEU A 37 4.34 6.92 -0.48
N ASP A 38 3.29 7.34 0.22
CA ASP A 38 2.20 8.10 -0.39
C ASP A 38 2.68 9.48 -0.83
N GLN A 39 3.64 10.02 -0.09
CA GLN A 39 4.18 11.35 -0.37
C GLN A 39 4.81 11.38 -1.75
N GLY A 40 5.29 10.23 -2.17
CA GLY A 40 5.73 10.04 -3.54
C GLY A 40 7.01 10.79 -3.89
N GLU A 41 7.78 11.15 -2.89
CA GLU A 41 9.01 11.90 -3.09
C GLU A 41 10.04 11.02 -3.79
N ASP A 42 10.24 9.84 -3.23
CA ASP A 42 11.16 8.86 -3.76
C ASP A 42 10.57 7.48 -3.62
N LYS A 43 9.28 7.40 -3.89
CA LYS A 43 8.53 6.14 -3.83
C LYS A 43 9.19 5.04 -4.66
N ALA A 44 9.93 5.43 -5.71
CA ALA A 44 10.56 4.47 -6.60
C ALA A 44 11.66 3.72 -5.86
N LYS A 45 12.38 4.46 -5.03
CA LYS A 45 13.43 3.89 -4.20
C LYS A 45 12.80 3.21 -2.99
N LEU A 46 11.85 3.92 -2.38
CA LEU A 46 11.18 3.43 -1.18
C LEU A 46 10.53 2.06 -1.41
N MET A 47 9.98 1.85 -2.60
CA MET A 47 9.38 0.56 -2.95
C MET A 47 10.34 -0.59 -2.66
N ARG A 48 11.59 -0.43 -3.04
CA ARG A 48 12.60 -1.47 -2.86
C ARG A 48 13.19 -1.41 -1.46
N ALA A 49 13.35 -0.19 -0.95
CA ALA A 49 13.95 0.02 0.37
C ALA A 49 13.01 -0.45 1.48
N TYR A 50 11.75 -0.64 1.17
CA TYR A 50 10.78 -1.11 2.16
C TYR A 50 10.76 -2.63 2.20
N MET A 51 11.20 -3.25 1.12
CA MET A 51 11.19 -4.70 1.02
C MET A 51 12.33 -5.32 1.80
N GLN A 52 13.21 -4.48 2.33
CA GLN A 52 14.32 -4.94 3.14
C GLN A 52 14.00 -4.78 4.62
N GLU A 53 12.84 -4.18 4.91
CA GLU A 53 12.40 -4.00 6.28
C GLU A 53 11.30 -5.00 6.58
N PRO A 54 11.52 -5.87 7.59
CA PRO A 54 10.59 -6.94 7.93
C PRO A 54 9.20 -6.41 8.26
N LEU A 55 9.14 -5.15 8.69
CA LEU A 55 7.88 -4.53 9.05
C LEU A 55 7.00 -4.38 7.83
N PHE A 56 7.54 -3.77 6.78
CA PHE A 56 6.76 -3.47 5.60
C PHE A 56 6.52 -4.74 4.80
N VAL A 57 7.43 -5.69 4.92
CA VAL A 57 7.28 -6.99 4.28
C VAL A 57 6.02 -7.68 4.80
N GLU A 58 5.79 -7.60 6.10
CA GLU A 58 4.59 -8.21 6.70
C GLU A 58 3.35 -7.50 6.19
N PHE A 59 3.39 -6.18 6.22
CA PHE A 59 2.29 -5.35 5.74
C PHE A 59 1.95 -5.70 4.29
N ALA A 60 2.97 -5.77 3.47
CA ALA A 60 2.81 -6.02 2.05
C ALA A 60 2.30 -7.44 1.78
N ASP A 61 2.88 -8.41 2.44
CA ASP A 61 2.53 -9.80 2.20
C ASP A 61 1.10 -10.08 2.66
N CYS A 62 0.68 -9.37 3.70
CA CYS A 62 -0.63 -9.57 4.29
C CYS A 62 -1.73 -8.93 3.45
N CYS A 63 -1.49 -7.72 2.97
CA CYS A 63 -2.50 -6.99 2.20
C CYS A 63 -2.81 -7.72 0.89
N LEU A 64 -1.84 -8.46 0.37
CA LEU A 64 -2.02 -9.20 -0.87
C LEU A 64 -3.11 -10.25 -0.73
N GLY A 65 -3.14 -10.90 0.42
CA GLY A 65 -4.15 -11.91 0.66
C GLY A 65 -5.51 -11.30 0.93
N ILE A 66 -5.53 -10.02 1.20
CA ILE A 66 -6.77 -9.30 1.45
C ILE A 66 -7.33 -8.74 0.14
N VAL A 67 -6.44 -8.22 -0.70
CA VAL A 67 -6.84 -7.66 -1.99
C VAL A 67 -6.86 -8.74 -3.06
N GLU A 68 -6.81 -10.00 -2.60
CA GLU A 68 -6.85 -11.18 -3.47
C GLU A 68 -7.89 -11.04 -4.58
N PRO A 69 -7.43 -10.94 -5.84
CA PRO A 69 -8.34 -10.87 -6.99
C PRO A 69 -8.97 -12.23 -7.29
N SER A 70 -8.16 -13.28 -7.19
CA SER A 70 -8.62 -14.65 -7.38
C SER A 70 -7.67 -15.62 -6.67
N GLN A 71 -7.83 -15.71 -5.36
CA GLN A 71 -6.99 -16.59 -4.56
C GLN A 71 -7.69 -17.93 -4.34
N ASN A 72 -6.93 -19.01 -4.41
CA ASN A 72 -7.48 -20.32 -4.11
C ASN A 72 -7.04 -20.77 -2.73
N GLU A 73 -8.00 -21.10 -1.90
CA GLU A 73 -7.72 -21.62 -0.57
C GLU A 73 -8.05 -23.11 -0.53
N GLU A 74 -7.34 -23.85 0.30
CA GLU A 74 -7.57 -25.27 0.43
C GLU A 74 -7.14 -25.74 1.80
N SER A 75 -7.68 -26.86 2.22
CA SER A 75 -7.38 -27.42 3.53
C SER A 75 -5.91 -27.82 3.63
N ASP B 1 4.60 -12.14 -8.88
CA ASP B 1 5.52 -11.14 -9.47
C ASP B 1 5.74 -10.01 -8.49
N ILE B 2 6.99 -9.76 -8.18
CA ILE B 2 7.35 -8.87 -7.09
C ILE B 2 7.16 -7.41 -7.49
N ARG B 3 7.38 -7.10 -8.76
CA ARG B 3 7.27 -5.71 -9.20
C ARG B 3 5.81 -5.31 -9.18
N HIS B 4 4.95 -6.26 -9.55
CA HIS B 4 3.50 -6.08 -9.52
C HIS B 4 3.02 -5.94 -8.08
N GLU B 5 3.50 -6.83 -7.23
CA GLU B 5 3.11 -6.82 -5.83
C GLU B 5 3.47 -5.49 -5.18
N ARG B 6 4.60 -4.91 -5.58
CA ARG B 6 5.04 -3.63 -5.04
C ARG B 6 4.10 -2.49 -5.44
N ASN B 7 3.75 -2.41 -6.72
CA ASN B 7 2.89 -1.31 -7.18
C ASN B 7 1.46 -1.54 -6.73
N VAL B 8 1.16 -2.79 -6.40
CA VAL B 8 -0.10 -3.13 -5.77
C VAL B 8 -0.18 -2.53 -4.36
N ILE B 9 0.97 -2.47 -3.69
CA ILE B 9 1.04 -1.91 -2.35
C ILE B 9 0.71 -0.42 -2.37
N LEU B 10 1.01 0.24 -3.49
CA LEU B 10 0.69 1.65 -3.67
C LEU B 10 -0.79 1.90 -3.45
N GLN B 11 -1.61 1.00 -3.98
CA GLN B 11 -3.07 1.11 -3.81
C GLN B 11 -3.46 0.97 -2.36
N CYS B 12 -2.86 0.00 -1.68
CA CYS B 12 -3.14 -0.26 -0.27
C CYS B 12 -2.74 0.94 0.58
N VAL B 13 -1.50 1.37 0.41
CA VAL B 13 -0.94 2.52 1.12
C VAL B 13 -1.76 3.78 0.90
N ARG B 14 -1.97 4.12 -0.37
CA ARG B 14 -2.64 5.37 -0.71
C ARG B 14 -4.12 5.32 -0.34
N TYR B 15 -4.66 4.12 -0.17
CA TYR B 15 -6.03 3.97 0.26
C TYR B 15 -6.15 4.32 1.74
N ILE B 16 -5.37 3.65 2.57
CA ILE B 16 -5.48 3.78 4.02
C ILE B 16 -5.23 5.21 4.47
N ILE B 17 -4.04 5.71 4.15
CA ILE B 17 -3.60 7.04 4.57
C ILE B 17 -4.61 8.12 4.18
N LYS B 18 -5.30 7.88 3.08
CA LYS B 18 -6.05 8.95 2.45
C LYS B 18 -7.41 9.19 3.11
N LYS B 19 -7.94 8.23 3.86
CA LYS B 19 -9.08 8.54 4.73
C LYS B 19 -8.79 8.30 6.19
N ASP B 20 -7.75 7.54 6.50
CA ASP B 20 -7.45 7.21 7.89
C ASP B 20 -6.49 8.22 8.53
N PHE B 21 -5.31 8.33 7.95
CA PHE B 21 -4.22 9.11 8.56
C PHE B 21 -4.39 10.60 8.33
N PHE B 22 -3.81 11.08 7.24
CA PHE B 22 -3.82 12.51 6.95
C PHE B 22 -4.96 12.85 6.02
N GLY B 23 -5.23 11.92 5.12
CA GLY B 23 -6.29 12.11 4.15
C GLY B 23 -5.87 13.01 3.01
N LEU B 24 -4.57 13.26 2.92
CA LEU B 24 -4.02 14.15 1.91
C LEU B 24 -3.68 13.40 0.64
N ASP B 25 -3.56 14.13 -0.45
CA ASP B 25 -3.17 13.57 -1.74
C ASP B 25 -2.35 14.58 -2.54
N THR B 26 -2.24 15.79 -2.02
CA THR B 26 -1.53 16.86 -2.70
C THR B 26 -0.03 16.79 -2.44
N ASN B 27 0.56 15.64 -2.76
CA ASN B 27 1.98 15.45 -2.60
C ASN B 27 2.63 15.15 -3.94
N SER B 28 2.83 16.20 -4.72
CA SER B 28 3.48 16.09 -6.01
C SER B 28 4.23 17.37 -6.31
N ALA B 29 4.77 17.50 -7.51
CA ALA B 29 5.52 18.69 -7.87
C ALA B 29 4.61 19.89 -8.01
N LYS B 30 3.62 19.74 -8.87
CA LYS B 30 2.71 20.82 -9.20
C LYS B 30 1.26 20.43 -8.90
N SER B 31 1.02 19.88 -7.72
CA SER B 31 -0.32 19.50 -7.31
C SER B 31 -1.04 20.68 -6.68
N LYS B 32 -2.12 21.13 -7.32
CA LYS B 32 -2.85 22.29 -6.84
C LYS B 32 -4.35 22.11 -7.06
N ASP B 33 -5.13 22.40 -6.02
CA ASP B 33 -6.59 22.32 -6.05
C ASP B 33 -7.07 20.93 -6.47
N VAL B 34 -7.16 20.04 -5.50
CA VAL B 34 -7.66 18.69 -5.72
C VAL B 34 -8.04 18.03 -4.41
N GLY A 1 2.57 -9.73 -16.56
CA GLY A 1 2.68 -8.71 -17.63
C GLY A 1 1.87 -7.48 -17.32
N PRO A 2 2.52 -6.30 -17.27
CA PRO A 2 1.83 -5.03 -17.00
C PRO A 2 0.67 -4.78 -17.95
N HIS A 3 -0.45 -4.35 -17.39
CA HIS A 3 -1.65 -4.10 -18.17
C HIS A 3 -2.62 -3.25 -17.34
N MET A 4 -3.28 -3.89 -16.40
CA MET A 4 -4.08 -3.18 -15.41
C MET A 4 -3.61 -3.63 -14.04
N ASP A 5 -2.75 -2.85 -13.44
CA ASP A 5 -2.01 -3.29 -12.27
C ASP A 5 -2.45 -2.61 -10.99
N ARG A 6 -3.48 -1.78 -11.08
CA ARG A 6 -3.98 -1.10 -9.90
C ARG A 6 -5.07 -1.93 -9.24
N VAL A 7 -5.37 -1.60 -8.00
CA VAL A 7 -6.32 -2.36 -7.20
C VAL A 7 -7.61 -1.57 -7.00
N SER A 8 -8.74 -2.25 -7.14
CA SER A 8 -10.03 -1.66 -6.91
C SER A 8 -10.18 -1.24 -5.45
N LEU A 9 -10.87 -0.13 -5.25
CA LEU A 9 -11.09 0.40 -3.92
C LEU A 9 -11.94 -0.56 -3.09
N GLN A 10 -12.69 -1.43 -3.77
CA GLN A 10 -13.49 -2.42 -3.06
C GLN A 10 -12.59 -3.41 -2.35
N ASN A 11 -11.51 -3.78 -3.02
CA ASN A 11 -10.51 -4.69 -2.43
C ASN A 11 -9.76 -3.99 -1.32
N LEU A 12 -9.54 -2.70 -1.50
CA LEU A 12 -8.78 -1.91 -0.55
C LEU A 12 -9.58 -1.71 0.74
N LYS A 13 -10.88 -1.53 0.61
CA LYS A 13 -11.76 -1.32 1.77
C LYS A 13 -11.75 -2.53 2.70
N ASN A 14 -11.38 -3.69 2.16
CA ASN A 14 -11.37 -4.92 2.93
C ASN A 14 -10.11 -5.00 3.80
N LEU A 15 -9.12 -4.17 3.47
CA LEU A 15 -7.86 -4.15 4.21
C LEU A 15 -8.10 -3.76 5.65
N GLY A 16 -8.88 -2.70 5.85
CA GLY A 16 -9.14 -2.21 7.19
C GLY A 16 -10.01 -3.16 8.00
N GLU A 17 -10.61 -4.13 7.33
CA GLU A 17 -11.49 -5.07 7.99
C GLU A 17 -10.71 -6.23 8.58
N SER A 18 -9.54 -6.49 8.03
CA SER A 18 -8.72 -7.61 8.49
C SER A 18 -7.96 -7.23 9.75
N ALA A 19 -8.13 -8.02 10.80
CA ALA A 19 -7.49 -7.77 12.08
C ALA A 19 -5.98 -7.96 11.98
N THR A 20 -5.56 -8.81 11.06
CA THR A 20 -4.15 -9.11 10.88
C THR A 20 -3.39 -7.89 10.36
N LEU A 21 -3.93 -7.26 9.32
CA LEU A 21 -3.25 -6.16 8.67
C LEU A 21 -3.18 -4.96 9.60
N ARG A 22 -4.32 -4.58 10.17
CA ARG A 22 -4.39 -3.42 11.04
C ARG A 22 -3.48 -3.59 12.27
N SER A 23 -3.24 -4.83 12.67
CA SER A 23 -2.41 -5.12 13.83
C SER A 23 -0.96 -4.75 13.52
N LEU A 24 -0.62 -4.74 12.23
CA LEU A 24 0.71 -4.36 11.79
C LEU A 24 0.83 -2.84 11.75
N LEU A 25 -0.28 -2.18 11.44
CA LEU A 25 -0.32 -0.72 11.36
C LEU A 25 -0.23 -0.11 12.76
N LEU A 26 -0.26 -0.98 13.76
CA LEU A 26 -0.12 -0.56 15.14
C LEU A 26 1.34 -0.24 15.45
N ASN A 27 2.22 -0.55 14.50
CA ASN A 27 3.63 -0.18 14.61
C ASN A 27 3.83 1.22 14.04
N PRO A 28 4.27 2.17 14.87
CA PRO A 28 4.46 3.56 14.46
C PRO A 28 5.45 3.70 13.30
N HIS A 29 6.43 2.81 13.25
CA HIS A 29 7.43 2.84 12.19
C HIS A 29 6.80 2.48 10.84
N LEU A 30 5.94 1.48 10.83
CA LEU A 30 5.29 1.05 9.60
C LEU A 30 4.41 2.18 9.06
N ARG A 31 3.80 2.91 9.98
CA ARG A 31 2.97 4.06 9.62
C ARG A 31 3.80 5.08 8.86
N GLN A 32 5.01 5.32 9.34
CA GLN A 32 5.92 6.27 8.71
C GLN A 32 6.31 5.79 7.30
N LEU A 33 6.65 4.51 7.20
CA LEU A 33 7.01 3.93 5.90
C LEU A 33 5.87 4.14 4.90
N MET A 34 4.66 3.84 5.34
CA MET A 34 3.48 4.03 4.53
C MET A 34 3.33 5.49 4.11
N VAL A 35 3.41 6.39 5.08
CA VAL A 35 3.28 7.81 4.82
C VAL A 35 4.36 8.30 3.85
N ASN A 36 5.58 7.81 4.04
CA ASN A 36 6.71 8.18 3.19
C ASN A 36 6.49 7.71 1.76
N LEU A 37 6.06 6.47 1.62
CA LEU A 37 5.86 5.86 0.31
C LEU A 37 4.72 6.53 -0.45
N ASP A 38 3.66 6.86 0.27
CA ASP A 38 2.45 7.43 -0.32
C ASP A 38 2.72 8.77 -0.99
N GLN A 39 3.65 9.53 -0.42
CA GLN A 39 3.99 10.85 -0.96
C GLN A 39 4.50 10.73 -2.38
N GLY A 40 5.07 9.57 -2.68
CA GLY A 40 5.41 9.23 -4.04
C GLY A 40 6.54 10.05 -4.62
N GLU A 41 7.38 10.61 -3.76
CA GLU A 41 8.49 11.42 -4.22
C GLU A 41 9.62 10.52 -4.70
N ASP A 42 9.93 9.52 -3.91
CA ASP A 42 11.02 8.59 -4.22
C ASP A 42 10.53 7.16 -4.04
N LYS A 43 9.24 6.96 -4.29
CA LYS A 43 8.61 5.65 -4.15
C LYS A 43 9.35 4.56 -4.93
N ALA A 44 10.02 4.95 -6.01
CA ALA A 44 10.68 3.99 -6.89
C ALA A 44 11.80 3.27 -6.15
N LYS A 45 12.50 4.01 -5.32
CA LYS A 45 13.59 3.46 -4.52
C LYS A 45 13.05 2.89 -3.22
N LEU A 46 12.13 3.63 -2.62
CA LEU A 46 11.52 3.24 -1.34
C LEU A 46 10.92 1.85 -1.42
N MET A 47 10.23 1.53 -2.51
CA MET A 47 9.60 0.23 -2.68
C MET A 47 10.56 -0.92 -2.39
N ARG A 48 11.79 -0.77 -2.86
CA ARG A 48 12.79 -1.82 -2.69
C ARG A 48 13.43 -1.71 -1.31
N ALA A 49 13.67 -0.49 -0.88
CA ALA A 49 14.31 -0.23 0.41
C ALA A 49 13.44 -0.72 1.56
N TYR A 50 12.13 -0.65 1.37
CA TYR A 50 11.18 -1.03 2.42
C TYR A 50 11.05 -2.55 2.50
N MET A 51 11.49 -3.24 1.45
CA MET A 51 11.36 -4.69 1.39
C MET A 51 12.41 -5.38 2.26
N GLN A 52 13.30 -4.59 2.85
CA GLN A 52 14.28 -5.12 3.77
C GLN A 52 13.71 -5.14 5.18
N GLU A 53 12.67 -4.34 5.40
CA GLU A 53 12.13 -4.13 6.73
C GLU A 53 11.01 -5.12 7.01
N PRO A 54 11.16 -5.93 8.07
CA PRO A 54 10.16 -6.95 8.44
C PRO A 54 8.81 -6.35 8.82
N LEU A 55 8.78 -5.06 9.04
CA LEU A 55 7.53 -4.38 9.34
C LEU A 55 6.73 -4.11 8.08
N PHE A 56 7.42 -3.83 6.98
CA PHE A 56 6.74 -3.46 5.75
C PHE A 56 6.44 -4.70 4.92
N VAL A 57 7.34 -5.67 4.99
CA VAL A 57 7.18 -6.92 4.27
C VAL A 57 5.88 -7.62 4.70
N GLU A 58 5.67 -7.73 6.00
CA GLU A 58 4.47 -8.35 6.55
C GLU A 58 3.24 -7.58 6.11
N PHE A 59 3.34 -6.26 6.15
CA PHE A 59 2.26 -5.39 5.69
C PHE A 59 1.91 -5.72 4.25
N ALA A 60 2.95 -5.73 3.42
CA ALA A 60 2.80 -6.04 2.01
C ALA A 60 2.29 -7.46 1.81
N ASP A 61 2.87 -8.40 2.55
CA ASP A 61 2.54 -9.82 2.40
C ASP A 61 1.08 -10.07 2.75
N CYS A 62 0.58 -9.29 3.70
CA CYS A 62 -0.77 -9.45 4.18
C CYS A 62 -1.79 -8.80 3.24
N CYS A 63 -1.49 -7.60 2.78
CA CYS A 63 -2.44 -6.86 1.94
C CYS A 63 -2.63 -7.55 0.60
N LEU A 64 -1.61 -8.27 0.14
CA LEU A 64 -1.68 -8.97 -1.13
C LEU A 64 -2.83 -9.97 -1.13
N GLY A 65 -2.88 -10.80 -0.11
CA GLY A 65 -3.90 -11.84 -0.04
C GLY A 65 -5.30 -11.27 0.05
N ILE A 66 -5.38 -10.03 0.50
CA ILE A 66 -6.67 -9.37 0.66
C ILE A 66 -7.10 -8.70 -0.64
N VAL A 67 -6.13 -8.17 -1.39
CA VAL A 67 -6.45 -7.42 -2.61
C VAL A 67 -6.36 -8.29 -3.87
N GLU A 68 -5.91 -9.54 -3.72
CA GLU A 68 -5.89 -10.46 -4.85
C GLU A 68 -7.23 -11.14 -5.02
N PRO A 69 -7.93 -10.85 -6.12
CA PRO A 69 -9.21 -11.49 -6.44
C PRO A 69 -9.01 -12.87 -7.07
N SER A 70 -7.77 -13.16 -7.43
CA SER A 70 -7.42 -14.44 -8.02
C SER A 70 -7.05 -15.42 -6.92
N GLN A 71 -7.19 -16.71 -7.20
CA GLN A 71 -6.86 -17.73 -6.22
C GLN A 71 -5.34 -17.93 -6.15
N ASN A 72 -4.75 -17.45 -5.07
CA ASN A 72 -3.32 -17.54 -4.87
C ASN A 72 -2.96 -18.74 -4.01
N GLU A 73 -1.87 -19.41 -4.35
CA GLU A 73 -1.39 -20.55 -3.57
C GLU A 73 -0.41 -20.08 -2.50
N GLU A 74 -0.46 -20.71 -1.34
CA GLU A 74 0.39 -20.34 -0.22
C GLU A 74 1.85 -20.71 -0.51
N SER A 75 2.58 -19.78 -1.08
CA SER A 75 3.98 -19.98 -1.38
C SER A 75 4.83 -19.64 -0.16
N ASP B 1 4.29 -11.56 -10.31
CA ASP B 1 5.59 -10.83 -10.39
C ASP B 1 5.67 -9.81 -9.27
N ILE B 2 6.87 -9.67 -8.72
CA ILE B 2 7.10 -8.83 -7.56
C ILE B 2 6.91 -7.35 -7.88
N ARG B 3 7.18 -6.97 -9.12
CA ARG B 3 6.98 -5.59 -9.55
C ARG B 3 5.53 -5.17 -9.35
N HIS B 4 4.62 -6.02 -9.80
CA HIS B 4 3.20 -5.77 -9.66
C HIS B 4 2.81 -5.75 -8.19
N GLU B 5 3.35 -6.70 -7.44
CA GLU B 5 3.06 -6.83 -6.01
C GLU B 5 3.53 -5.62 -5.23
N ARG B 6 4.49 -4.88 -5.77
CA ARG B 6 4.95 -3.66 -5.13
C ARG B 6 4.06 -2.48 -5.48
N ASN B 7 3.66 -2.39 -6.74
CA ASN B 7 2.83 -1.30 -7.19
C ASN B 7 1.44 -1.38 -6.56
N VAL B 8 0.98 -2.59 -6.28
CA VAL B 8 -0.32 -2.80 -5.63
C VAL B 8 -0.29 -2.32 -4.18
N ILE B 9 0.91 -2.25 -3.61
CA ILE B 9 1.07 -1.78 -2.24
C ILE B 9 0.71 -0.30 -2.14
N LEU B 10 0.98 0.45 -3.22
CA LEU B 10 0.68 1.87 -3.27
C LEU B 10 -0.81 2.11 -3.03
N GLN B 11 -1.64 1.31 -3.70
CA GLN B 11 -3.09 1.39 -3.54
C GLN B 11 -3.48 1.07 -2.10
N CYS B 12 -2.81 0.08 -1.52
CA CYS B 12 -3.09 -0.33 -0.16
C CYS B 12 -2.77 0.80 0.82
N VAL B 13 -1.52 1.25 0.79
CA VAL B 13 -1.06 2.35 1.61
C VAL B 13 -1.96 3.58 1.46
N ARG B 14 -2.22 3.98 0.21
CA ARG B 14 -2.96 5.21 -0.05
C ARG B 14 -4.40 5.10 0.44
N TYR B 15 -4.97 3.90 0.37
CA TYR B 15 -6.31 3.68 0.88
C TYR B 15 -6.33 3.96 2.38
N ILE B 16 -5.32 3.44 3.08
CA ILE B 16 -5.20 3.65 4.51
C ILE B 16 -5.12 5.14 4.79
N ILE B 17 -4.07 5.73 4.28
CA ILE B 17 -3.75 7.13 4.53
C ILE B 17 -4.90 8.05 4.14
N LYS B 18 -5.67 7.65 3.14
CA LYS B 18 -6.77 8.46 2.65
C LYS B 18 -7.81 8.72 3.74
N LYS B 19 -8.15 7.69 4.50
CA LYS B 19 -9.17 7.83 5.52
C LYS B 19 -8.57 7.80 6.92
N ASP B 20 -7.33 7.36 7.03
CA ASP B 20 -6.67 7.26 8.32
C ASP B 20 -5.90 8.53 8.65
N PHE B 21 -4.94 8.89 7.80
CA PHE B 21 -4.03 9.98 8.10
C PHE B 21 -4.42 11.28 7.39
N PHE B 22 -3.91 11.46 6.18
CA PHE B 22 -4.06 12.74 5.49
C PHE B 22 -4.96 12.62 4.25
N GLY B 23 -4.67 11.65 3.41
CA GLY B 23 -5.40 11.51 2.15
C GLY B 23 -5.16 12.67 1.22
N LEU B 24 -3.98 13.28 1.35
CA LEU B 24 -3.63 14.44 0.55
C LEU B 24 -2.81 14.04 -0.65
N ASP B 25 -3.07 14.71 -1.76
CA ASP B 25 -2.29 14.51 -2.98
C ASP B 25 -1.31 15.66 -3.16
N THR B 26 -1.44 16.65 -2.29
CA THR B 26 -0.61 17.85 -2.34
C THR B 26 0.82 17.59 -1.85
N ASN B 27 1.14 16.32 -1.61
CA ASN B 27 2.47 15.94 -1.16
C ASN B 27 3.40 15.78 -2.36
N SER B 28 2.83 15.68 -3.54
CA SER B 28 3.60 15.57 -4.77
C SER B 28 2.79 16.05 -5.95
N ALA B 29 3.47 16.75 -6.85
CA ALA B 29 2.84 17.22 -8.07
C ALA B 29 2.97 16.17 -9.16
N LYS B 30 3.35 14.96 -8.75
CA LYS B 30 3.46 13.82 -9.65
C LYS B 30 2.63 12.67 -9.12
N SER B 31 1.51 13.00 -8.48
CA SER B 31 0.60 12.00 -7.94
C SER B 31 -0.30 11.46 -9.05
N LYS B 32 0.24 10.53 -9.80
CA LYS B 32 -0.46 9.96 -10.94
C LYS B 32 -0.65 8.46 -10.75
N ASP B 33 -1.70 7.93 -11.35
CA ASP B 33 -1.97 6.50 -11.32
C ASP B 33 -1.04 5.77 -12.28
N VAL B 34 -0.92 6.29 -13.48
CA VAL B 34 -0.01 5.74 -14.48
C VAL B 34 0.91 6.84 -15.00
N GLY A 1 -5.07 -1.62 -16.52
CA GLY A 1 -3.84 -2.37 -16.23
C GLY A 1 -3.76 -3.65 -17.03
N PRO A 2 -2.64 -3.89 -17.75
CA PRO A 2 -2.48 -5.03 -18.67
C PRO A 2 -2.83 -6.36 -18.00
N HIS A 3 -2.08 -6.71 -16.98
CA HIS A 3 -2.32 -7.94 -16.24
C HIS A 3 -3.03 -7.62 -14.92
N MET A 4 -3.92 -6.63 -14.98
CA MET A 4 -4.69 -6.18 -13.82
C MET A 4 -3.76 -5.79 -12.68
N ASP A 5 -2.93 -4.77 -12.90
CA ASP A 5 -1.96 -4.37 -11.90
C ASP A 5 -2.54 -3.36 -10.92
N ARG A 6 -3.35 -2.43 -11.42
CA ARG A 6 -4.12 -1.59 -10.55
C ARG A 6 -5.28 -2.38 -9.97
N VAL A 7 -5.29 -2.56 -8.67
CA VAL A 7 -6.30 -3.37 -8.00
C VAL A 7 -7.50 -2.51 -7.62
N SER A 8 -8.68 -3.10 -7.66
CA SER A 8 -9.93 -2.41 -7.38
C SER A 8 -9.96 -1.90 -5.93
N LEU A 9 -10.57 -0.73 -5.76
CA LEU A 9 -10.63 -0.06 -4.47
C LEU A 9 -11.49 -0.88 -3.51
N GLN A 10 -12.46 -1.60 -4.05
CA GLN A 10 -13.29 -2.49 -3.26
C GLN A 10 -12.43 -3.54 -2.56
N ASN A 11 -11.39 -4.00 -3.26
CA ASN A 11 -10.44 -4.94 -2.68
C ASN A 11 -9.64 -4.27 -1.57
N LEU A 12 -9.27 -3.02 -1.82
CA LEU A 12 -8.50 -2.24 -0.87
C LEU A 12 -9.29 -1.99 0.39
N LYS A 13 -10.60 -1.82 0.24
CA LYS A 13 -11.50 -1.58 1.36
C LYS A 13 -11.45 -2.72 2.38
N ASN A 14 -11.07 -3.91 1.92
CA ASN A 14 -10.99 -5.08 2.81
C ASN A 14 -9.81 -4.99 3.76
N LEU A 15 -8.86 -4.11 3.44
CA LEU A 15 -7.66 -3.94 4.27
C LEU A 15 -8.04 -3.46 5.66
N GLY A 16 -8.82 -2.39 5.73
CA GLY A 16 -9.31 -1.89 7.00
C GLY A 16 -10.23 -2.88 7.70
N GLU A 17 -10.76 -3.83 6.94
CA GLU A 17 -11.64 -4.87 7.48
C GLU A 17 -10.83 -5.96 8.15
N SER A 18 -9.53 -6.00 7.86
CA SER A 18 -8.65 -7.05 8.35
C SER A 18 -8.18 -6.74 9.76
N ALA A 19 -8.49 -7.64 10.68
CA ALA A 19 -8.04 -7.51 12.06
C ALA A 19 -6.54 -7.72 12.13
N THR A 20 -6.00 -8.48 11.20
CA THR A 20 -4.57 -8.73 11.14
C THR A 20 -3.82 -7.48 10.71
N LEU A 21 -4.31 -6.85 9.65
CA LEU A 21 -3.62 -5.71 9.09
C LEU A 21 -3.60 -4.53 10.06
N ARG A 22 -4.76 -4.19 10.61
CA ARG A 22 -4.86 -3.07 11.54
C ARG A 22 -3.95 -3.27 12.74
N SER A 23 -3.64 -4.53 13.06
CA SER A 23 -2.79 -4.85 14.20
C SER A 23 -1.32 -4.53 13.93
N LEU A 24 -0.82 -4.79 12.72
CA LEU A 24 0.56 -4.45 12.43
C LEU A 24 0.68 -3.00 11.96
N LEU A 25 -0.45 -2.43 11.57
CA LEU A 25 -0.54 -0.99 11.32
C LEU A 25 -0.41 -0.20 12.61
N LEU A 26 -0.32 -0.92 13.72
CA LEU A 26 -0.12 -0.30 15.01
C LEU A 26 1.36 0.01 15.25
N ASN A 27 2.22 -0.53 14.38
CA ASN A 27 3.64 -0.22 14.42
C ASN A 27 3.88 1.17 13.86
N PRO A 28 4.35 2.11 14.69
CA PRO A 28 4.58 3.50 14.26
C PRO A 28 5.60 3.59 13.13
N HIS A 29 6.49 2.61 13.06
CA HIS A 29 7.48 2.56 11.98
C HIS A 29 6.79 2.24 10.66
N LEU A 30 5.93 1.24 10.67
CA LEU A 30 5.22 0.83 9.47
C LEU A 30 4.29 1.96 9.00
N ARG A 31 3.74 2.68 9.96
CA ARG A 31 2.91 3.83 9.68
C ARG A 31 3.70 4.93 9.00
N GLN A 32 4.91 5.16 9.49
CA GLN A 32 5.81 6.14 8.89
C GLN A 32 6.20 5.74 7.47
N LEU A 33 6.44 4.45 7.28
CA LEU A 33 6.79 3.93 5.96
C LEU A 33 5.68 4.24 4.95
N MET A 34 4.44 3.95 5.32
CA MET A 34 3.32 4.18 4.43
C MET A 34 3.23 5.65 4.02
N VAL A 35 3.22 6.55 4.99
CA VAL A 35 3.03 7.97 4.70
C VAL A 35 4.21 8.54 3.90
N ASN A 36 5.39 7.96 4.08
CA ASN A 36 6.57 8.36 3.32
C ASN A 36 6.42 7.94 1.87
N LEU A 37 6.01 6.70 1.66
CA LEU A 37 5.84 6.14 0.33
C LEU A 37 4.76 6.89 -0.45
N ASP A 38 3.69 7.27 0.24
CA ASP A 38 2.54 7.95 -0.36
C ASP A 38 2.93 9.32 -0.92
N GLN A 39 3.92 9.95 -0.30
CA GLN A 39 4.37 11.27 -0.75
C GLN A 39 4.87 11.17 -2.19
N GLY A 40 5.37 10.01 -2.52
CA GLY A 40 5.73 9.68 -3.88
C GLY A 40 6.92 10.45 -4.40
N GLU A 41 7.73 11.01 -3.50
CA GLU A 41 8.89 11.78 -3.90
C GLU A 41 9.92 10.87 -4.57
N ASP A 42 10.31 9.83 -3.85
CA ASP A 42 11.27 8.86 -4.37
C ASP A 42 10.79 7.45 -4.11
N LYS A 43 9.51 7.23 -4.40
CA LYS A 43 8.90 5.92 -4.16
C LYS A 43 9.64 4.82 -4.90
N ALA A 44 10.25 5.15 -6.03
CA ALA A 44 10.93 4.15 -6.84
C ALA A 44 12.05 3.47 -6.07
N LYS A 45 12.77 4.25 -5.26
CA LYS A 45 13.85 3.70 -4.47
C LYS A 45 13.30 3.19 -3.15
N LEU A 46 12.27 3.85 -2.65
CA LEU A 46 11.65 3.48 -1.39
C LEU A 46 11.10 2.05 -1.46
N MET A 47 10.57 1.67 -2.62
CA MET A 47 10.01 0.33 -2.80
C MET A 47 11.05 -0.72 -2.40
N ARG A 48 12.28 -0.51 -2.83
CA ARG A 48 13.36 -1.45 -2.54
C ARG A 48 13.78 -1.33 -1.07
N ALA A 49 13.79 -0.10 -0.57
CA ALA A 49 14.20 0.15 0.81
C ALA A 49 13.16 -0.38 1.80
N TYR A 50 11.93 -0.51 1.35
CA TYR A 50 10.85 -0.98 2.21
C TYR A 50 10.75 -2.50 2.16
N MET A 51 11.10 -3.07 1.00
CA MET A 51 11.02 -4.52 0.81
C MET A 51 12.05 -5.27 1.66
N GLN A 52 12.97 -4.52 2.26
CA GLN A 52 14.02 -5.12 3.08
C GLN A 52 13.62 -5.10 4.55
N GLU A 53 12.54 -4.40 4.86
CA GLU A 53 12.12 -4.21 6.23
C GLU A 53 11.14 -5.29 6.64
N PRO A 54 11.46 -6.05 7.70
CA PRO A 54 10.63 -7.15 8.17
C PRO A 54 9.24 -6.70 8.58
N LEU A 55 9.09 -5.41 8.85
CA LEU A 55 7.79 -4.86 9.22
C LEU A 55 6.93 -4.62 7.98
N PHE A 56 7.57 -4.11 6.93
CA PHE A 56 6.86 -3.80 5.70
C PHE A 56 6.61 -5.06 4.90
N VAL A 57 7.53 -6.01 5.00
CA VAL A 57 7.39 -7.30 4.33
C VAL A 57 6.14 -8.03 4.80
N GLU A 58 5.89 -7.98 6.11
CA GLU A 58 4.69 -8.60 6.67
C GLU A 58 3.46 -7.84 6.24
N PHE A 59 3.54 -6.50 6.28
CA PHE A 59 2.44 -5.65 5.86
C PHE A 59 2.06 -5.93 4.41
N ALA A 60 3.07 -5.95 3.56
CA ALA A 60 2.87 -6.15 2.14
C ALA A 60 2.24 -7.51 1.86
N ASP A 61 2.78 -8.55 2.49
CA ASP A 61 2.27 -9.89 2.27
C ASP A 61 0.83 -10.00 2.76
N CYS A 62 0.53 -9.26 3.82
CA CYS A 62 -0.80 -9.26 4.39
C CYS A 62 -1.80 -8.63 3.44
N CYS A 63 -1.49 -7.43 2.94
CA CYS A 63 -2.40 -6.72 2.07
C CYS A 63 -2.60 -7.48 0.75
N LEU A 64 -1.56 -8.16 0.29
CA LEU A 64 -1.64 -8.94 -0.95
C LEU A 64 -2.66 -10.06 -0.81
N GLY A 65 -2.74 -10.65 0.37
CA GLY A 65 -3.67 -11.72 0.61
C GLY A 65 -5.09 -11.21 0.81
N ILE A 66 -5.22 -9.92 1.06
CA ILE A 66 -6.51 -9.30 1.27
C ILE A 66 -7.09 -8.78 -0.05
N VAL A 67 -6.22 -8.21 -0.88
CA VAL A 67 -6.65 -7.63 -2.15
C VAL A 67 -6.48 -8.62 -3.30
N GLU A 68 -6.22 -9.87 -2.94
CA GLU A 68 -6.05 -10.94 -3.92
C GLU A 68 -7.16 -10.94 -4.96
N PRO A 69 -6.78 -10.92 -6.24
CA PRO A 69 -7.73 -10.99 -7.34
C PRO A 69 -8.39 -12.38 -7.42
N SER A 70 -7.59 -13.41 -7.20
CA SER A 70 -8.07 -14.78 -7.19
C SER A 70 -6.91 -15.73 -6.86
N GLN A 71 -6.02 -15.29 -5.96
CA GLN A 71 -4.82 -16.05 -5.62
C GLN A 71 -4.06 -16.46 -6.88
N ASN A 72 -3.77 -15.49 -7.72
CA ASN A 72 -3.14 -15.76 -9.01
C ASN A 72 -1.62 -15.75 -8.89
N GLU A 73 -0.97 -16.66 -9.59
CA GLU A 73 0.47 -16.71 -9.63
C GLU A 73 0.99 -15.98 -10.86
N GLU A 74 2.11 -15.28 -10.70
CA GLU A 74 2.70 -14.47 -11.77
C GLU A 74 1.73 -13.40 -12.25
N SER A 75 0.86 -12.97 -11.34
CA SER A 75 -0.03 -11.86 -11.61
C SER A 75 0.69 -10.56 -11.25
N ASP B 1 3.44 -11.53 -8.90
CA ASP B 1 4.64 -10.88 -9.50
C ASP B 1 5.01 -9.65 -8.70
N ILE B 2 6.31 -9.54 -8.40
CA ILE B 2 6.83 -8.54 -7.48
C ILE B 2 6.56 -7.13 -7.97
N ARG B 3 6.62 -6.93 -9.28
CA ARG B 3 6.38 -5.60 -9.86
C ARG B 3 4.91 -5.25 -9.72
N HIS B 4 4.06 -6.24 -9.94
CA HIS B 4 2.63 -6.09 -9.72
C HIS B 4 2.34 -5.79 -8.26
N GLU B 5 2.90 -6.62 -7.39
CA GLU B 5 2.66 -6.52 -5.97
C GLU B 5 3.13 -5.19 -5.41
N ARG B 6 4.30 -4.75 -5.83
CA ARG B 6 4.85 -3.46 -5.41
C ARG B 6 3.90 -2.31 -5.71
N ASN B 7 3.25 -2.35 -6.87
CA ASN B 7 2.34 -1.29 -7.27
C ASN B 7 1.03 -1.44 -6.53
N VAL B 8 0.68 -2.68 -6.24
CA VAL B 8 -0.50 -2.98 -5.45
C VAL B 8 -0.34 -2.43 -4.04
N ILE B 9 0.88 -2.46 -3.51
CA ILE B 9 1.17 -1.89 -2.21
C ILE B 9 0.86 -0.39 -2.22
N LEU B 10 1.18 0.26 -3.34
CA LEU B 10 0.92 1.68 -3.50
C LEU B 10 -0.58 1.97 -3.36
N GLN B 11 -1.40 1.06 -3.87
CA GLN B 11 -2.85 1.18 -3.72
C GLN B 11 -3.26 1.01 -2.27
N CYS B 12 -2.68 0.00 -1.62
CA CYS B 12 -3.01 -0.33 -0.23
C CYS B 12 -2.66 0.82 0.71
N VAL B 13 -1.39 1.22 0.66
CA VAL B 13 -0.88 2.34 1.44
C VAL B 13 -1.77 3.57 1.30
N ARG B 14 -2.04 3.96 0.06
CA ARG B 14 -2.77 5.19 -0.21
C ARG B 14 -4.23 5.09 0.20
N TYR B 15 -4.75 3.87 0.28
CA TYR B 15 -6.11 3.66 0.73
C TYR B 15 -6.21 3.93 2.23
N ILE B 16 -5.28 3.38 2.99
CA ILE B 16 -5.28 3.51 4.44
C ILE B 16 -5.07 4.95 4.84
N ILE B 17 -3.99 5.55 4.34
CA ILE B 17 -3.67 6.95 4.61
C ILE B 17 -4.84 7.87 4.26
N LYS B 18 -5.67 7.43 3.32
CA LYS B 18 -6.72 8.27 2.79
C LYS B 18 -7.84 8.50 3.81
N LYS B 19 -8.09 7.52 4.68
CA LYS B 19 -9.08 7.73 5.73
C LYS B 19 -8.46 7.68 7.12
N ASP B 20 -7.26 7.15 7.25
CA ASP B 20 -6.66 6.96 8.56
C ASP B 20 -5.80 8.15 8.98
N PHE B 21 -4.80 8.45 8.16
CA PHE B 21 -3.77 9.40 8.54
C PHE B 21 -4.14 10.83 8.20
N PHE B 22 -3.79 11.27 7.00
CA PHE B 22 -4.00 12.66 6.60
C PHE B 22 -5.21 12.78 5.69
N GLY B 23 -5.45 11.73 4.93
CA GLY B 23 -6.57 11.72 4.02
C GLY B 23 -6.21 12.32 2.67
N LEU B 24 -4.93 12.59 2.50
CA LEU B 24 -4.44 13.24 1.29
C LEU B 24 -4.20 12.22 0.18
N ASP B 25 -4.57 12.62 -1.02
CA ASP B 25 -4.32 11.83 -2.21
C ASP B 25 -3.62 12.71 -3.25
N THR B 26 -3.49 13.98 -2.91
CA THR B 26 -2.88 14.96 -3.79
C THR B 26 -1.35 14.93 -3.65
N ASN B 27 -0.82 13.77 -3.32
CA ASN B 27 0.61 13.59 -3.19
C ASN B 27 1.21 13.21 -4.53
N SER B 28 1.91 14.17 -5.13
CA SER B 28 2.48 14.03 -6.45
C SER B 28 1.37 14.05 -7.52
N ALA B 29 1.78 14.20 -8.78
CA ALA B 29 0.83 14.30 -9.90
C ALA B 29 -0.05 15.54 -9.74
N LYS B 30 0.52 16.59 -9.21
CA LYS B 30 -0.21 17.84 -9.01
C LYS B 30 -0.22 18.63 -10.29
N SER B 31 -1.41 18.96 -10.76
CA SER B 31 -1.57 19.73 -11.98
C SER B 31 -2.80 20.62 -11.87
N LYS B 32 -2.59 21.87 -11.47
CA LYS B 32 -3.68 22.80 -11.23
C LYS B 32 -4.19 23.45 -12.52
N ASP B 33 -3.81 22.85 -13.64
CA ASP B 33 -4.25 23.34 -14.94
C ASP B 33 -5.65 22.83 -15.24
N VAL B 34 -6.05 21.80 -14.52
CA VAL B 34 -7.40 21.26 -14.66
C VAL B 34 -8.29 21.78 -13.53
N GLY A 1 -1.43 -4.11 -16.88
CA GLY A 1 -0.60 -3.58 -18.00
C GLY A 1 0.21 -2.38 -17.57
N PRO A 2 0.88 -1.71 -18.53
CA PRO A 2 1.71 -0.52 -18.25
C PRO A 2 0.98 0.50 -17.39
N HIS A 3 1.52 0.73 -16.18
CA HIS A 3 0.93 1.63 -15.19
C HIS A 3 -0.34 1.05 -14.57
N MET A 4 -1.23 0.55 -15.42
CA MET A 4 -2.50 0.00 -14.96
C MET A 4 -2.36 -1.46 -14.57
N ASP A 5 -1.71 -1.69 -13.45
CA ASP A 5 -1.67 -3.02 -12.83
C ASP A 5 -2.37 -2.95 -11.48
N ARG A 6 -3.27 -1.99 -11.36
CA ARG A 6 -3.93 -1.70 -10.11
C ARG A 6 -4.99 -2.74 -9.77
N VAL A 7 -5.35 -2.79 -8.49
CA VAL A 7 -6.36 -3.72 -8.02
C VAL A 7 -7.64 -2.95 -7.68
N SER A 8 -8.77 -3.66 -7.67
CA SER A 8 -10.07 -3.04 -7.45
C SER A 8 -10.16 -2.44 -6.05
N LEU A 9 -10.93 -1.36 -5.94
CA LEU A 9 -11.04 -0.59 -4.71
C LEU A 9 -11.77 -1.40 -3.65
N GLN A 10 -12.69 -2.26 -4.10
CA GLN A 10 -13.40 -3.15 -3.20
C GLN A 10 -12.44 -4.03 -2.43
N ASN A 11 -11.41 -4.51 -3.13
CA ASN A 11 -10.38 -5.35 -2.51
C ASN A 11 -9.61 -4.55 -1.47
N LEU A 12 -9.33 -3.29 -1.80
CA LEU A 12 -8.58 -2.41 -0.91
C LEU A 12 -9.39 -2.08 0.34
N LYS A 13 -10.70 -1.93 0.18
CA LYS A 13 -11.57 -1.58 1.29
C LYS A 13 -11.59 -2.63 2.39
N ASN A 14 -11.17 -3.85 2.06
CA ASN A 14 -11.12 -4.92 3.06
C ASN A 14 -9.88 -4.79 3.94
N LEU A 15 -8.90 -4.01 3.48
CA LEU A 15 -7.64 -3.86 4.19
C LEU A 15 -7.86 -3.25 5.57
N GLY A 16 -8.54 -2.11 5.59
CA GLY A 16 -8.74 -1.39 6.83
C GLY A 16 -9.57 -2.14 7.86
N GLU A 17 -10.38 -3.09 7.40
CA GLU A 17 -11.27 -3.81 8.31
C GLU A 17 -10.68 -5.14 8.75
N SER A 18 -9.65 -5.60 8.04
CA SER A 18 -8.98 -6.84 8.39
C SER A 18 -8.17 -6.66 9.66
N ALA A 19 -8.57 -7.38 10.72
CA ALA A 19 -7.97 -7.23 12.03
C ALA A 19 -6.47 -7.50 12.00
N THR A 20 -6.04 -8.34 11.09
CA THR A 20 -4.63 -8.69 10.99
C THR A 20 -3.81 -7.50 10.51
N LEU A 21 -4.27 -6.85 9.45
CA LEU A 21 -3.50 -5.81 8.80
C LEU A 21 -3.41 -4.58 9.69
N ARG A 22 -4.55 -4.16 10.23
CA ARG A 22 -4.59 -2.97 11.08
C ARG A 22 -3.70 -3.14 12.31
N SER A 23 -3.52 -4.39 12.76
CA SER A 23 -2.65 -4.66 13.90
C SER A 23 -1.20 -4.35 13.55
N LEU A 24 -0.87 -4.41 12.27
CA LEU A 24 0.47 -4.10 11.81
C LEU A 24 0.63 -2.59 11.69
N LEU A 25 -0.47 -1.93 11.33
CA LEU A 25 -0.50 -0.47 11.22
C LEU A 25 -0.34 0.17 12.59
N LEU A 26 -0.48 -0.65 13.62
CA LEU A 26 -0.32 -0.18 14.99
C LEU A 26 1.17 -0.04 15.32
N ASN A 27 2.01 -0.49 14.41
CA ASN A 27 3.45 -0.35 14.54
C ASN A 27 3.88 1.01 14.03
N PRO A 28 4.41 1.87 14.93
CA PRO A 28 4.78 3.25 14.63
C PRO A 28 5.75 3.38 13.45
N HIS A 29 6.66 2.42 13.33
CA HIS A 29 7.64 2.45 12.25
C HIS A 29 6.98 2.19 10.91
N LEU A 30 6.11 1.18 10.86
CA LEU A 30 5.42 0.83 9.63
C LEU A 30 4.57 1.99 9.15
N ARG A 31 3.95 2.67 10.10
CA ARG A 31 3.19 3.88 9.80
C ARG A 31 4.07 4.89 9.08
N GLN A 32 5.26 5.13 9.65
CA GLN A 32 6.19 6.08 9.08
C GLN A 32 6.67 5.66 7.70
N LEU A 33 6.61 4.38 7.40
CA LEU A 33 7.09 3.89 6.13
C LEU A 33 6.05 4.18 5.08
N MET A 34 4.85 3.73 5.37
CA MET A 34 3.74 3.86 4.47
C MET A 34 3.42 5.33 4.17
N VAL A 35 3.45 6.19 5.19
CA VAL A 35 3.16 7.60 4.99
C VAL A 35 4.31 8.31 4.27
N ASN A 36 5.52 7.81 4.46
CA ASN A 36 6.69 8.34 3.74
C ASN A 36 6.54 8.13 2.24
N LEU A 37 6.13 6.93 1.87
CA LEU A 37 5.93 6.56 0.48
C LEU A 37 4.95 7.50 -0.22
N ASP A 38 3.95 7.97 0.53
CA ASP A 38 2.95 8.90 -0.01
C ASP A 38 3.56 10.24 -0.39
N GLN A 39 4.60 10.65 0.35
CA GLN A 39 5.26 11.94 0.10
C GLN A 39 5.87 11.95 -1.30
N GLY A 40 6.23 10.77 -1.76
CA GLY A 40 6.68 10.60 -3.13
C GLY A 40 8.05 11.19 -3.42
N GLU A 41 8.83 11.43 -2.37
CA GLU A 41 10.17 11.96 -2.53
C GLU A 41 11.07 10.91 -3.15
N ASP A 42 11.15 9.75 -2.51
CA ASP A 42 11.98 8.67 -3.00
C ASP A 42 11.16 7.42 -3.20
N LYS A 43 9.97 7.60 -3.76
CA LYS A 43 9.04 6.50 -3.96
C LYS A 43 9.68 5.34 -4.72
N ALA A 44 10.61 5.65 -5.64
CA ALA A 44 11.23 4.62 -6.45
C ALA A 44 12.21 3.80 -5.64
N LYS A 45 12.94 4.49 -4.76
CA LYS A 45 13.94 3.85 -3.92
C LYS A 45 13.27 3.16 -2.73
N LEU A 46 12.24 3.82 -2.19
CA LEU A 46 11.51 3.29 -1.05
C LEU A 46 10.86 1.95 -1.38
N MET A 47 10.32 1.84 -2.59
CA MET A 47 9.69 0.58 -3.02
C MET A 47 10.62 -0.61 -2.83
N ARG A 48 11.91 -0.38 -3.03
CA ARG A 48 12.92 -1.43 -2.88
C ARG A 48 13.33 -1.54 -1.42
N ALA A 49 13.57 -0.38 -0.81
CA ALA A 49 14.04 -0.32 0.57
C ALA A 49 13.00 -0.87 1.54
N TYR A 50 11.73 -0.71 1.22
CA TYR A 50 10.66 -1.16 2.10
C TYR A 50 10.57 -2.67 2.08
N MET A 51 11.07 -3.27 1.01
CA MET A 51 11.01 -4.72 0.86
C MET A 51 12.20 -5.38 1.56
N GLN A 52 13.04 -4.59 2.20
CA GLN A 52 14.15 -5.14 2.98
C GLN A 52 13.78 -5.10 4.46
N GLU A 53 12.73 -4.35 4.77
CA GLU A 53 12.29 -4.18 6.14
C GLU A 53 11.26 -5.23 6.51
N PRO A 54 11.54 -6.07 7.51
CA PRO A 54 10.63 -7.14 7.95
C PRO A 54 9.32 -6.60 8.47
N LEU A 55 9.26 -5.31 8.72
CA LEU A 55 8.03 -4.68 9.18
C LEU A 55 7.11 -4.35 8.02
N PHE A 56 7.68 -4.02 6.86
CA PHE A 56 6.88 -3.63 5.71
C PHE A 56 6.53 -4.85 4.87
N VAL A 57 7.46 -5.80 4.82
CA VAL A 57 7.24 -7.04 4.09
C VAL A 57 6.01 -7.78 4.59
N GLU A 58 5.88 -7.88 5.91
CA GLU A 58 4.73 -8.50 6.54
C GLU A 58 3.46 -7.72 6.20
N PHE A 59 3.56 -6.40 6.28
CA PHE A 59 2.46 -5.52 5.91
C PHE A 59 2.02 -5.83 4.49
N ALA A 60 3.00 -5.89 3.59
CA ALA A 60 2.75 -6.19 2.20
C ALA A 60 2.17 -7.59 2.04
N ASP A 61 2.80 -8.56 2.69
CA ASP A 61 2.38 -9.95 2.56
C ASP A 61 0.96 -10.14 3.04
N CYS A 62 0.59 -9.37 4.05
CA CYS A 62 -0.72 -9.46 4.65
C CYS A 62 -1.78 -8.81 3.78
N CYS A 63 -1.46 -7.66 3.20
CA CYS A 63 -2.42 -6.92 2.39
C CYS A 63 -2.64 -7.63 1.06
N LEU A 64 -1.61 -8.31 0.58
CA LEU A 64 -1.70 -9.04 -0.69
C LEU A 64 -2.78 -10.11 -0.61
N GLY A 65 -2.81 -10.84 0.51
CA GLY A 65 -3.79 -11.90 0.68
C GLY A 65 -5.21 -11.38 0.75
N ILE A 66 -5.34 -10.10 1.07
CA ILE A 66 -6.65 -9.48 1.20
C ILE A 66 -7.11 -8.92 -0.15
N VAL A 67 -6.16 -8.52 -0.98
CA VAL A 67 -6.49 -7.91 -2.26
C VAL A 67 -6.32 -8.89 -3.43
N GLU A 68 -6.08 -10.15 -3.10
CA GLU A 68 -5.98 -11.19 -4.14
C GLU A 68 -7.25 -11.24 -4.97
N PRO A 69 -7.14 -10.97 -6.28
CA PRO A 69 -8.28 -10.97 -7.19
C PRO A 69 -8.75 -12.39 -7.53
N SER A 70 -7.97 -13.36 -7.07
CA SER A 70 -8.24 -14.78 -7.28
C SER A 70 -8.07 -15.14 -8.76
N GLN A 71 -6.83 -15.38 -9.15
CA GLN A 71 -6.51 -15.74 -10.53
C GLN A 71 -6.69 -17.24 -10.75
N ASN A 72 -7.58 -17.83 -9.98
CA ASN A 72 -7.92 -19.24 -10.12
C ASN A 72 -9.42 -19.40 -10.16
N GLU A 73 -9.91 -20.12 -11.15
CA GLU A 73 -11.34 -20.28 -11.36
C GLU A 73 -11.98 -21.06 -10.22
N GLU A 74 -13.20 -20.68 -9.88
CA GLU A 74 -13.93 -21.30 -8.79
C GLU A 74 -15.41 -20.99 -8.95
N SER A 75 -16.26 -21.80 -8.33
CA SER A 75 -17.69 -21.56 -8.35
C SER A 75 -18.02 -20.25 -7.64
N ASP B 1 3.55 -11.90 -9.78
CA ASP B 1 4.59 -10.96 -10.24
C ASP B 1 4.82 -9.87 -9.21
N ILE B 2 6.07 -9.70 -8.81
CA ILE B 2 6.43 -8.79 -7.72
C ILE B 2 6.23 -7.33 -8.14
N ARG B 3 6.43 -7.04 -9.42
CA ARG B 3 6.17 -5.70 -9.95
C ARG B 3 4.71 -5.33 -9.70
N HIS B 4 3.83 -6.29 -9.93
CA HIS B 4 2.40 -6.12 -9.69
C HIS B 4 2.15 -5.94 -8.20
N GLU B 5 2.75 -6.81 -7.41
CA GLU B 5 2.57 -6.80 -5.96
C GLU B 5 2.92 -5.42 -5.38
N ARG B 6 4.09 -4.91 -5.74
CA ARG B 6 4.56 -3.63 -5.20
C ARG B 6 3.66 -2.48 -5.66
N ASN B 7 3.12 -2.57 -6.87
CA ASN B 7 2.24 -1.53 -7.37
C ASN B 7 0.90 -1.64 -6.65
N VAL B 8 0.54 -2.87 -6.30
CA VAL B 8 -0.65 -3.14 -5.52
C VAL B 8 -0.49 -2.55 -4.11
N ILE B 9 0.72 -2.60 -3.58
CA ILE B 9 1.02 -2.01 -2.28
C ILE B 9 0.76 -0.51 -2.32
N LEU B 10 1.05 0.11 -3.46
CA LEU B 10 0.78 1.53 -3.65
C LEU B 10 -0.69 1.82 -3.40
N GLN B 11 -1.56 1.03 -4.02
CA GLN B 11 -3.00 1.16 -3.84
C GLN B 11 -3.39 0.99 -2.37
N CYS B 12 -2.75 0.04 -1.71
CA CYS B 12 -3.01 -0.21 -0.29
C CYS B 12 -2.65 1.03 0.53
N VAL B 13 -1.41 1.47 0.38
CA VAL B 13 -0.90 2.67 1.05
C VAL B 13 -1.83 3.87 0.81
N ARG B 14 -2.16 4.11 -0.45
CA ARG B 14 -2.96 5.28 -0.83
C ARG B 14 -4.36 5.21 -0.23
N TYR B 15 -4.93 4.01 -0.21
CA TYR B 15 -6.25 3.82 0.34
C TYR B 15 -6.24 4.05 1.85
N ILE B 16 -5.26 3.46 2.52
CA ILE B 16 -5.18 3.52 3.97
C ILE B 16 -5.00 4.95 4.47
N ILE B 17 -3.90 5.58 4.06
CA ILE B 17 -3.60 6.94 4.50
C ILE B 17 -4.76 7.89 4.24
N LYS B 18 -5.55 7.57 3.22
CA LYS B 18 -6.59 8.46 2.77
C LYS B 18 -7.81 8.43 3.68
N LYS B 19 -8.09 7.30 4.29
CA LYS B 19 -9.25 7.20 5.17
C LYS B 19 -8.84 6.95 6.62
N ASP B 20 -7.60 6.53 6.83
CA ASP B 20 -7.13 6.22 8.18
C ASP B 20 -6.49 7.42 8.85
N PHE B 21 -5.44 7.94 8.24
CA PHE B 21 -4.60 8.93 8.89
C PHE B 21 -4.92 10.36 8.46
N PHE B 22 -4.23 10.82 7.43
CA PHE B 22 -4.28 12.24 7.06
C PHE B 22 -5.39 12.50 6.04
N GLY B 23 -5.59 11.53 5.15
CA GLY B 23 -6.58 11.70 4.12
C GLY B 23 -6.00 12.25 2.84
N LEU B 24 -4.68 12.36 2.82
CA LEU B 24 -3.97 12.90 1.67
C LEU B 24 -3.70 11.83 0.64
N ASP B 25 -3.40 12.27 -0.57
CA ASP B 25 -3.09 11.37 -1.67
C ASP B 25 -2.67 12.18 -2.88
N THR B 26 -3.43 13.22 -3.12
CA THR B 26 -3.19 14.11 -4.25
C THR B 26 -2.54 15.41 -3.78
N ASN B 27 -1.80 15.32 -2.69
CA ASN B 27 -1.27 16.50 -2.04
C ASN B 27 0.25 16.50 -2.06
N SER B 28 0.80 17.38 -2.89
CA SER B 28 2.25 17.51 -3.00
C SER B 28 2.61 18.93 -3.45
N ALA B 29 3.02 19.74 -2.49
CA ALA B 29 3.40 21.11 -2.75
C ALA B 29 4.62 21.50 -1.91
N LYS B 30 5.64 20.68 -2.00
CA LYS B 30 6.85 20.86 -1.21
C LYS B 30 8.07 21.04 -2.10
N SER B 31 7.84 21.39 -3.36
CA SER B 31 8.93 21.59 -4.30
C SER B 31 8.84 22.98 -4.91
N LYS B 32 9.98 23.64 -5.02
CA LYS B 32 10.02 24.98 -5.60
C LYS B 32 10.45 24.91 -7.05
N ASP B 33 10.47 23.70 -7.58
CA ASP B 33 10.82 23.47 -8.98
C ASP B 33 9.56 23.30 -9.81
N VAL B 34 8.45 23.03 -9.13
CA VAL B 34 7.18 22.82 -9.79
C VAL B 34 6.24 23.98 -9.47
#